data_6WR9
# 
_entry.id   6WR9 
# 
_audit_conform.dict_name       mmcif_pdbx.dic 
_audit_conform.dict_version    5.380 
_audit_conform.dict_location   http://mmcif.pdb.org/dictionaries/ascii/mmcif_pdbx.dic 
# 
loop_
_database_2.database_id 
_database_2.database_code 
_database_2.pdbx_database_accession 
_database_2.pdbx_DOI 
PDB   6WR9         pdb_00006wr9 10.2210/pdb6wr9/pdb 
WWPDB D_1000248857 ?            ?                   
# 
_pdbx_database_status.status_code                     REL 
_pdbx_database_status.status_code_sf                  REL 
_pdbx_database_status.status_code_mr                  ? 
_pdbx_database_status.entry_id                        6WR9 
_pdbx_database_status.recvd_initial_deposition_date   2020-04-29 
_pdbx_database_status.SG_entry                        N 
_pdbx_database_status.deposit_site                    RCSB 
_pdbx_database_status.process_site                    RCSB 
_pdbx_database_status.status_code_cs                  ? 
_pdbx_database_status.status_code_nmr_data            ? 
_pdbx_database_status.methods_development_category    ? 
_pdbx_database_status.pdb_format_compatible           Y 
# 
loop_
_audit_author.name 
_audit_author.pdbx_ordinal 
_audit_author.identifier_ORCID 
'Simmons, C.R.'      1 0000-0002-2290-6132 
'MacCulloch, T.'     2 0000-0001-5875-3361 
'Stephanopoulos, N.' 3 0000-0001-7859-410X 
'Yan, H.'            4 0000-0001-7397-9852 
# 
_citation.abstract                  ? 
_citation.abstract_id_CAS           ? 
_citation.book_id_ISBN              ? 
_citation.book_publisher            ? 
_citation.book_publisher_city       ? 
_citation.book_title                ? 
_citation.coordinate_linkage        ? 
_citation.country                   UK 
_citation.database_id_Medline       ? 
_citation.details                   ? 
_citation.id                        primary 
_citation.journal_abbrev            'Nat Commun' 
_citation.journal_id_ASTM           ? 
_citation.journal_id_CSD            ? 
_citation.journal_id_ISSN           2041-1723 
_citation.journal_full              ? 
_citation.journal_issue             ? 
_citation.journal_volume            13 
_citation.language                  ? 
_citation.page_first                3112 
_citation.page_last                 3112 
_citation.title                     'The influence of Holliday junction sequence and dynamics on DNA crystal self-assembly.' 
_citation.year                      2022 
_citation.database_id_CSD           ? 
_citation.pdbx_database_id_DOI      10.1038/s41467-022-30779-6 
_citation.pdbx_database_id_PubMed   35662248 
_citation.unpublished_flag          ? 
# 
loop_
_citation_author.citation_id 
_citation_author.name 
_citation_author.ordinal 
_citation_author.identifier_ORCID 
primary 'Simmons, C.R.'      1  ?                   
primary 'MacCulloch, T.'     2  ?                   
primary 'Krepl, M.'          3  0000-0002-9833-4281 
primary 'Matthies, M.'       4  ?                   
primary 'Buchberger, A.'     5  ?                   
primary 'Crawford, I.'       6  ?                   
primary 'Sponer, J.'         7  0000-0001-6558-6186 
primary 'Sulc, P.'           8  0000-0003-1565-6769 
primary 'Stephanopoulos, N.' 9  0000-0001-7859-410X 
primary 'Yan, H.'            10 0000-0001-7397-9852 
# 
_cell.angle_alpha                  90.000 
_cell.angle_alpha_esd              ? 
_cell.angle_beta                   90.000 
_cell.angle_beta_esd               ? 
_cell.angle_gamma                  120.000 
_cell.angle_gamma_esd              ? 
_cell.entry_id                     6WR9 
_cell.details                      ? 
_cell.formula_units_Z              ? 
_cell.length_a                     68.988 
_cell.length_a_esd                 ? 
_cell.length_b                     68.988 
_cell.length_b_esd                 ? 
_cell.length_c                     60.793 
_cell.length_c_esd                 ? 
_cell.volume                       ? 
_cell.volume_esd                   ? 
_cell.Z_PDB                        3 
_cell.reciprocal_angle_alpha       ? 
_cell.reciprocal_angle_beta        ? 
_cell.reciprocal_angle_gamma       ? 
_cell.reciprocal_angle_alpha_esd   ? 
_cell.reciprocal_angle_beta_esd    ? 
_cell.reciprocal_angle_gamma_esd   ? 
_cell.reciprocal_length_a          ? 
_cell.reciprocal_length_b          ? 
_cell.reciprocal_length_c          ? 
_cell.reciprocal_length_a_esd      ? 
_cell.reciprocal_length_b_esd      ? 
_cell.reciprocal_length_c_esd      ? 
_cell.pdbx_unique_axis             ? 
# 
_symmetry.entry_id                         6WR9 
_symmetry.cell_setting                     ? 
_symmetry.Int_Tables_number                145 
_symmetry.space_group_name_Hall            ? 
_symmetry.space_group_name_H-M             'P 32' 
_symmetry.pdbx_full_space_group_name_H-M   ? 
# 
loop_
_entity.id 
_entity.type 
_entity.src_method 
_entity.pdbx_description 
_entity.formula_weight 
_entity.pdbx_number_of_molecules 
_entity.pdbx_ec 
_entity.pdbx_mutation 
_entity.pdbx_fragment 
_entity.details 
1 polymer     syn 
;DNA (5'-D(*GP*AP*GP*CP*AP*GP*AP*CP*TP*AP*GP*AP*CP*AP*CP*CP*AP*CP*TP*CP*A)-3')
;
6410.177 1 ? ? ? ? 
2 polymer     syn 
;DNA (5'-D(P*TP*GP*TP*CP*T)-3')
;
1486.009 1 ? ? ? ? 
3 polymer     syn 
;DNA (5'-D(*TP*CP*TP*GP*AP*GP*TP*GP*G)-3')
;
2786.833 1 ? ? ? ? 
4 polymer     syn 
;DNA (5'-D(P*AP*GP*TP*CP*TP*GP*C)-3')
;
2113.410 1 ? ? ? ? 
5 non-polymer syn 'MAGNESIUM ION'                                                                 24.305   1 ? ? ? ? 
6 non-polymer syn 'CACODYLATE ION'                                                                136.989  2 ? ? ? ? 
# 
loop_
_entity_poly.entity_id 
_entity_poly.type 
_entity_poly.nstd_linkage 
_entity_poly.nstd_monomer 
_entity_poly.pdbx_seq_one_letter_code 
_entity_poly.pdbx_seq_one_letter_code_can 
_entity_poly.pdbx_strand_id 
_entity_poly.pdbx_target_identifier 
1 polydeoxyribonucleotide no no 
;(DG)(DA)(DG)(DC)(DA)(DG)(DA)(DC)(DT)(DA)(DG)(DA)(DC)(DA)(DC)(DC)(DA)(DC)(DT)(DC)
(DA)
;
GAGCAGACTAGACACCACTCA A ? 
2 polydeoxyribonucleotide no no '(DT)(DG)(DT)(DC)(DT)'                                                                  TGTCT B ? 
3 polydeoxyribonucleotide no no '(DT)(DC)(DT)(DG)(DA)(DG)(DT)(DG)(DG)'                                                  TCTGAGTGG 
C ? 
4 polydeoxyribonucleotide no no '(DA)(DG)(DT)(DC)(DT)(DG)(DC)'                                                          AGTCTGC D 
? 
# 
loop_
_entity_poly_seq.entity_id 
_entity_poly_seq.num 
_entity_poly_seq.mon_id 
_entity_poly_seq.hetero 
1 1  DG n 
1 2  DA n 
1 3  DG n 
1 4  DC n 
1 5  DA n 
1 6  DG n 
1 7  DA n 
1 8  DC n 
1 9  DT n 
1 10 DA n 
1 11 DG n 
1 12 DA n 
1 13 DC n 
1 14 DA n 
1 15 DC n 
1 16 DC n 
1 17 DA n 
1 18 DC n 
1 19 DT n 
1 20 DC n 
1 21 DA n 
2 1  DT n 
2 2  DG n 
2 3  DT n 
2 4  DC n 
2 5  DT n 
3 1  DT n 
3 2  DC n 
3 3  DT n 
3 4  DG n 
3 5  DA n 
3 6  DG n 
3 7  DT n 
3 8  DG n 
3 9  DG n 
4 1  DA n 
4 2  DG n 
4 3  DT n 
4 4  DC n 
4 5  DT n 
4 6  DG n 
4 7  DC n 
# 
loop_
_pdbx_entity_src_syn.entity_id 
_pdbx_entity_src_syn.pdbx_src_id 
_pdbx_entity_src_syn.pdbx_alt_source_flag 
_pdbx_entity_src_syn.pdbx_beg_seq_num 
_pdbx_entity_src_syn.pdbx_end_seq_num 
_pdbx_entity_src_syn.organism_scientific 
_pdbx_entity_src_syn.organism_common_name 
_pdbx_entity_src_syn.ncbi_taxonomy_id 
_pdbx_entity_src_syn.details 
1 1 sample 1 21 'synthetic construct' ? 32630 ? 
2 1 sample 1 5  'synthetic construct' ? 32630 ? 
3 1 sample 1 9  'synthetic construct' ? 32630 ? 
4 1 sample 1 7  'synthetic construct' ? 32630 ? 
# 
loop_
_struct_ref.id 
_struct_ref.db_name 
_struct_ref.db_code 
_struct_ref.pdbx_db_accession 
_struct_ref.pdbx_db_isoform 
_struct_ref.entity_id 
_struct_ref.pdbx_seq_one_letter_code 
_struct_ref.pdbx_align_begin 
1 PDB 6WR9 6WR9 ? 1 ? 1 
2 PDB 6WR9 6WR9 ? 2 ? 1 
3 PDB 6WR9 6WR9 ? 3 ? 1 
4 PDB 6WR9 6WR9 ? 4 ? 1 
# 
loop_
_struct_ref_seq.align_id 
_struct_ref_seq.ref_id 
_struct_ref_seq.pdbx_PDB_id_code 
_struct_ref_seq.pdbx_strand_id 
_struct_ref_seq.seq_align_beg 
_struct_ref_seq.pdbx_seq_align_beg_ins_code 
_struct_ref_seq.seq_align_end 
_struct_ref_seq.pdbx_seq_align_end_ins_code 
_struct_ref_seq.pdbx_db_accession 
_struct_ref_seq.db_align_beg 
_struct_ref_seq.pdbx_db_align_beg_ins_code 
_struct_ref_seq.db_align_end 
_struct_ref_seq.pdbx_db_align_end_ins_code 
_struct_ref_seq.pdbx_auth_seq_align_beg 
_struct_ref_seq.pdbx_auth_seq_align_end 
1 1 6WR9 A 1 ? 21 ? 6WR9 1  ? 21 ? 1  21 
2 2 6WR9 B 1 ? 5  ? 6WR9 1  ? 5  ? 1  5  
3 3 6WR9 C 1 ? 9  ? 6WR9 1  ? 9  ? 1  9  
4 4 6WR9 D 1 ? 7  ? 6WR9 10 ? 16 ? 10 16 
# 
loop_
_chem_comp.id 
_chem_comp.type 
_chem_comp.mon_nstd_flag 
_chem_comp.name 
_chem_comp.pdbx_synonyms 
_chem_comp.formula 
_chem_comp.formula_weight 
CAC non-polymer   . 'CACODYLATE ION'                     dimethylarsinate 'C2 H6 As O2 -1'  136.989 
DA  'DNA linking' y "2'-DEOXYADENOSINE-5'-MONOPHOSPHATE" ?                'C10 H14 N5 O6 P' 331.222 
DC  'DNA linking' y "2'-DEOXYCYTIDINE-5'-MONOPHOSPHATE"  ?                'C9 H14 N3 O7 P'  307.197 
DG  'DNA linking' y "2'-DEOXYGUANOSINE-5'-MONOPHOSPHATE" ?                'C10 H14 N5 O7 P' 347.221 
DT  'DNA linking' y "THYMIDINE-5'-MONOPHOSPHATE"         ?                'C10 H15 N2 O8 P' 322.208 
MG  non-polymer   . 'MAGNESIUM ION'                      ?                'Mg 2'            24.305  
# 
_exptl.absorpt_coefficient_mu     ? 
_exptl.absorpt_correction_T_max   ? 
_exptl.absorpt_correction_T_min   ? 
_exptl.absorpt_correction_type    ? 
_exptl.absorpt_process_details    ? 
_exptl.entry_id                   6WR9 
_exptl.crystals_number            1 
_exptl.details                    ? 
_exptl.method                     'X-RAY DIFFRACTION' 
_exptl.method_details             ? 
# 
_exptl_crystal.colour                      ? 
_exptl_crystal.density_diffrn              ? 
_exptl_crystal.density_Matthews            6.53 
_exptl_crystal.density_method              ? 
_exptl_crystal.density_percent_sol         81.16 
_exptl_crystal.description                 ? 
_exptl_crystal.F_000                       ? 
_exptl_crystal.id                          1 
_exptl_crystal.preparation                 ? 
_exptl_crystal.size_max                    ? 
_exptl_crystal.size_mid                    ? 
_exptl_crystal.size_min                    ? 
_exptl_crystal.size_rad                    ? 
_exptl_crystal.colour_lustre               ? 
_exptl_crystal.colour_modifier             ? 
_exptl_crystal.colour_primary              ? 
_exptl_crystal.density_meas                ? 
_exptl_crystal.density_meas_esd            ? 
_exptl_crystal.density_meas_gt             ? 
_exptl_crystal.density_meas_lt             ? 
_exptl_crystal.density_meas_temp           ? 
_exptl_crystal.density_meas_temp_esd       ? 
_exptl_crystal.density_meas_temp_gt        ? 
_exptl_crystal.density_meas_temp_lt        ? 
_exptl_crystal.pdbx_crystal_image_url      ? 
_exptl_crystal.pdbx_crystal_image_format   ? 
_exptl_crystal.pdbx_mosaicity              ? 
_exptl_crystal.pdbx_mosaicity_esd          ? 
# 
_exptl_crystal_grow.apparatus       ? 
_exptl_crystal_grow.atmosphere      ? 
_exptl_crystal_grow.crystal_id      1 
_exptl_crystal_grow.details         ? 
_exptl_crystal_grow.method          'VAPOR DIFFUSION, SITTING DROP' 
_exptl_crystal_grow.method_ref      ? 
_exptl_crystal_grow.pH              ? 
_exptl_crystal_grow.pressure        ? 
_exptl_crystal_grow.pressure_esd    ? 
_exptl_crystal_grow.seeding         ? 
_exptl_crystal_grow.seeding_ref     ? 
_exptl_crystal_grow.temp            298 
_exptl_crystal_grow.temp_details    'temperature gradient generated from 60 to 25 C at 0.3 degrees per hour' 
_exptl_crystal_grow.temp_esd        ? 
_exptl_crystal_grow.time            ? 
_exptl_crystal_grow.pdbx_details    
;0.5 mL of 0.05 M Cacodylate pH 7.0 with 20 mM MgCl2, 1.0 mM spermine, 1.0 mM CoH18N6, and 15% Ethanol  was added to the reservoir with 2 uL added to the drop containing 4 uL of DNA stock
;
_exptl_crystal_grow.pdbx_pH_range   ? 
# 
_diffrn.ambient_environment              ? 
_diffrn.ambient_temp                     100 
_diffrn.ambient_temp_details             ? 
_diffrn.ambient_temp_esd                 ? 
_diffrn.crystal_id                       1 
_diffrn.crystal_support                  ? 
_diffrn.crystal_treatment                ? 
_diffrn.details                          ? 
_diffrn.id                               1 
_diffrn.ambient_pressure                 ? 
_diffrn.ambient_pressure_esd             ? 
_diffrn.ambient_pressure_gt              ? 
_diffrn.ambient_pressure_lt              ? 
_diffrn.ambient_temp_gt                  ? 
_diffrn.ambient_temp_lt                  ? 
_diffrn.pdbx_serial_crystal_experiment   N 
# 
_diffrn_detector.details                      ? 
_diffrn_detector.detector                     PIXEL 
_diffrn_detector.diffrn_id                    1 
_diffrn_detector.type                         'DECTRIS PILATUS3 6M' 
_diffrn_detector.area_resol_mean              ? 
_diffrn_detector.dtime                        ? 
_diffrn_detector.pdbx_frames_total            ? 
_diffrn_detector.pdbx_collection_time_total   ? 
_diffrn_detector.pdbx_collection_date         2018-04-15 
_diffrn_detector.pdbx_frequency               ? 
# 
_diffrn_radiation.collimation                      ? 
_diffrn_radiation.diffrn_id                        1 
_diffrn_radiation.filter_edge                      ? 
_diffrn_radiation.inhomogeneity                    ? 
_diffrn_radiation.monochromator                    ? 
_diffrn_radiation.polarisn_norm                    ? 
_diffrn_radiation.polarisn_ratio                   ? 
_diffrn_radiation.probe                            ? 
_diffrn_radiation.type                             ? 
_diffrn_radiation.xray_symbol                      ? 
_diffrn_radiation.wavelength_id                    1 
_diffrn_radiation.pdbx_monochromatic_or_laue_m_l   M 
_diffrn_radiation.pdbx_wavelength_list             ? 
_diffrn_radiation.pdbx_wavelength                  ? 
_diffrn_radiation.pdbx_diffrn_protocol             'SINGLE WAVELENGTH' 
_diffrn_radiation.pdbx_analyzer                    ? 
_diffrn_radiation.pdbx_scattering_type             x-ray 
# 
_diffrn_radiation_wavelength.id           1 
_diffrn_radiation_wavelength.wavelength   1 
_diffrn_radiation_wavelength.wt           1.0 
# 
_diffrn_source.current                     ? 
_diffrn_source.details                     ? 
_diffrn_source.diffrn_id                   1 
_diffrn_source.power                       ? 
_diffrn_source.size                        ? 
_diffrn_source.source                      SYNCHROTRON 
_diffrn_source.target                      ? 
_diffrn_source.type                        'ALS BEAMLINE 5.0.2' 
_diffrn_source.voltage                     ? 
_diffrn_source.take-off_angle              ? 
_diffrn_source.pdbx_wavelength_list        1 
_diffrn_source.pdbx_wavelength             ? 
_diffrn_source.pdbx_synchrotron_beamline   5.0.2 
_diffrn_source.pdbx_synchrotron_site       ALS 
# 
_reflns.B_iso_Wilson_estimate            62.070 
_reflns.entry_id                         6WR9 
_reflns.data_reduction_details           ? 
_reflns.data_reduction_method            ? 
_reflns.d_resolution_high                3.050 
_reflns.d_resolution_low                 50.000 
_reflns.details                          ? 
_reflns.limit_h_max                      ? 
_reflns.limit_h_min                      ? 
_reflns.limit_k_max                      ? 
_reflns.limit_k_min                      ? 
_reflns.limit_l_max                      ? 
_reflns.limit_l_min                      ? 
_reflns.number_all                       ? 
_reflns.number_obs                       5625 
_reflns.observed_criterion               ? 
_reflns.observed_criterion_F_max         ? 
_reflns.observed_criterion_F_min         ? 
_reflns.observed_criterion_I_max         ? 
_reflns.observed_criterion_I_min         ? 
_reflns.observed_criterion_sigma_F       ? 
_reflns.observed_criterion_sigma_I       ? 
_reflns.percent_possible_obs             93.400 
_reflns.R_free_details                   ? 
_reflns.Rmerge_F_all                     ? 
_reflns.Rmerge_F_obs                     ? 
_reflns.Friedel_coverage                 ? 
_reflns.number_gt                        ? 
_reflns.threshold_expression             ? 
_reflns.pdbx_redundancy                  9.200 
_reflns.pdbx_Rmerge_I_obs                0.070 
_reflns.pdbx_Rmerge_I_all                ? 
_reflns.pdbx_Rsym_value                  ? 
_reflns.pdbx_netI_over_av_sigmaI         ? 
_reflns.pdbx_netI_over_sigmaI            6.100 
_reflns.pdbx_res_netI_over_av_sigmaI_2   ? 
_reflns.pdbx_res_netI_over_sigmaI_2      ? 
_reflns.pdbx_chi_squared                 0.715 
_reflns.pdbx_scaling_rejects             ? 
_reflns.pdbx_d_res_high_opt              ? 
_reflns.pdbx_d_res_low_opt               ? 
_reflns.pdbx_d_res_opt_method            ? 
_reflns.phase_calculation_details        ? 
_reflns.pdbx_Rrim_I_all                  0.074 
_reflns.pdbx_Rpim_I_all                  0.023 
_reflns.pdbx_d_opt                       ? 
_reflns.pdbx_number_measured_all         ? 
_reflns.pdbx_diffrn_id                   1 
_reflns.pdbx_ordinal                     1 
_reflns.pdbx_CC_half                     1.0 
_reflns.pdbx_CC_star                     ? 
_reflns.pdbx_R_split                     ? 
# 
loop_
_reflns_shell.d_res_high 
_reflns_shell.d_res_low 
_reflns_shell.meanI_over_sigI_all 
_reflns_shell.meanI_over_sigI_obs 
_reflns_shell.number_measured_all 
_reflns_shell.number_measured_obs 
_reflns_shell.number_possible 
_reflns_shell.number_unique_all 
_reflns_shell.number_unique_obs 
_reflns_shell.percent_possible_all 
_reflns_shell.percent_possible_obs 
_reflns_shell.Rmerge_F_all 
_reflns_shell.Rmerge_F_obs 
_reflns_shell.Rmerge_I_all 
_reflns_shell.Rmerge_I_obs 
_reflns_shell.meanI_over_sigI_gt 
_reflns_shell.meanI_over_uI_all 
_reflns_shell.meanI_over_uI_gt 
_reflns_shell.number_measured_gt 
_reflns_shell.number_unique_gt 
_reflns_shell.percent_possible_gt 
_reflns_shell.Rmerge_F_gt 
_reflns_shell.Rmerge_I_gt 
_reflns_shell.pdbx_redundancy 
_reflns_shell.pdbx_Rsym_value 
_reflns_shell.pdbx_chi_squared 
_reflns_shell.pdbx_netI_over_sigmaI_all 
_reflns_shell.pdbx_netI_over_sigmaI_obs 
_reflns_shell.pdbx_Rrim_I_all 
_reflns_shell.pdbx_Rpim_I_all 
_reflns_shell.pdbx_rejects 
_reflns_shell.pdbx_ordinal 
_reflns_shell.pdbx_diffrn_id 
_reflns_shell.pdbx_CC_half 
_reflns_shell.pdbx_CC_star 
_reflns_shell.pdbx_R_split 
3.050 3.100  ? ? ? ? ? ? 220 72.800  ? ? ? ? 0.470 ? ? ? ? ? ? ? ? 6.300  ? 0.493 ? ? 0.504 0.177 ? 1  1 0.953 ? ? 
3.100 3.160  ? ? ? ? ? ? 217 72.100  ? ? ? ? 0.320 ? ? ? ? ? ? ? ? 6.200  ? 0.493 ? ? 0.345 0.122 ? 2  1 0.963 ? ? 
3.160 3.220  ? ? ? ? ? ? 241 84.300  ? ? ? ? 0.151 ? ? ? ? ? ? ? ? 7.000  ? 0.656 ? ? 0.160 0.054 ? 3  1 0.996 ? ? 
3.220 3.290  ? ? ? ? ? ? 249 81.900  ? ? ? ? 0.111 ? ? ? ? ? ? ? ? 7.400  ? 0.969 ? ? 0.117 0.036 ? 4  1 0.998 ? ? 
3.290 3.360  ? ? ? ? ? ? 282 88.100  ? ? ? ? 0.195 ? ? ? ? ? ? ? ? 7.700  ? 0.592 ? ? 0.207 0.067 ? 5  1 0.992 ? ? 
3.360 3.430  ? ? ? ? ? ? 266 92.000  ? ? ? ? 0.160 ? ? ? ? ? ? ? ? 8.000  ? 1.041 ? ? 0.170 0.056 ? 6  1 0.986 ? ? 
3.430 3.520  ? ? ? ? ? ? 271 91.200  ? ? ? ? 0.241 ? ? ? ? ? ? ? ? 8.200  ? 0.527 ? ? 0.255 0.083 ? 7  1 0.990 ? ? 
3.520 3.620  ? ? ? ? ? ? 290 95.100  ? ? ? ? 0.212 ? ? ? ? ? ? ? ? 8.700  ? 0.526 ? ? 0.225 0.072 ? 8  1 0.993 ? ? 
3.620 3.720  ? ? ? ? ? ? 274 92.900  ? ? ? ? 0.370 ? ? ? ? ? ? ? ? 8.600  ? 0.794 ? ? 0.394 0.131 ? 9  1 0.955 ? ? 
3.720 3.840  ? ? ? ? ? ? 301 98.400  ? ? ? ? 0.224 ? ? ? ? ? ? ? ? 9.000  ? 0.492 ? ? 0.237 0.078 ? 10 1 0.994 ? ? 
3.840 3.980  ? ? ? ? ? ? 309 100.000 ? ? ? ? 0.199 ? ? ? ? ? ? ? ? 9.400  ? 0.748 ? ? 0.210 0.067 ? 11 1 0.995 ? ? 
3.980 4.140  ? ? ? ? ? ? 291 100.000 ? ? ? ? 0.179 ? ? ? ? ? ? ? ? 10.400 ? 0.556 ? ? 0.189 0.058 ? 12 1 0.994 ? ? 
4.140 4.330  ? ? ? ? ? ? 315 100.000 ? ? ? ? 0.157 ? ? ? ? ? ? ? ? 10.600 ? 0.538 ? ? 0.165 0.051 ? 13 1 0.995 ? ? 
4.330 4.560  ? ? ? ? ? ? 310 100.000 ? ? ? ? 0.146 ? ? ? ? ? ? ? ? 10.600 ? 0.537 ? ? 0.153 0.047 ? 14 1 0.995 ? ? 
4.560 4.840  ? ? ? ? ? ? 282 100.000 ? ? ? ? 0.118 ? ? ? ? ? ? ? ? 10.500 ? 0.625 ? ? 0.124 0.038 ? 15 1 0.996 ? ? 
4.840 5.210  ? ? ? ? ? ? 293 100.000 ? ? ? ? 0.080 ? ? ? ? ? ? ? ? 10.200 ? 0.663 ? ? 0.084 0.026 ? 16 1 0.998 ? ? 
5.210 5.740  ? ? ? ? ? ? 309 100.000 ? ? ? ? 0.062 ? ? ? ? ? ? ? ? 10.800 ? 0.787 ? ? 0.065 0.020 ? 17 1 0.997 ? ? 
5.740 6.570  ? ? ? ? ? ? 304 100.000 ? ? ? ? 0.061 ? ? ? ? ? ? ? ? 10.800 ? 0.782 ? ? 0.064 0.019 ? 18 1 0.999 ? ? 
6.570 8.270  ? ? ? ? ? ? 305 100.000 ? ? ? ? 0.047 ? ? ? ? ? ? ? ? 10.200 ? 0.992 ? ? 0.049 0.015 ? 19 1 0.999 ? ? 
8.270 50.000 ? ? ? ? ? ? 296 99.300  ? ? ? ? 0.040 ? ? ? ? ? ? ? ? 10.400 ? 1.290 ? ? 0.042 0.014 ? 20 1 0.999 ? ? 
# 
_refine.aniso_B[1][1]                            ? 
_refine.aniso_B[1][2]                            ? 
_refine.aniso_B[1][3]                            ? 
_refine.aniso_B[2][2]                            ? 
_refine.aniso_B[2][3]                            ? 
_refine.aniso_B[3][3]                            ? 
_refine.B_iso_max                                172.760 
_refine.B_iso_mean                               110.8124 
_refine.B_iso_min                                55.050 
_refine.correlation_coeff_Fo_to_Fc               ? 
_refine.correlation_coeff_Fo_to_Fc_free          ? 
_refine.details                                  ? 
_refine.diff_density_max                         ? 
_refine.diff_density_max_esd                     ? 
_refine.diff_density_min                         ? 
_refine.diff_density_min_esd                     ? 
_refine.diff_density_rms                         ? 
_refine.diff_density_rms_esd                     ? 
_refine.entry_id                                 6WR9 
_refine.pdbx_refine_id                           'X-RAY DIFFRACTION' 
_refine.ls_abs_structure_details                 ? 
_refine.ls_abs_structure_Flack                   ? 
_refine.ls_abs_structure_Flack_esd               ? 
_refine.ls_abs_structure_Rogers                  ? 
_refine.ls_abs_structure_Rogers_esd              ? 
_refine.ls_d_res_high                            3.0710 
_refine.ls_d_res_low                             34.4940 
_refine.ls_extinction_coef                       ? 
_refine.ls_extinction_coef_esd                   ? 
_refine.ls_extinction_expression                 ? 
_refine.ls_extinction_method                     ? 
_refine.ls_goodness_of_fit_all                   ? 
_refine.ls_goodness_of_fit_all_esd               ? 
_refine.ls_goodness_of_fit_obs                   ? 
_refine.ls_goodness_of_fit_obs_esd               ? 
_refine.ls_hydrogen_treatment                    ? 
_refine.ls_matrix_type                           ? 
_refine.ls_number_constraints                    ? 
_refine.ls_number_parameters                     ? 
_refine.ls_number_reflns_all                     ? 
_refine.ls_number_reflns_obs                     5511 
_refine.ls_number_reflns_R_free                  264 
_refine.ls_number_reflns_R_work                  ? 
_refine.ls_number_restraints                     ? 
_refine.ls_percent_reflns_obs                    91.2900 
_refine.ls_percent_reflns_R_free                 4.7900 
_refine.ls_R_factor_all                          ? 
_refine.ls_R_factor_obs                          0.2239 
_refine.ls_R_factor_R_free                       0.2463 
_refine.ls_R_factor_R_free_error                 ? 
_refine.ls_R_factor_R_free_error_details         ? 
_refine.ls_R_factor_R_work                       0.2228 
_refine.ls_R_Fsqd_factor_obs                     ? 
_refine.ls_R_I_factor_obs                        ? 
_refine.ls_redundancy_reflns_all                 ? 
_refine.ls_redundancy_reflns_obs                 ? 
_refine.ls_restrained_S_all                      ? 
_refine.ls_restrained_S_obs                      ? 
_refine.ls_shift_over_esd_max                    ? 
_refine.ls_shift_over_esd_mean                   ? 
_refine.ls_structure_factor_coef                 ? 
_refine.ls_weighting_details                     ? 
_refine.ls_weighting_scheme                      ? 
_refine.ls_wR_factor_all                         ? 
_refine.ls_wR_factor_obs                         ? 
_refine.ls_wR_factor_R_free                      ? 
_refine.ls_wR_factor_R_work                      ? 
_refine.occupancy_max                            ? 
_refine.occupancy_min                            ? 
_refine.solvent_model_details                    ? 
_refine.solvent_model_param_bsol                 ? 
_refine.solvent_model_param_ksol                 ? 
_refine.pdbx_R_complete                          ? 
_refine.ls_R_factor_gt                           ? 
_refine.ls_goodness_of_fit_gt                    ? 
_refine.ls_goodness_of_fit_ref                   ? 
_refine.ls_shift_over_su_max                     ? 
_refine.ls_shift_over_su_max_lt                  ? 
_refine.ls_shift_over_su_mean                    ? 
_refine.ls_shift_over_su_mean_lt                 ? 
_refine.pdbx_ls_sigma_I                          ? 
_refine.pdbx_ls_sigma_F                          1.990 
_refine.pdbx_ls_sigma_Fsqd                       ? 
_refine.pdbx_data_cutoff_high_absF               ? 
_refine.pdbx_data_cutoff_high_rms_absF           ? 
_refine.pdbx_data_cutoff_low_absF                ? 
_refine.pdbx_isotropic_thermal_model             ? 
_refine.pdbx_ls_cross_valid_method               THROUGHOUT 
_refine.pdbx_method_to_determine_struct          'MOLECULAR REPLACEMENT' 
_refine.pdbx_starting_model                      5KEK 
_refine.pdbx_stereochemistry_target_values       ? 
_refine.pdbx_R_Free_selection_details            ? 
_refine.pdbx_stereochem_target_val_spec_case     ? 
_refine.pdbx_overall_ESU_R                       ? 
_refine.pdbx_overall_ESU_R_Free                  ? 
_refine.pdbx_solvent_vdw_probe_radii             1.1100 
_refine.pdbx_solvent_ion_probe_radii             ? 
_refine.pdbx_solvent_shrinkage_radii             0.9000 
_refine.pdbx_real_space_R                        ? 
_refine.pdbx_density_correlation                 ? 
_refine.pdbx_pd_number_of_powder_patterns        ? 
_refine.pdbx_pd_number_of_points                 ? 
_refine.pdbx_pd_meas_number_of_points            ? 
_refine.pdbx_pd_proc_ls_prof_R_factor            ? 
_refine.pdbx_pd_proc_ls_prof_wR_factor           ? 
_refine.pdbx_pd_Marquardt_correlation_coeff      ? 
_refine.pdbx_pd_Fsqrd_R_factor                   ? 
_refine.pdbx_pd_ls_matrix_band_width             ? 
_refine.pdbx_overall_phase_error                 33.3900 
_refine.pdbx_overall_SU_R_free_Cruickshank_DPI   ? 
_refine.pdbx_overall_SU_R_free_Blow_DPI          ? 
_refine.pdbx_overall_SU_R_Blow_DPI               ? 
_refine.pdbx_TLS_residual_ADP_flag               ? 
_refine.pdbx_diffrn_id                           1 
_refine.overall_SU_B                             ? 
_refine.overall_SU_ML                            0.0600 
_refine.overall_SU_R_Cruickshank_DPI             ? 
_refine.overall_SU_R_free                        ? 
_refine.overall_FOM_free_R_set                   ? 
_refine.overall_FOM_work_R_set                   ? 
_refine.pdbx_average_fsc_overall                 ? 
_refine.pdbx_average_fsc_work                    ? 
_refine.pdbx_average_fsc_free                    ? 
# 
_refine_hist.pdbx_refine_id                   'X-RAY DIFFRACTION' 
_refine_hist.cycle_id                         final 
_refine_hist.details                          ? 
_refine_hist.d_res_high                       3.0710 
_refine_hist.d_res_low                        34.4940 
_refine_hist.number_atoms_solvent             0 
_refine_hist.number_atoms_total               858 
_refine_hist.number_reflns_all                ? 
_refine_hist.number_reflns_obs                ? 
_refine_hist.number_reflns_R_free             ? 
_refine_hist.number_reflns_R_work             ? 
_refine_hist.R_factor_all                     ? 
_refine_hist.R_factor_obs                     ? 
_refine_hist.R_factor_R_free                  ? 
_refine_hist.R_factor_R_work                  ? 
_refine_hist.pdbx_number_residues_total       42 
_refine_hist.pdbx_B_iso_mean_ligand           133.69 
_refine_hist.pdbx_B_iso_mean_solvent          ? 
_refine_hist.pdbx_number_atoms_protein        0 
_refine_hist.pdbx_number_atoms_nucleic_acid   855 
_refine_hist.pdbx_number_atoms_ligand         3 
_refine_hist.pdbx_number_atoms_lipid          ? 
_refine_hist.pdbx_number_atoms_carb           ? 
_refine_hist.pdbx_pseudo_atom_details         ? 
# 
loop_
_refine_ls_restr.pdbx_refine_id 
_refine_ls_restr.criterion 
_refine_ls_restr.dev_ideal 
_refine_ls_restr.dev_ideal_target 
_refine_ls_restr.number 
_refine_ls_restr.rejects 
_refine_ls_restr.type 
_refine_ls_restr.weight 
_refine_ls_restr.pdbx_restraint_function 
'X-RAY DIFFRACTION' ? 0.009  ? 956  ? f_bond_d           ? ? 
'X-RAY DIFFRACTION' ? 0.985  ? 1467 ? f_angle_d          ? ? 
'X-RAY DIFFRACTION' ? 0.049  ? 166  ? f_chiral_restr     ? ? 
'X-RAY DIFFRACTION' ? 0.007  ? 42   ? f_plane_restr      ? ? 
'X-RAY DIFFRACTION' ? 34.435 ? 406  ? f_dihedral_angle_d ? ? 
# 
loop_
_refine_ls_shell.pdbx_refine_id 
_refine_ls_shell.d_res_high 
_refine_ls_shell.d_res_low 
_refine_ls_shell.number_reflns_all 
_refine_ls_shell.number_reflns_obs 
_refine_ls_shell.number_reflns_R_free 
_refine_ls_shell.number_reflns_R_work 
_refine_ls_shell.percent_reflns_obs 
_refine_ls_shell.percent_reflns_R_free 
_refine_ls_shell.R_factor_all 
_refine_ls_shell.R_factor_obs 
_refine_ls_shell.R_factor_R_free 
_refine_ls_shell.R_factor_R_free_error 
_refine_ls_shell.R_factor_R_work 
_refine_ls_shell.redundancy_reflns_all 
_refine_ls_shell.redundancy_reflns_obs 
_refine_ls_shell.wR_factor_all 
_refine_ls_shell.wR_factor_obs 
_refine_ls_shell.wR_factor_R_free 
_refine_ls_shell.wR_factor_R_work 
_refine_ls_shell.pdbx_R_complete 
_refine_ls_shell.pdbx_total_number_of_bins_used 
_refine_ls_shell.pdbx_phase_error 
_refine_ls_shell.pdbx_fsc_work 
_refine_ls_shell.pdbx_fsc_free 
'X-RAY DIFFRACTION' 3.0711 3.8685  . . 117 2381 83.0000  . . . 0.3871 0.0000 0.3372 . . . . . . . . . . . 
'X-RAY DIFFRACTION' 3.8685 34.4940 . . 147 2866 100.0000 . . . 0.2122 0.0000 0.1900 . . . . . . . . . . . 
# 
_struct.entry_id                     6WR9 
_struct.title                        
'Self-assembly of a 3D DNA crystal lattice (4x5 duplex version) containing the J32 immobile Holliday junction' 
_struct.pdbx_model_details           ? 
_struct.pdbx_formula_weight          ? 
_struct.pdbx_formula_weight_method   ? 
_struct.pdbx_model_type_details      ? 
_struct.pdbx_CASP_flag               N 
# 
_struct_keywords.entry_id        6WR9 
_struct_keywords.text            
'Structural DNA nanotechnology, immobile Holliday junctions, 3D DNA self-assembly, designer DNA crystals, DNA' 
_struct_keywords.pdbx_keywords   DNA 
# 
loop_
_struct_asym.id 
_struct_asym.pdbx_blank_PDB_chainid_flag 
_struct_asym.pdbx_modified 
_struct_asym.entity_id 
_struct_asym.details 
A N N 1 ? 
B N N 2 ? 
C N N 3 ? 
D N N 4 ? 
E N N 5 ? 
F N N 6 ? 
G N N 6 ? 
# 
loop_
_struct_conn.id 
_struct_conn.conn_type_id 
_struct_conn.pdbx_leaving_atom_flag 
_struct_conn.pdbx_PDB_id 
_struct_conn.ptnr1_label_asym_id 
_struct_conn.ptnr1_label_comp_id 
_struct_conn.ptnr1_label_seq_id 
_struct_conn.ptnr1_label_atom_id 
_struct_conn.pdbx_ptnr1_label_alt_id 
_struct_conn.pdbx_ptnr1_PDB_ins_code 
_struct_conn.pdbx_ptnr1_standard_comp_id 
_struct_conn.ptnr1_symmetry 
_struct_conn.ptnr2_label_asym_id 
_struct_conn.ptnr2_label_comp_id 
_struct_conn.ptnr2_label_seq_id 
_struct_conn.ptnr2_label_atom_id 
_struct_conn.pdbx_ptnr2_label_alt_id 
_struct_conn.pdbx_ptnr2_PDB_ins_code 
_struct_conn.ptnr1_auth_asym_id 
_struct_conn.ptnr1_auth_comp_id 
_struct_conn.ptnr1_auth_seq_id 
_struct_conn.ptnr2_auth_asym_id 
_struct_conn.ptnr2_auth_comp_id 
_struct_conn.ptnr2_auth_seq_id 
_struct_conn.ptnr2_symmetry 
_struct_conn.pdbx_ptnr3_label_atom_id 
_struct_conn.pdbx_ptnr3_label_seq_id 
_struct_conn.pdbx_ptnr3_label_comp_id 
_struct_conn.pdbx_ptnr3_label_asym_id 
_struct_conn.pdbx_ptnr3_label_alt_id 
_struct_conn.pdbx_ptnr3_PDB_ins_code 
_struct_conn.details 
_struct_conn.pdbx_dist_value 
_struct_conn.pdbx_value_order 
_struct_conn.pdbx_role 
hydrog1  hydrog ? ? A DG 3  N1 ? ? ? 1_555 D DC 7 N3 ? ? A DG 3  D DC 16 1_555 ? ? ? ? ? ? WATSON-CRICK ? ? ? 
hydrog2  hydrog ? ? A DG 3  N2 ? ? ? 1_555 D DC 7 O2 ? ? A DG 3  D DC 16 1_555 ? ? ? ? ? ? WATSON-CRICK ? ? ? 
hydrog3  hydrog ? ? A DG 3  O6 ? ? ? 1_555 D DC 7 N4 ? ? A DG 3  D DC 16 1_555 ? ? ? ? ? ? WATSON-CRICK ? ? ? 
hydrog4  hydrog ? ? A DC 4  N3 ? ? ? 1_555 D DG 6 N1 ? ? A DC 4  D DG 15 1_555 ? ? ? ? ? ? WATSON-CRICK ? ? ? 
hydrog5  hydrog ? ? A DC 4  N4 ? ? ? 1_555 D DG 6 O6 ? ? A DC 4  D DG 15 1_555 ? ? ? ? ? ? WATSON-CRICK ? ? ? 
hydrog6  hydrog ? ? A DC 4  O2 ? ? ? 1_555 D DG 6 N2 ? ? A DC 4  D DG 15 1_555 ? ? ? ? ? ? WATSON-CRICK ? ? ? 
hydrog7  hydrog ? ? A DA 5  N1 ? ? ? 1_555 D DT 5 N3 ? ? A DA 5  D DT 14 1_555 ? ? ? ? ? ? WATSON-CRICK ? ? ? 
hydrog8  hydrog ? ? A DA 5  N6 ? ? ? 1_555 D DT 5 O4 ? ? A DA 5  D DT 14 1_555 ? ? ? ? ? ? WATSON-CRICK ? ? ? 
hydrog9  hydrog ? ? A DG 6  N1 ? ? ? 1_555 D DC 4 N3 ? ? A DG 6  D DC 13 1_555 ? ? ? ? ? ? WATSON-CRICK ? ? ? 
hydrog10 hydrog ? ? A DG 6  N2 ? ? ? 1_555 D DC 4 O2 ? ? A DG 6  D DC 13 1_555 ? ? ? ? ? ? WATSON-CRICK ? ? ? 
hydrog11 hydrog ? ? A DG 6  O6 ? ? ? 1_555 D DC 4 N4 ? ? A DG 6  D DC 13 1_555 ? ? ? ? ? ? WATSON-CRICK ? ? ? 
hydrog12 hydrog ? ? A DA 7  N1 ? ? ? 1_555 D DT 3 N3 ? ? A DA 7  D DT 12 1_555 ? ? ? ? ? ? WATSON-CRICK ? ? ? 
hydrog13 hydrog ? ? A DA 7  N6 ? ? ? 1_555 D DT 3 O4 ? ? A DA 7  D DT 12 1_555 ? ? ? ? ? ? WATSON-CRICK ? ? ? 
hydrog14 hydrog ? ? A DC 8  N3 ? ? ? 1_555 D DG 2 N1 ? ? A DC 8  D DG 11 1_555 ? ? ? ? ? ? WATSON-CRICK ? ? ? 
hydrog15 hydrog ? ? A DC 8  N4 ? ? ? 1_555 D DG 2 O6 ? ? A DC 8  D DG 11 1_555 ? ? ? ? ? ? WATSON-CRICK ? ? ? 
hydrog16 hydrog ? ? A DC 8  O2 ? ? ? 1_555 D DG 2 N2 ? ? A DC 8  D DG 11 1_555 ? ? ? ? ? ? WATSON-CRICK ? ? ? 
hydrog17 hydrog ? ? A DT 9  N3 ? ? ? 1_555 D DA 1 N1 ? ? A DT 9  D DA 10 1_555 ? ? ? ? ? ? WATSON-CRICK ? ? ? 
hydrog18 hydrog ? ? A DT 9  O4 ? ? ? 1_555 D DA 1 N6 ? ? A DT 9  D DA 10 1_555 ? ? ? ? ? ? WATSON-CRICK ? ? ? 
hydrog19 hydrog ? ? A DA 10 N1 ? ? ? 1_555 B DT 5 N3 ? ? A DA 10 B DT 5  1_555 ? ? ? ? ? ? 'DA-DT PAIR' ? ? ? 
hydrog20 hydrog ? ? A DG 11 N1 ? ? ? 1_555 B DC 4 N3 ? ? A DG 11 B DC 4  1_555 ? ? ? ? ? ? WATSON-CRICK ? ? ? 
hydrog21 hydrog ? ? A DG 11 N2 ? ? ? 1_555 B DC 4 O2 ? ? A DG 11 B DC 4  1_555 ? ? ? ? ? ? WATSON-CRICK ? ? ? 
hydrog22 hydrog ? ? A DG 11 O6 ? ? ? 1_555 B DC 4 N4 ? ? A DG 11 B DC 4  1_555 ? ? ? ? ? ? WATSON-CRICK ? ? ? 
hydrog23 hydrog ? ? A DA 12 N1 ? ? ? 1_555 B DT 3 N3 ? ? A DA 12 B DT 3  1_555 ? ? ? ? ? ? WATSON-CRICK ? ? ? 
hydrog24 hydrog ? ? A DA 12 N6 ? ? ? 1_555 B DT 3 O4 ? ? A DA 12 B DT 3  1_555 ? ? ? ? ? ? WATSON-CRICK ? ? ? 
hydrog25 hydrog ? ? A DC 13 N3 ? ? ? 1_555 B DG 2 N1 ? ? A DC 13 B DG 2  1_555 ? ? ? ? ? ? WATSON-CRICK ? ? ? 
hydrog26 hydrog ? ? A DC 13 N4 ? ? ? 1_555 B DG 2 O6 ? ? A DC 13 B DG 2  1_555 ? ? ? ? ? ? WATSON-CRICK ? ? ? 
hydrog27 hydrog ? ? A DC 13 O2 ? ? ? 1_555 B DG 2 N2 ? ? A DC 13 B DG 2  1_555 ? ? ? ? ? ? WATSON-CRICK ? ? ? 
hydrog28 hydrog ? ? A DA 14 N1 ? ? ? 1_555 B DT 1 N3 ? ? A DA 14 B DT 1  1_555 ? ? ? ? ? ? WATSON-CRICK ? ? ? 
hydrog29 hydrog ? ? A DA 14 N6 ? ? ? 1_555 B DT 1 O4 ? ? A DA 14 B DT 1  1_555 ? ? ? ? ? ? WATSON-CRICK ? ? ? 
hydrog30 hydrog ? ? A DC 15 N3 ? ? ? 1_555 C DG 9 N1 ? ? A DC 15 C DG 9  1_555 ? ? ? ? ? ? WATSON-CRICK ? ? ? 
hydrog31 hydrog ? ? A DC 15 N4 ? ? ? 1_555 C DG 9 O6 ? ? A DC 15 C DG 9  1_555 ? ? ? ? ? ? WATSON-CRICK ? ? ? 
hydrog32 hydrog ? ? A DC 15 O2 ? ? ? 1_555 C DG 9 N2 ? ? A DC 15 C DG 9  1_555 ? ? ? ? ? ? WATSON-CRICK ? ? ? 
hydrog33 hydrog ? ? A DC 16 N3 ? ? ? 1_555 C DG 8 N1 ? ? A DC 16 C DG 8  1_555 ? ? ? ? ? ? WATSON-CRICK ? ? ? 
hydrog34 hydrog ? ? A DC 16 N4 ? ? ? 1_555 C DG 8 O6 ? ? A DC 16 C DG 8  1_555 ? ? ? ? ? ? WATSON-CRICK ? ? ? 
hydrog35 hydrog ? ? A DC 16 O2 ? ? ? 1_555 C DG 8 N2 ? ? A DC 16 C DG 8  1_555 ? ? ? ? ? ? WATSON-CRICK ? ? ? 
hydrog36 hydrog ? ? A DA 17 N1 ? ? ? 1_555 C DT 7 N3 ? ? A DA 17 C DT 7  1_555 ? ? ? ? ? ? WATSON-CRICK ? ? ? 
hydrog37 hydrog ? ? A DA 17 N6 ? ? ? 1_555 C DT 7 O4 ? ? A DA 17 C DT 7  1_555 ? ? ? ? ? ? WATSON-CRICK ? ? ? 
hydrog38 hydrog ? ? A DC 18 N3 ? ? ? 1_555 C DG 6 N1 ? ? A DC 18 C DG 6  1_555 ? ? ? ? ? ? WATSON-CRICK ? ? ? 
hydrog39 hydrog ? ? A DC 18 N4 ? ? ? 1_555 C DG 6 O6 ? ? A DC 18 C DG 6  1_555 ? ? ? ? ? ? WATSON-CRICK ? ? ? 
hydrog40 hydrog ? ? A DC 18 O2 ? ? ? 1_555 C DG 6 N2 ? ? A DC 18 C DG 6  1_555 ? ? ? ? ? ? WATSON-CRICK ? ? ? 
hydrog41 hydrog ? ? A DT 19 N3 ? ? ? 1_555 C DA 5 N1 ? ? A DT 19 C DA 5  1_555 ? ? ? ? ? ? WATSON-CRICK ? ? ? 
hydrog42 hydrog ? ? A DT 19 O4 ? ? ? 1_555 C DA 5 N6 ? ? A DT 19 C DA 5  1_555 ? ? ? ? ? ? WATSON-CRICK ? ? ? 
hydrog43 hydrog ? ? A DC 20 N3 ? ? ? 1_555 C DG 4 N1 ? ? A DC 20 C DG 4  1_555 ? ? ? ? ? ? WATSON-CRICK ? ? ? 
hydrog44 hydrog ? ? A DC 20 N4 ? ? ? 1_555 C DG 4 O6 ? ? A DC 20 C DG 4  1_555 ? ? ? ? ? ? WATSON-CRICK ? ? ? 
hydrog45 hydrog ? ? A DC 20 O2 ? ? ? 1_555 C DG 4 N2 ? ? A DC 20 C DG 4  1_555 ? ? ? ? ? ? WATSON-CRICK ? ? ? 
hydrog46 hydrog ? ? A DA 21 N1 ? ? ? 1_555 C DT 3 N3 ? ? A DA 21 C DT 3  1_555 ? ? ? ? ? ? WATSON-CRICK ? ? ? 
hydrog47 hydrog ? ? A DA 21 N6 ? ? ? 1_555 C DT 3 O4 ? ? A DA 21 C DT 3  1_555 ? ? ? ? ? ? WATSON-CRICK ? ? ? 
# 
_struct_conn_type.id          hydrog 
_struct_conn_type.criteria    ? 
_struct_conn_type.reference   ? 
# 
_atom_sites.entry_id                    6WR9 
_atom_sites.Cartn_transf_matrix[1][1]   ? 
_atom_sites.Cartn_transf_matrix[1][2]   ? 
_atom_sites.Cartn_transf_matrix[1][3]   ? 
_atom_sites.Cartn_transf_matrix[2][1]   ? 
_atom_sites.Cartn_transf_matrix[2][2]   ? 
_atom_sites.Cartn_transf_matrix[2][3]   ? 
_atom_sites.Cartn_transf_matrix[3][1]   ? 
_atom_sites.Cartn_transf_matrix[3][2]   ? 
_atom_sites.Cartn_transf_matrix[3][3]   ? 
_atom_sites.Cartn_transf_vector[1]      ? 
_atom_sites.Cartn_transf_vector[2]      ? 
_atom_sites.Cartn_transf_vector[3]      ? 
_atom_sites.fract_transf_matrix[1][1]   0.01201877 
_atom_sites.fract_transf_matrix[1][2]   -0.00980145 
_atom_sites.fract_transf_matrix[1][3]   0.00629492 
_atom_sites.fract_transf_matrix[2][1]   0.01387354 
_atom_sites.fract_transf_matrix[2][2]   0.00683265 
_atom_sites.fract_transf_matrix[2][3]   0.00640316 
_atom_sites.fract_transf_matrix[3][1]   -0.00717109 
_atom_sites.fract_transf_matrix[3][2]   0.00070338 
_atom_sites.fract_transf_matrix[3][3]   0.01478683 
_atom_sites.fract_transf_vector[1]      0.374212 
_atom_sites.fract_transf_vector[2]      -0.257544 
_atom_sites.fract_transf_vector[3]      0.150334 
_atom_sites.solution_primary            ? 
_atom_sites.solution_secondary          ? 
_atom_sites.solution_hydrogens          ? 
_atom_sites.special_details             ? 
# 
loop_
_atom_type.symbol 
AS 
C  
MG 
N  
O  
P  
# 
loop_
_atom_site.group_PDB 
_atom_site.id 
_atom_site.type_symbol 
_atom_site.label_atom_id 
_atom_site.label_alt_id 
_atom_site.label_comp_id 
_atom_site.label_asym_id 
_atom_site.label_entity_id 
_atom_site.label_seq_id 
_atom_site.pdbx_PDB_ins_code 
_atom_site.Cartn_x 
_atom_site.Cartn_y 
_atom_site.Cartn_z 
_atom_site.occupancy 
_atom_site.B_iso_or_equiv 
_atom_site.pdbx_formal_charge 
_atom_site.auth_seq_id 
_atom_site.auth_comp_id 
_atom_site.auth_asym_id 
_atom_site.auth_atom_id 
_atom_site.pdbx_PDB_model_num 
ATOM   1   O  "O5'" . DG  A 1 1  ? 9.035   -34.904 3.052   1.00 121.44 ? 1   DG  A "O5'" 1 
ATOM   2   C  "C5'" . DG  A 1 1  ? 7.752   -35.515 3.205   1.00 129.46 ? 1   DG  A "C5'" 1 
ATOM   3   C  "C4'" . DG  A 1 1  ? 7.394   -35.666 4.676   1.00 133.31 ? 1   DG  A "C4'" 1 
ATOM   4   O  "O4'" . DG  A 1 1  ? 8.588   -35.972 5.426   1.00 134.43 ? 1   DG  A "O4'" 1 
ATOM   5   C  "C3'" . DG  A 1 1  ? 6.819   -34.418 5.331   1.00 136.50 ? 1   DG  A "C3'" 1 
ATOM   6   O  "O3'" . DG  A 1 1  ? 5.403   -34.426 5.209   1.00 138.89 ? 1   DG  A "O3'" 1 
ATOM   7   C  "C2'" . DG  A 1 1  ? 7.235   -34.572 6.793   1.00 134.88 ? 1   DG  A "C2'" 1 
ATOM   8   C  "C1'" . DG  A 1 1  ? 8.521   -35.383 6.714   1.00 133.11 ? 1   DG  A "C1'" 1 
ATOM   9   N  N9    . DG  A 1 1  ? 9.740   -34.605 6.956   1.00 130.36 ? 1   DG  A N9    1 
ATOM   10  C  C8    . DG  A 1 1  ? 10.244  -34.233 8.182   1.00 128.14 ? 1   DG  A C8    1 
ATOM   11  N  N7    . DG  A 1 1  ? 11.360  -33.556 8.106   1.00 129.20 ? 1   DG  A N7    1 
ATOM   12  C  C5    . DG  A 1 1  ? 11.619  -33.473 6.739   1.00 129.90 ? 1   DG  A C5    1 
ATOM   13  C  C6    . DG  A 1 1  ? 12.699  -32.856 6.046   1.00 127.32 ? 1   DG  A C6    1 
ATOM   14  O  O6    . DG  A 1 1  ? 13.666  -32.236 6.522   1.00 123.01 ? 1   DG  A O6    1 
ATOM   15  N  N1    . DG  A 1 1  ? 12.578  -33.007 4.657   1.00 125.98 ? 1   DG  A N1    1 
ATOM   16  C  C2    . DG  A 1 1  ? 11.544  -33.674 4.023   1.00 124.81 ? 1   DG  A C2    1 
ATOM   17  N  N2    . DG  A 1 1  ? 11.596  -33.722 2.680   1.00 118.99 ? 1   DG  A N2    1 
ATOM   18  N  N3    . DG  A 1 1  ? 10.530  -34.252 4.660   1.00 124.42 ? 1   DG  A N3    1 
ATOM   19  C  C4    . DG  A 1 1  ? 10.629  -34.113 6.013   1.00 129.38 ? 1   DG  A C4    1 
ATOM   20  P  P     . DA  A 1 2  ? 4.563   -33.063 5.341   1.00 134.37 ? 2   DA  A P     1 
ATOM   21  O  OP1   . DA  A 1 2  ? 3.143   -33.460 5.475   1.00 132.35 ? 2   DA  A OP1   1 
ATOM   22  O  OP2   . DA  A 1 2  ? 5.015   -32.165 4.254   1.00 138.74 ? 2   DA  A OP2   1 
ATOM   23  O  "O5'" . DA  A 1 2  ? 5.049   -32.408 6.719   1.00 128.69 ? 2   DA  A "O5'" 1 
ATOM   24  C  "C5'" . DA  A 1 2  ? 4.345   -32.662 7.928   1.00 125.09 ? 2   DA  A "C5'" 1 
ATOM   25  C  "C4'" . DA  A 1 2  ? 5.181   -32.239 9.118   1.00 133.15 ? 2   DA  A "C4'" 1 
ATOM   26  O  "O4'" . DA  A 1 2  ? 6.589   -32.325 8.763   1.00 133.74 ? 2   DA  A "O4'" 1 
ATOM   27  C  "C3'" . DA  A 1 2  ? 4.972   -30.804 9.582   1.00 133.11 ? 2   DA  A "C3'" 1 
ATOM   28  O  "O3'" . DA  A 1 2  ? 5.246   -30.705 10.973  1.00 138.01 ? 2   DA  A "O3'" 1 
ATOM   29  C  "C2'" . DA  A 1 2  ? 6.010   -30.052 8.762   1.00 133.57 ? 2   DA  A "C2'" 1 
ATOM   30  C  "C1'" . DA  A 1 2  ? 7.169   -31.040 8.779   1.00 129.46 ? 2   DA  A "C1'" 1 
ATOM   31  N  N9    . DA  A 1 2  ? 8.051   -30.905 7.626   1.00 129.42 ? 2   DA  A N9    1 
ATOM   32  C  C8    . DA  A 1 2  ? 7.769   -31.222 6.322   1.00 128.32 ? 2   DA  A C8    1 
ATOM   33  N  N7    . DA  A 1 2  ? 8.758   -30.977 5.492   1.00 129.45 ? 2   DA  A N7    1 
ATOM   34  C  C5    . DA  A 1 2  ? 9.757   -30.458 6.310   1.00 133.21 ? 2   DA  A C5    1 
ATOM   35  C  C6    . DA  A 1 2  ? 11.073  -29.994 6.046   1.00 133.80 ? 2   DA  A C6    1 
ATOM   36  N  N6    . DA  A 1 2  ? 11.624  -29.981 4.827   1.00 134.60 ? 2   DA  A N6    1 
ATOM   37  N  N1    . DA  A 1 2  ? 11.802  -29.544 7.095   1.00 131.38 ? 2   DA  A N1    1 
ATOM   38  C  C2    . DA  A 1 2  ? 11.250  -29.556 8.315   1.00 132.21 ? 2   DA  A C2    1 
ATOM   39  N  N3    . DA  A 1 2  ? 10.033  -29.962 8.683   1.00 134.53 ? 2   DA  A N3    1 
ATOM   40  C  C4    . DA  A 1 2  ? 9.332   -30.407 7.626   1.00 132.46 ? 2   DA  A C4    1 
ATOM   41  P  P     . DG  A 1 3  ? 4.985   -29.326 11.759  1.00 148.06 ? 3   DG  A P     1 
ATOM   42  O  OP1   . DG  A 1 3  ? 5.009   -29.616 13.213  1.00 143.32 ? 3   DG  A OP1   1 
ATOM   43  O  OP2   . DG  A 1 3  ? 3.807   -28.682 11.138  1.00 145.76 ? 3   DG  A OP2   1 
ATOM   44  O  "O5'" . DG  A 1 3  ? 6.264   -28.439 11.420  1.00 136.93 ? 3   DG  A "O5'" 1 
ATOM   45  C  "C5'" . DG  A 1 3  ? 7.541   -28.896 11.792  1.00 137.20 ? 3   DG  A "C5'" 1 
ATOM   46  C  "C4'" . DG  A 1 3  ? 8.522   -27.749 11.840  1.00 140.35 ? 3   DG  A "C4'" 1 
ATOM   47  O  "O4'" . DG  A 1 3  ? 9.343   -27.758 10.642  1.00 138.65 ? 3   DG  A "O4'" 1 
ATOM   48  C  "C3'" . DG  A 1 3  ? 7.891   -26.358 11.888  1.00 142.03 ? 3   DG  A "C3'" 1 
ATOM   49  O  "O3'" . DG  A 1 3  ? 8.723   -25.504 12.655  1.00 148.36 ? 3   DG  A "O3'" 1 
ATOM   50  C  "C2'" . DG  A 1 3  ? 7.917   -25.954 10.421  1.00 138.70 ? 3   DG  A "C2'" 1 
ATOM   51  C  "C1'" . DG  A 1 3  ? 9.289   -26.480 10.059  1.00 135.51 ? 3   DG  A "C1'" 1 
ATOM   52  N  N9    . DG  A 1 3  ? 9.549   -26.595 8.631   1.00 131.87 ? 3   DG  A N9    1 
ATOM   53  C  C8    . DG  A 1 3  ? 8.728   -27.140 7.668   1.00 126.63 ? 3   DG  A C8    1 
ATOM   54  N  N7    . DG  A 1 3  ? 9.245   -27.102 6.468   1.00 125.63 ? 3   DG  A N7    1 
ATOM   55  C  C5    . DG  A 1 3  ? 10.490  -26.498 6.652   1.00 131.19 ? 3   DG  A C5    1 
ATOM   56  C  C6    . DG  A 1 3  ? 11.509  -26.187 5.714   1.00 132.39 ? 3   DG  A C6    1 
ATOM   57  O  O6    . DG  A 1 3  ? 11.513  -26.391 4.492   1.00 132.04 ? 3   DG  A O6    1 
ATOM   58  N  N1    . DG  A 1 3  ? 12.614  -25.576 6.329   1.00 129.67 ? 3   DG  A N1    1 
ATOM   59  C  C2    . DG  A 1 3  ? 12.716  -25.303 7.676   1.00 126.22 ? 3   DG  A C2    1 
ATOM   60  N  N2    . DG  A 1 3  ? 13.854  -24.706 8.088   1.00 125.56 ? 3   DG  A N2    1 
ATOM   61  N  N3    . DG  A 1 3  ? 11.767  -25.589 8.561   1.00 122.99 ? 3   DG  A N3    1 
ATOM   62  C  C4    . DG  A 1 3  ? 10.688  -26.184 7.979   1.00 130.70 ? 3   DG  A C4    1 
ATOM   63  P  P     . DC  A 1 4  ? 8.128   -24.697 13.909  1.00 158.04 ? 4   DC  A P     1 
ATOM   64  O  OP1   . DC  A 1 4  ? 9.089   -24.866 15.025  1.00 154.93 ? 4   DC  A OP1   1 
ATOM   65  O  OP2   . DC  A 1 4  ? 6.709   -25.107 14.061  1.00 141.95 ? 4   DC  A OP2   1 
ATOM   66  O  "O5'" . DC  A 1 4  ? 8.184   -23.164 13.440  1.00 151.10 ? 4   DC  A "O5'" 1 
ATOM   67  C  "C5'" . DC  A 1 4  ? 8.688   -22.834 12.152  1.00 144.36 ? 4   DC  A "C5'" 1 
ATOM   68  C  "C4'" . DC  A 1 4  ? 10.105  -22.291 12.241  1.00 144.95 ? 4   DC  A "C4'" 1 
ATOM   69  O  "O4'" . DC  A 1 4  ? 10.924  -22.888 11.206  1.00 140.88 ? 4   DC  A "O4'" 1 
ATOM   70  C  "C3'" . DC  A 1 4  ? 10.215  -20.780 12.073  1.00 145.37 ? 4   DC  A "C3'" 1 
ATOM   71  O  "O3'" . DC  A 1 4  ? 11.077  -20.221 13.064  1.00 148.74 ? 4   DC  A "O3'" 1 
ATOM   72  C  "C2'" . DC  A 1 4  ? 10.762  -20.569 10.655  1.00 140.24 ? 4   DC  A "C2'" 1 
ATOM   73  C  "C1'" . DC  A 1 4  ? 11.219  -21.946 10.188  1.00 136.08 ? 4   DC  A "C1'" 1 
ATOM   74  N  N1    . DC  A 1 4  ? 10.587  -22.421 8.885   1.00 129.22 ? 4   DC  A N1    1 
ATOM   75  C  C2    . DC  A 1 4  ? 11.324  -22.363 7.683   1.00 128.00 ? 4   DC  A C2    1 
ATOM   76  O  O2    . DC  A 1 4  ? 12.480  -21.893 7.697   1.00 126.54 ? 4   DC  A O2    1 
ATOM   77  N  N3    . DC  A 1 4  ? 10.744  -22.820 6.536   1.00 125.51 ? 4   DC  A N3    1 
ATOM   78  C  C4    . DC  A 1 4  ? 9.501   -23.316 6.566   1.00 124.71 ? 4   DC  A C4    1 
ATOM   79  N  N4    . DC  A 1 4  ? 8.969   -23.754 5.419   1.00 125.90 ? 4   DC  A N4    1 
ATOM   80  C  C5    . DC  A 1 4  ? 8.744   -23.384 7.773   1.00 122.40 ? 4   DC  A C5    1 
ATOM   81  C  C6    . DC  A 1 4  ? 9.319   -22.934 8.893   1.00 124.89 ? 4   DC  A C6    1 
ATOM   82  P  P     . DA  A 1 5  ? 10.919  -18.675 13.484  1.00 152.25 ? 5   DA  A P     1 
ATOM   83  O  OP1   . DA  A 1 5  ? 11.747  -18.436 14.692  1.00 150.63 ? 5   DA  A OP1   1 
ATOM   84  O  OP2   . DA  A 1 5  ? 9.464   -18.383 13.508  1.00 140.07 ? 5   DA  A OP2   1 
ATOM   85  O  "O5'" . DA  A 1 5  ? 11.594  -17.881 12.271  1.00 142.45 ? 5   DA  A "O5'" 1 
ATOM   86  C  "C5'" . DA  A 1 5  ? 13.007  -17.941 12.086  1.00 142.53 ? 5   DA  A "C5'" 1 
ATOM   87  C  "C4'" . DA  A 1 5  ? 13.397  -17.341 10.751  1.00 140.17 ? 5   DA  A "C4'" 1 
ATOM   88  O  "O4'" . DA  A 1 5  ? 12.757  -18.087 9.681   1.00 129.84 ? 5   DA  A "O4'" 1 
ATOM   89  C  "C3'" . DA  A 1 5  ? 12.976  -15.886 10.559  1.00 140.26 ? 5   DA  A "C3'" 1 
ATOM   90  O  "O3'" . DA  A 1 5  ? 13.994  -15.174 9.876   1.00 144.69 ? 5   DA  A "O3'" 1 
ATOM   91  C  "C2'" . DA  A 1 5  ? 11.713  -16.003 9.713   1.00 134.17 ? 5   DA  A "C2'" 1 
ATOM   92  C  "C1'" . DA  A 1 5  ? 12.053  -17.201 8.846   1.00 126.57 ? 5   DA  A "C1'" 1 
ATOM   93  N  N9    . DA  A 1 5  ? 10.886  -17.899 8.319   1.00 124.40 ? 5   DA  A N9    1 
ATOM   94  C  C8    . DA  A 1 5  ? 9.728   -18.201 8.983   1.00 124.32 ? 5   DA  A C8    1 
ATOM   95  N  N7    . DA  A 1 5  ? 8.850   -18.854 8.253   1.00 117.49 ? 5   DA  A N7    1 
ATOM   96  C  C5    . DA  A 1 5  ? 9.467   -18.967 7.018   1.00 120.22 ? 5   DA  A C5    1 
ATOM   97  C  C6    . DA  A 1 5  ? 9.059   -19.548 5.795   1.00 121.96 ? 5   DA  A C6    1 
ATOM   98  N  N6    . DA  A 1 5  ? 7.875   -20.152 5.620   1.00 117.84 ? 5   DA  A N6    1 
ATOM   99  N  N1    . DA  A 1 5  ? 9.923   -19.485 4.754   1.00 126.87 ? 5   DA  A N1    1 
ATOM   100 C  C2    . DA  A 1 5  ? 11.108  -18.880 4.934   1.00 125.96 ? 5   DA  A C2    1 
ATOM   101 N  N3    . DA  A 1 5  ? 11.600  -18.303 6.030   1.00 125.18 ? 5   DA  A N3    1 
ATOM   102 C  C4    . DA  A 1 5  ? 10.723  -18.382 7.044   1.00 124.10 ? 5   DA  A C4    1 
ATOM   103 P  P     . DG  A 1 6  ? 14.195  -13.604 10.154  1.00 157.92 ? 6   DG  A P     1 
ATOM   104 O  OP1   . DG  A 1 6  ? 15.519  -13.412 10.792  1.00 147.61 ? 6   DG  A OP1   1 
ATOM   105 O  OP2   . DG  A 1 6  ? 12.974  -13.143 10.856  1.00 154.11 ? 6   DG  A OP2   1 
ATOM   106 O  "O5'" . DG  A 1 6  ? 14.216  -12.948 8.688   1.00 143.92 ? 6   DG  A "O5'" 1 
ATOM   107 C  "C5'" . DG  A 1 6  ? 15.321  -13.176 7.820   1.00 137.54 ? 6   DG  A "C5'" 1 
ATOM   108 C  "C4'" . DG  A 1 6  ? 14.845  -13.509 6.419   1.00 136.93 ? 6   DG  A "C4'" 1 
ATOM   109 O  "O4'" . DG  A 1 6  ? 13.717  -14.395 6.492   1.00 134.13 ? 6   DG  A "O4'" 1 
ATOM   110 C  "C3'" . DG  A 1 6  ? 14.372  -12.312 5.593   1.00 138.48 ? 6   DG  A "C3'" 1 
ATOM   111 O  "O3'" . DG  A 1 6  ? 15.337  -12.011 4.595   1.00 142.77 ? 6   DG  A "O3'" 1 
ATOM   112 C  "C2'" . DG  A 1 6  ? 13.028  -12.765 4.976   1.00 132.04 ? 6   DG  A "C2'" 1 
ATOM   113 C  "C1'" . DG  A 1 6  ? 12.974  -14.247 5.317   1.00 129.04 ? 6   DG  A "C1'" 1 
ATOM   114 N  N9    . DG  A 1 6  ? 11.634  -14.761 5.563   1.00 124.26 ? 6   DG  A N9    1 
ATOM   115 C  C8    . DG  A 1 6  ? 10.938  -14.729 6.747   1.00 123.72 ? 6   DG  A C8    1 
ATOM   116 N  N7    . DG  A 1 6  ? 9.760   -15.295 6.676   1.00 119.50 ? 6   DG  A N7    1 
ATOM   117 C  C5    . DG  A 1 6  ? 9.674   -15.732 5.359   1.00 121.03 ? 6   DG  A C5    1 
ATOM   118 C  C6    . DG  A 1 6  ? 8.629   -16.416 4.687   1.00 120.92 ? 6   DG  A C6    1 
ATOM   119 O  O6    . DG  A 1 6  ? 7.532   -16.783 5.135   1.00 120.47 ? 6   DG  A O6    1 
ATOM   120 N  N1    . DG  A 1 6  ? 8.955   -16.676 3.352   1.00 122.62 ? 6   DG  A N1    1 
ATOM   121 C  C2    . DG  A 1 6  ? 10.137  -16.317 2.746   1.00 126.23 ? 6   DG  A C2    1 
ATOM   122 N  N2    . DG  A 1 6  ? 10.275  -16.648 1.452   1.00 126.45 ? 6   DG  A N2    1 
ATOM   123 N  N3    . DG  A 1 6  ? 11.126  -15.675 3.366   1.00 127.83 ? 6   DG  A N3    1 
ATOM   124 C  C4    . DG  A 1 6  ? 10.824  -15.417 4.664   1.00 125.87 ? 6   DG  A C4    1 
ATOM   125 P  P     . DA  A 1 7  ? 15.288  -10.606 3.813   1.00 161.17 ? 7   DA  A P     1 
ATOM   126 O  OP1   . DA  A 1 7  ? 16.656  -10.336 3.313   1.00 151.33 ? 7   DA  A OP1   1 
ATOM   127 O  OP2   . DA  A 1 7  ? 14.602  -9.616  4.674   1.00 154.54 ? 7   DA  A OP2   1 
ATOM   128 O  "O5'" . DA  A 1 7  ? 14.344  -10.907 2.565   1.00 146.38 ? 7   DA  A "O5'" 1 
ATOM   129 C  "C5'" . DA  A 1 7  ? 14.603  -12.040 1.767   1.00 144.63 ? 7   DA  A "C5'" 1 
ATOM   130 C  "C4'" . DA  A 1 7  ? 13.483  -12.251 0.786   1.00 143.18 ? 7   DA  A "C4'" 1 
ATOM   131 O  "O4'" . DA  A 1 7  ? 12.400  -12.939 1.436   1.00 139.91 ? 7   DA  A "O4'" 1 
ATOM   132 C  "C3'" . DA  A 1 7  ? 12.896  -10.960 0.225   1.00 141.07 ? 7   DA  A "C3'" 1 
ATOM   133 O  "O3'" . DA  A 1 7  ? 13.154  -10.891 -1.160  1.00 146.64 ? 7   DA  A "O3'" 1 
ATOM   134 C  "C2'" . DA  A 1 7  ? 11.389  -11.051 0.522   1.00 135.49 ? 7   DA  A "C2'" 1 
ATOM   135 C  "C1'" . DA  A 1 7  ? 11.188  -12.518 0.870   1.00 133.31 ? 7   DA  A "C1'" 1 
ATOM   136 N  N9    . DA  A 1 7  ? 10.145  -12.756 1.862   1.00 126.44 ? 7   DA  A N9    1 
ATOM   137 C  C8    . DA  A 1 7  ? 10.189  -12.417 3.187   1.00 125.72 ? 7   DA  A C8    1 
ATOM   138 N  N7    . DA  A 1 7  ? 9.125   -12.773 3.862   1.00 120.98 ? 7   DA  A N7    1 
ATOM   139 C  C5    . DA  A 1 7  ? 8.329   -13.407 2.921   1.00 120.38 ? 7   DA  A C5    1 
ATOM   140 C  C6    . DA  A 1 7  ? 7.056   -14.015 3.009   1.00 121.54 ? 7   DA  A C6    1 
ATOM   141 N  N6    . DA  A 1 7  ? 6.353   -14.080 4.145   1.00 121.50 ? 7   DA  A N6    1 
ATOM   142 N  N1    . DA  A 1 7  ? 6.535   -14.555 1.883   1.00 120.43 ? 7   DA  A N1    1 
ATOM   143 C  C2    . DA  A 1 7  ? 7.247   -14.485 0.748   1.00 123.15 ? 7   DA  A C2    1 
ATOM   144 N  N3    . DA  A 1 7  ? 8.454   -13.936 0.544   1.00 125.29 ? 7   DA  A N3    1 
ATOM   145 C  C4    . DA  A 1 7  ? 8.944   -13.414 1.682   1.00 121.40 ? 7   DA  A C4    1 
ATOM   146 P  P     . DC  A 1 8  ? 12.855  -9.539  -1.969  1.00 161.61 ? 8   DC  A P     1 
ATOM   147 O  OP1   . DC  A 1 8  ? 13.768  -9.527  -3.134  1.00 161.34 ? 8   DC  A OP1   1 
ATOM   148 O  OP2   . DC  A 1 8  ? 12.900  -8.409  -1.008  1.00 148.35 ? 8   DC  A OP2   1 
ATOM   149 O  "O5'" . DC  A 1 8  ? 11.350  -9.743  -2.485  1.00 146.67 ? 8   DC  A "O5'" 1 
ATOM   150 C  "C5'" . DC  A 1 8  ? 11.003  -10.920 -3.206  1.00 133.31 ? 8   DC  A "C5'" 1 
ATOM   151 C  "C4'" . DC  A 1 8  ? 9.503   -11.170 -3.161  1.00 137.65 ? 8   DC  A "C4'" 1 
ATOM   152 O  "O4'" . DC  A 1 8  ? 9.086   -11.439 -1.809  1.00 135.25 ? 8   DC  A "O4'" 1 
ATOM   153 C  "C3'" . DC  A 1 8  ? 8.616   -10.008 -3.630  1.00 137.21 ? 8   DC  A "C3'" 1 
ATOM   154 O  "O3'" . DC  A 1 8  ? 8.089   -10.285 -4.925  1.00 138.48 ? 8   DC  A "O3'" 1 
ATOM   155 C  "C2'" . DC  A 1 8  ? 7.492   -9.929  -2.574  1.00 130.53 ? 8   DC  A "C2'" 1 
ATOM   156 C  "C1'" . DC  A 1 8  ? 7.704   -11.192 -1.749  1.00 131.45 ? 8   DC  A "C1'" 1 
ATOM   157 N  N1    . DC  A 1 8  ? 7.297   -11.051 -0.318  1.00 126.59 ? 8   DC  A N1    1 
ATOM   158 C  C2    . DC  A 1 8  ? 6.040   -11.515 0.106   1.00 121.33 ? 8   DC  A C2    1 
ATOM   159 O  O2    . DC  A 1 8  ? 5.277   -12.041 -0.715  1.00 118.67 ? 8   DC  A O2    1 
ATOM   160 N  N3    . DC  A 1 8  ? 5.699   -11.372 1.413   1.00 116.99 ? 8   DC  A N3    1 
ATOM   161 C  C4    . DC  A 1 8  ? 6.547   -10.801 2.269   1.00 116.42 ? 8   DC  A C4    1 
ATOM   162 N  N4    . DC  A 1 8  ? 6.170   -10.684 3.547   1.00 114.52 ? 8   DC  A N4    1 
ATOM   163 C  C5    . DC  A 1 8  ? 7.824   -10.324 1.853   1.00 121.57 ? 8   DC  A C5    1 
ATOM   164 C  C6    . DC  A 1 8  ? 8.152   -10.467 0.566   1.00 124.10 ? 8   DC  A C6    1 
ATOM   165 P  P     . DT  A 1 9  ? 7.046   -9.266  -5.607  1.00 146.38 ? 9   DT  A P     1 
ATOM   166 O  OP1   . DT  A 1 9  ? 7.053   -9.508  -7.069  1.00 147.43 ? 9   DT  A OP1   1 
ATOM   167 O  OP2   . DT  A 1 9  ? 7.305   -7.910  -5.073  1.00 148.65 ? 9   DT  A OP2   1 
ATOM   168 O  "O5'" . DT  A 1 9  ? 5.639   -9.751  -5.059  1.00 124.49 ? 9   DT  A "O5'" 1 
ATOM   169 C  "C5'" . DT  A 1 9  ? 5.236   -11.057 -5.318  1.00 126.66 ? 9   DT  A "C5'" 1 
ATOM   170 C  "C4'" . DT  A 1 9  ? 3.860   -11.290 -4.765  1.00 126.84 ? 9   DT  A "C4'" 1 
ATOM   171 O  "O4'" . DT  A 1 9  ? 3.877   -11.100 -3.330  1.00 124.83 ? 9   DT  A "O4'" 1 
ATOM   172 C  "C3'" . DT  A 1 9  ? 2.785   -10.349 -5.304  1.00 113.69 ? 9   DT  A "C3'" 1 
ATOM   173 O  "O3'" . DT  A 1 9  ? 1.672   -11.124 -5.692  1.00 113.54 ? 9   DT  A "O3'" 1 
ATOM   174 C  "C2'" . DT  A 1 9  ? 2.472   -9.445  -4.103  1.00 116.72 ? 9   DT  A "C2'" 1 
ATOM   175 C  "C1'" . DT  A 1 9  ? 2.715   -10.405 -2.960  1.00 120.26 ? 9   DT  A "C1'" 1 
ATOM   176 N  N1    . DT  A 1 9  ? 2.957   -9.781  -1.615  1.00 117.26 ? 9   DT  A N1    1 
ATOM   177 C  C2    . DT  A 1 9  ? 1.985   -9.874  -0.642  1.00 114.95 ? 9   DT  A C2    1 
ATOM   178 O  O2    . DT  A 1 9  ? 0.900   -10.406 -0.834  1.00 116.82 ? 9   DT  A O2    1 
ATOM   179 N  N3    . DT  A 1 9  ? 2.324   -9.298  0.565   1.00 103.89 ? 9   DT  A N3    1 
ATOM   180 C  C4    . DT  A 1 9  ? 3.505   -8.673  0.887   1.00 108.72 ? 9   DT  A C4    1 
ATOM   181 O  O4    . DT  A 1 9  ? 3.713   -8.184  1.997   1.00 107.75 ? 9   DT  A O4    1 
ATOM   182 C  C5    . DT  A 1 9  ? 4.483   -8.623  -0.173  1.00 117.31 ? 9   DT  A C5    1 
ATOM   183 C  C7    . DT  A 1 9  ? 5.807   -7.960  0.065   1.00 120.42 ? 9   DT  A C7    1 
ATOM   184 C  C6    . DT  A 1 9  ? 4.170   -9.182  -1.356  1.00 115.16 ? 9   DT  A C6    1 
ATOM   185 P  P     . DA  A 1 10 ? 0.299   -10.426 -6.128  1.00 128.38 ? 10  DA  A P     1 
ATOM   186 O  OP1   . DA  A 1 10 ? -0.571  -11.406 -6.828  1.00 118.15 ? 10  DA  A OP1   1 
ATOM   187 O  OP2   . DA  A 1 10 ? 0.692   -9.174  -6.814  1.00 140.87 ? 10  DA  A OP2   1 
ATOM   188 O  "O5'" . DA  A 1 10 ? -0.375  -10.032 -4.734  1.00 122.09 ? 10  DA  A "O5'" 1 
ATOM   189 C  "C5'" . DA  A 1 10 ? -0.871  -11.035 -3.871  1.00 117.36 ? 10  DA  A "C5'" 1 
ATOM   190 C  "C4'" . DA  A 1 10 ? -2.376  -10.915 -3.714  1.00 114.99 ? 10  DA  A "C4'" 1 
ATOM   191 O  "O4'" . DA  A 1 10 ? -2.685  -10.433 -2.387  1.00 117.87 ? 10  DA  A "O4'" 1 
ATOM   192 C  "C3'" . DA  A 1 10 ? -3.042  -9.926  -4.648  1.00 117.02 ? 10  DA  A "C3'" 1 
ATOM   193 O  "O3'" . DA  A 1 10 ? -4.398  -10.278 -4.826  1.00 124.06 ? 10  DA  A "O3'" 1 
ATOM   194 C  "C2'" . DA  A 1 10 ? -2.899  -8.602  -3.890  1.00 115.50 ? 10  DA  A "C2'" 1 
ATOM   195 C  "C1'" . DA  A 1 10 ? -2.929  -9.036  -2.423  1.00 113.19 ? 10  DA  A "C1'" 1 
ATOM   196 N  N9    . DA  A 1 10 ? -1.918  -8.368  -1.599  1.00 107.44 ? 10  DA  A N9    1 
ATOM   197 C  C8    . DA  A 1 10 ? -0.660  -7.992  -1.981  1.00 107.33 ? 10  DA  A C8    1 
ATOM   198 N  N7    . DA  A 1 10 ? 0.031   -7.411  -1.028  1.00 105.46 ? 10  DA  A N7    1 
ATOM   199 C  C5    . DA  A 1 10 ? -0.832  -7.408  0.052   1.00 100.48 ? 10  DA  A C5    1 
ATOM   200 C  C6    . DA  A 1 10 ? -0.699  -6.933  1.370   1.00 94.53  ? 10  DA  A C6    1 
ATOM   201 N  N6    . DA  A 1 10 ? 0.402   -6.349  1.834   1.00 89.83  ? 10  DA  A N6    1 
ATOM   202 N  N1    . DA  A 1 10 ? -1.750  -7.085  2.196   1.00 94.61  ? 10  DA  A N1    1 
ATOM   203 C  C2    . DA  A 1 10 ? -2.860  -7.673  1.726   1.00 96.83  ? 10  DA  A C2    1 
ATOM   204 N  N3    . DA  A 1 10 ? -3.101  -8.163  0.513   1.00 99.79  ? 10  DA  A N3    1 
ATOM   205 C  C4    . DA  A 1 10 ? -2.036  -7.996  -0.284  1.00 101.83 ? 10  DA  A C4    1 
ATOM   206 P  P     . DG  A 1 11 ? -5.434  -9.223  -5.452  1.00 133.35 ? 11  DG  A P     1 
ATOM   207 O  OP1   . DG  A 1 11 ? -6.630  -9.982  -5.888  1.00 122.44 ? 11  DG  A OP1   1 
ATOM   208 O  OP2   . DG  A 1 11 ? -4.696  -8.351  -6.401  1.00 119.62 ? 11  DG  A OP2   1 
ATOM   209 O  "O5'" . DG  A 1 11 ? -5.867  -8.330  -4.204  1.00 122.52 ? 11  DG  A "O5'" 1 
ATOM   210 C  "C5'" . DG  A 1 11 ? -6.660  -8.899  -3.173  1.00 122.08 ? 11  DG  A "C5'" 1 
ATOM   211 C  "C4'" . DG  A 1 11 ? -7.349  -7.813  -2.359  1.00 122.06 ? 11  DG  A "C4'" 1 
ATOM   212 O  "O4'" . DG  A 1 11 ? -6.397  -7.181  -1.461  1.00 111.85 ? 11  DG  A "O4'" 1 
ATOM   213 C  "C3'" . DG  A 1 11 ? -7.959  -6.666  -3.164  1.00 114.17 ? 11  DG  A "C3'" 1 
ATOM   214 O  "O3'" . DG  A 1 11 ? -9.087  -6.194  -2.477  1.00 109.51 ? 11  DG  A "O3'" 1 
ATOM   215 C  "C2'" . DG  A 1 11 ? -6.838  -5.634  -3.136  1.00 105.29 ? 11  DG  A "C2'" 1 
ATOM   216 C  "C1'" . DG  A 1 11 ? -6.382  -5.793  -1.706  1.00 96.61  ? 11  DG  A "C1'" 1 
ATOM   217 N  N9    . DG  A 1 11 ? -5.042  -5.311  -1.449  1.00 95.93  ? 11  DG  A N9    1 
ATOM   218 C  C8    . DG  A 1 11 ? -3.991  -5.220  -2.333  1.00 97.48  ? 11  DG  A C8    1 
ATOM   219 N  N7    . DG  A 1 11 ? -2.893  -4.777  -1.780  1.00 93.14  ? 11  DG  A N7    1 
ATOM   220 C  C5    . DG  A 1 11 ? -3.246  -4.566  -0.451  1.00 91.71  ? 11  DG  A C5    1 
ATOM   221 C  C6    . DG  A 1 11 ? -2.482  -4.086  0.635   1.00 91.66  ? 11  DG  A C6    1 
ATOM   222 O  O6    . DG  A 1 11 ? -1.295  -3.735  0.646   1.00 93.59  ? 11  DG  A O6    1 
ATOM   223 N  N1    . DG  A 1 11 ? -3.237  -4.029  1.806   1.00 89.08  ? 11  DG  A N1    1 
ATOM   224 C  C2    . DG  A 1 11 ? -4.564  -4.391  1.912   1.00 90.90  ? 11  DG  A C2    1 
ATOM   225 N  N2    . DG  A 1 11 ? -5.134  -4.271  3.121   1.00 88.25  ? 11  DG  A N2    1 
ATOM   226 N  N3    . DG  A 1 11 ? -5.285  -4.839  0.900   1.00 91.07  ? 11  DG  A N3    1 
ATOM   227 C  C4    . DG  A 1 11 ? -4.565  -4.896  -0.242  1.00 92.86  ? 11  DG  A C4    1 
ATOM   228 P  P     . DA  A 1 12 ? -10.114 -5.192  -3.186  1.00 114.64 ? 12  DA  A P     1 
ATOM   229 O  OP1   . DA  A 1 12 ? -11.279 -6.025  -3.555  1.00 111.69 ? 12  DA  A OP1   1 
ATOM   230 O  OP2   . DA  A 1 12 ? -9.395  -4.388  -4.206  1.00 111.70 ? 12  DA  A OP2   1 
ATOM   231 O  "O5'" . DA  A 1 12 ? -10.534 -4.199  -2.002  1.00 114.34 ? 12  DA  A "O5'" 1 
ATOM   232 C  "C5'" . DA  A 1 12 ? -10.812 -4.726  -0.707  1.00 107.72 ? 12  DA  A "C5'" 1 
ATOM   233 C  "C4'" . DA  A 1 12 ? -10.463 -3.716  0.372   1.00 106.63 ? 12  DA  A "C4'" 1 
ATOM   234 O  "O4'" . DA  A 1 12 ? -9.021  -3.580  0.479   1.00 102.76 ? 12  DA  A "O4'" 1 
ATOM   235 C  "C3'" . DA  A 1 12 ? -11.013 -2.310  0.137   1.00 103.78 ? 12  DA  A "C3'" 1 
ATOM   236 O  "O3'" . DA  A 1 12 ? -11.731 -1.882  1.276   1.00 105.81 ? 12  DA  A "O3'" 1 
ATOM   237 C  "C2'" . DA  A 1 12 ? -9.765  -1.456  -0.097  1.00 100.63 ? 12  DA  A "C2'" 1 
ATOM   238 C  "C1'" . DA  A 1 12 ? -8.690  -2.228  0.649   1.00 88.55  ? 12  DA  A "C1'" 1 
ATOM   239 N  N9    . DA  A 1 12 ? -7.357  -2.014  0.099   1.00 84.76  ? 12  DA  A N9    1 
ATOM   240 C  C8    . DA  A 1 12 ? -6.954  -2.249  -1.187  1.00 88.38  ? 12  DA  A C8    1 
ATOM   241 N  N7    . DA  A 1 12 ? -5.695  -1.957  -1.412  1.00 83.36  ? 12  DA  A N7    1 
ATOM   242 C  C5    . DA  A 1 12 ? -5.238  -1.504  -0.188  1.00 84.90  ? 12  DA  A C5    1 
ATOM   243 C  C6    . DA  A 1 12 ? -3.979  -1.040  0.240   1.00 86.33  ? 12  DA  A C6    1 
ATOM   244 N  N6    . DA  A 1 12 ? -2.913  -0.970  -0.565  1.00 86.02  ? 12  DA  A N6    1 
ATOM   245 N  N1    . DA  A 1 12 ? -3.858  -0.649  1.530   1.00 83.95  ? 12  DA  A N1    1 
ATOM   246 C  C2    . DA  A 1 12 ? -4.926  -0.730  2.336   1.00 84.06  ? 12  DA  A C2    1 
ATOM   247 N  N3    . DA  A 1 12 ? -6.161  -1.154  2.048   1.00 87.64  ? 12  DA  A N3    1 
ATOM   248 C  C4    . DA  A 1 12 ? -6.250  -1.530  0.757   1.00 85.66  ? 12  DA  A C4    1 
ATOM   249 P  P     . DC  A 1 13 ? -12.400 -0.422  1.304   1.00 111.99 ? 13  DC  A P     1 
ATOM   250 O  OP1   . DC  A 1 13 ? -13.501 -0.491  2.290   1.00 111.38 ? 13  DC  A OP1   1 
ATOM   251 O  OP2   . DC  A 1 13 ? -12.632 0.019   -0.094  1.00 110.07 ? 13  DC  A OP2   1 
ATOM   252 O  "O5'" . DC  A 1 13 ? -11.271 0.506   1.936   1.00 97.02  ? 13  DC  A "O5'" 1 
ATOM   253 C  "C5'" . DC  A 1 13 ? -10.867 0.272   3.259   1.00 99.58  ? 13  DC  A "C5'" 1 
ATOM   254 C  "C4'" . DC  A 1 13 ? -9.612  1.049   3.570   1.00 97.58  ? 13  DC  A "C4'" 1 
ATOM   255 O  "O4'" . DC  A 1 13 ? -8.630  0.792   2.558   1.00 95.46  ? 13  DC  A "O4'" 1 
ATOM   256 C  "C3'" . DC  A 1 13 ? -9.789  2.555   3.567   1.00 97.12  ? 13  DC  A "C3'" 1 
ATOM   257 O  "O3'" . DC  A 1 13 ? -9.733  3.046   4.879   1.00 102.05 ? 13  DC  A "O3'" 1 
ATOM   258 C  "C2'" . DC  A 1 13 ? -8.622  3.081   2.714   1.00 92.14  ? 13  DC  A "C2'" 1 
ATOM   259 C  "C1'" . DC  A 1 13 ? -7.743  1.861   2.561   1.00 82.90  ? 13  DC  A "C1'" 1 
ATOM   260 N  N1    . DC  A 1 13 ? -6.979  1.815   1.308   1.00 78.22  ? 13  DC  A N1    1 
ATOM   261 C  C2    . DC  A 1 13 ? -5.624  2.195   1.300   1.00 86.32  ? 13  DC  A C2    1 
ATOM   262 O  O2    . DC  A 1 13 ? -5.094  2.587   2.356   1.00 89.42  ? 13  DC  A O2    1 
ATOM   263 N  N3    . DC  A 1 13 ? -4.933  2.121   0.137   1.00 84.39  ? 13  DC  A N3    1 
ATOM   264 C  C4    . DC  A 1 13 ? -5.543  1.684   -0.970  1.00 83.50  ? 13  DC  A C4    1 
ATOM   265 N  N4    . DC  A 1 13 ? -4.826  1.629   -2.098  1.00 83.69  ? 13  DC  A N4    1 
ATOM   266 C  C5    . DC  A 1 13 ? -6.912  1.285   -0.971  1.00 80.62  ? 13  DC  A C5    1 
ATOM   267 C  C6    . DC  A 1 13 ? -7.581  1.364   0.179   1.00 79.07  ? 13  DC  A C6    1 
ATOM   268 P  P     . DA  A 1 14 ? -10.135 4.574   5.153   1.00 118.95 ? 14  DA  A P     1 
ATOM   269 O  OP1   . DA  A 1 14 ? -10.844 4.604   6.453   1.00 124.31 ? 14  DA  A OP1   1 
ATOM   270 O  OP2   . DA  A 1 14 ? -10.823 5.097   3.945   1.00 103.30 ? 14  DA  A OP2   1 
ATOM   271 O  "O5'" . DA  A 1 14 ? -8.722  5.290   5.328   1.00 88.84  ? 14  DA  A "O5'" 1 
ATOM   272 C  "C5'" . DA  A 1 14 ? -7.880  4.843   6.358   1.00 93.19  ? 14  DA  A "C5'" 1 
ATOM   273 C  "C4'" . DA  A 1 14 ? -6.540  5.538   6.304   1.00 101.26 ? 14  DA  A "C4'" 1 
ATOM   274 O  "O4'" . DA  A 1 14 ? -5.828  5.142   5.104   1.00 98.55  ? 14  DA  A "O4'" 1 
ATOM   275 C  "C3'" . DA  A 1 14 ? -6.592  7.060   6.275   1.00 93.66  ? 14  DA  A "C3'" 1 
ATOM   276 O  "O3'" . DA  A 1 14 ? -5.506  7.562   7.014   1.00 95.09  ? 14  DA  A "O3'" 1 
ATOM   277 C  "C2'" . DA  A 1 14 ? -6.444  7.364   4.789   1.00 94.88  ? 14  DA  A "C2'" 1 
ATOM   278 C  "C1'" . DA  A 1 14 ? -5.457  6.288   4.374   1.00 88.01  ? 14  DA  A "C1'" 1 
ATOM   279 N  N9    . DA  A 1 14 ? -5.523  5.942   2.970   1.00 81.87  ? 14  DA  A N9    1 
ATOM   280 C  C8    . DA  A 1 14 ? -6.607  5.454   2.311   1.00 80.94  ? 14  DA  A C8    1 
ATOM   281 N  N7    . DA  A 1 14 ? -6.392  5.207   1.045   1.00 80.11  ? 14  DA  A N7    1 
ATOM   282 C  C5    . DA  A 1 14 ? -5.063  5.558   0.859   1.00 81.12  ? 14  DA  A C5    1 
ATOM   283 C  C6    . DA  A 1 14 ? -4.226  5.533   -0.273  1.00 78.75  ? 14  DA  A C6    1 
ATOM   284 N  N6    . DA  A 1 14 ? -4.634  5.121   -1.478  1.00 76.75  ? 14  DA  A N6    1 
ATOM   285 N  N1    . DA  A 1 14 ? -2.952  5.950   -0.120  1.00 76.21  ? 14  DA  A N1    1 
ATOM   286 C  C2    . DA  A 1 14 ? -2.554  6.367   1.090   1.00 79.97  ? 14  DA  A C2    1 
ATOM   287 N  N3    . DA  A 1 14 ? -3.254  6.437   2.227   1.00 82.73  ? 14  DA  A N3    1 
ATOM   288 C  C4    . DA  A 1 14 ? -4.510  6.008   2.041   1.00 80.63  ? 14  DA  A C4    1 
ATOM   289 P  P     . DC  A 1 15 ? -5.352  9.136   7.260   1.00 112.93 ? 15  DC  A P     1 
ATOM   290 O  OP1   . DC  A 1 15 ? -4.431  9.353   8.414   1.00 96.26  ? 15  DC  A OP1   1 
ATOM   291 O  OP2   . DC  A 1 15 ? -6.748  9.646   7.237   1.00 101.45 ? 15  DC  A OP2   1 
ATOM   292 O  "O5'" . DC  A 1 15 ? -4.593  9.644   5.951   1.00 102.36 ? 15  DC  A "O5'" 1 
ATOM   293 C  "C5'" . DC  A 1 15 ? -3.508  8.898   5.465   1.00 94.46  ? 15  DC  A "C5'" 1 
ATOM   294 C  "C4'" . DC  A 1 15 ? -2.278  9.748   5.342   1.00 96.40  ? 15  DC  A "C4'" 1 
ATOM   295 O  "O4'" . DC  A 1 15 ? -1.728  9.578   4.018   1.00 98.10  ? 15  DC  A "O4'" 1 
ATOM   296 C  "C3'" . DC  A 1 15 ? -2.510  11.233  5.473   1.00 99.94  ? 15  DC  A "C3'" 1 
ATOM   297 O  "O3'" . DC  A 1 15 ? -1.275  11.860  5.825   1.00 110.39 ? 15  DC  A "O3'" 1 
ATOM   298 C  "C2'" . DC  A 1 15 ? -2.964  11.603  4.058   1.00 100.75 ? 15  DC  A "C2'" 1 
ATOM   299 C  "C1'" . DC  A 1 15 ? -2.157  10.633  3.183   1.00 94.71  ? 15  DC  A "C1'" 1 
ATOM   300 N  N1    . DC  A 1 15 ? -2.932  10.049  2.047   1.00 84.12  ? 15  DC  A N1    1 
ATOM   301 C  C2    . DC  A 1 15 ? -2.316  9.896   0.796   1.00 81.11  ? 15  DC  A C2    1 
ATOM   302 O  O2    . DC  A 1 15 ? -1.137  10.251  0.665   1.00 82.49  ? 15  DC  A O2    1 
ATOM   303 N  N3    . DC  A 1 15 ? -3.033  9.367   -0.231  1.00 81.30  ? 15  DC  A N3    1 
ATOM   304 C  C4    . DC  A 1 15 ? -4.312  9.001   -0.033  1.00 85.02  ? 15  DC  A C4    1 
ATOM   305 N  N4    . DC  A 1 15 ? -4.990  8.483   -1.064  1.00 74.05  ? 15  DC  A N4    1 
ATOM   306 C  C5    . DC  A 1 15 ? -4.946  9.151   1.237   1.00 90.95  ? 15  DC  A C5    1 
ATOM   307 C  C6    . DC  A 1 15 ? -4.225  9.672   2.238   1.00 86.98  ? 15  DC  A C6    1 
ATOM   308 P  P     . DC  A 1 16 ? -1.165  13.449  6.041   1.00 116.36 ? 16  DC  A P     1 
ATOM   309 O  OP1   . DC  A 1 16 ? 0.020   13.667  6.914   1.00 104.91 ? 16  DC  A OP1   1 
ATOM   310 O  OP2   . DC  A 1 16 ? -2.505  13.992  6.379   1.00 104.45 ? 16  DC  A OP2   1 
ATOM   311 O  "O5'" . DC  A 1 16 ? -0.817  13.997  4.589   1.00 104.81 ? 16  DC  A "O5'" 1 
ATOM   312 C  "C5'" . DC  A 1 16 ? 0.214   13.388  3.831   1.00 101.77 ? 16  DC  A "C5'" 1 
ATOM   313 C  "C4'" . DC  A 1 16 ? 0.488   14.214  2.598   1.00 98.68  ? 16  DC  A "C4'" 1 
ATOM   314 O  "O4'" . DC  A 1 16 ? -0.235  13.683  1.456   1.00 95.52  ? 16  DC  A "O4'" 1 
ATOM   315 C  "C3'" . DC  A 1 16 ? 0.026   15.653  2.701   1.00 99.80  ? 16  DC  A "C3'" 1 
ATOM   316 O  "O3'" . DC  A 1 16 ? 0.827   16.404  1.866   1.00 102.98 ? 16  DC  A "O3'" 1 
ATOM   317 C  "C2'" . DC  A 1 16 ? -1.385  15.571  2.142   1.00 93.20  ? 16  DC  A "C2'" 1 
ATOM   318 C  "C1'" . DC  A 1 16 ? -1.101  14.685  0.959   1.00 90.71  ? 16  DC  A "C1'" 1 
ATOM   319 N  N1    . DC  A 1 16 ? -2.282  14.041  0.393   1.00 90.46  ? 16  DC  A N1    1 
ATOM   320 C  C2    . DC  A 1 16 ? -2.253  13.648  -0.949  1.00 91.12  ? 16  DC  A C2    1 
ATOM   321 O  O2    . DC  A 1 16 ? -1.223  13.866  -1.614  1.00 89.20  ? 16  DC  A O2    1 
ATOM   322 N  N3    . DC  A 1 16 ? -3.347  13.039  -1.482  1.00 87.16  ? 16  DC  A N3    1 
ATOM   323 C  C4    . DC  A 1 16 ? -4.425  12.827  -0.719  1.00 87.78  ? 16  DC  A C4    1 
ATOM   324 N  N4    . DC  A 1 16 ? -5.472  12.222  -1.282  1.00 87.40  ? 16  DC  A N4    1 
ATOM   325 C  C5    . DC  A 1 16 ? -4.472  13.222  0.658   1.00 89.74  ? 16  DC  A C5    1 
ATOM   326 C  C6    . DC  A 1 16 ? -3.385  13.820  1.170   1.00 89.39  ? 16  DC  A C6    1 
ATOM   327 P  P     . DA  A 1 17 ? 1.110   17.935  2.202   1.00 105.93 ? 17  DA  A P     1 
ATOM   328 O  OP1   . DA  A 1 17 ? 2.200   17.983  3.224   1.00 88.79  ? 17  DA  A OP1   1 
ATOM   329 O  OP2   . DA  A 1 17 ? -0.229  18.537  2.428   1.00 98.16  ? 17  DA  A OP2   1 
ATOM   330 O  "O5'" . DA  A 1 17 ? 1.670   18.505  0.828   1.00 97.10  ? 17  DA  A "O5'" 1 
ATOM   331 C  "C5'" . DA  A 1 17 ? 2.913   18.060  0.346   1.00 94.21  ? 17  DA  A "C5'" 1 
ATOM   332 C  "C4'" . DA  A 1 17 ? 2.866   17.948  -1.157  1.00 98.20  ? 17  DA  A "C4'" 1 
ATOM   333 O  "O4'" . DA  A 1 17 ? 1.651   17.269  -1.558  1.00 98.31  ? 17  DA  A "O4'" 1 
ATOM   334 C  "C3'" . DA  A 1 17 ? 2.846   19.259  -1.899  1.00 98.62  ? 17  DA  A "C3'" 1 
ATOM   335 O  "O3'" . DA  A 1 17 ? 3.485   19.072  -3.132  1.00 104.63 ? 17  DA  A "O3'" 1 
ATOM   336 C  "C2'" . DA  A 1 17 ? 1.343   19.531  -2.066  1.00 93.79  ? 17  DA  A "C2'" 1 
ATOM   337 C  "C1'" . DA  A 1 17 ? 0.804   18.134  -2.277  1.00 88.02  ? 17  DA  A "C1'" 1 
ATOM   338 N  N9    . DA  A 1 17 ? -0.528  17.905  -1.760  1.00 90.97  ? 17  DA  A N9    1 
ATOM   339 C  C8    . DA  A 1 17 ? -0.985  18.173  -0.500  1.00 90.55  ? 17  DA  A C8    1 
ATOM   340 N  N7    . DA  A 1 17 ? -2.231  17.796  -0.299  1.00 92.36  ? 17  DA  A N7    1 
ATOM   341 C  C5    . DA  A 1 17 ? -2.600  17.210  -1.504  1.00 91.02  ? 17  DA  A C5    1 
ATOM   342 C  C6    . DA  A 1 17 ? -3.802  16.601  -1.952  1.00 91.19  ? 17  DA  A C6    1 
ATOM   343 N  N6    . DA  A 1 17 ? -4.901  16.482  -1.194  1.00 91.05  ? 17  DA  A N6    1 
ATOM   344 N  N1    . DA  A 1 17 ? -3.826  16.115  -3.220  1.00 89.65  ? 17  DA  A N1    1 
ATOM   345 C  C2    . DA  A 1 17 ? -2.723  16.240  -3.975  1.00 89.64  ? 17  DA  A C2    1 
ATOM   346 N  N3    . DA  A 1 17 ? -1.546  16.793  -3.666  1.00 87.89  ? 17  DA  A N3    1 
ATOM   347 C  C4    . DA  A 1 17 ? -1.550  17.257  -2.406  1.00 91.12  ? 17  DA  A C4    1 
ATOM   348 P  P     . DC  A 1 18 ? 3.908   20.337  -4.015  1.00 117.15 ? 18  DC  A P     1 
ATOM   349 O  OP1   . DC  A 1 18 ? 4.856   19.876  -5.054  1.00 116.48 ? 18  DC  A OP1   1 
ATOM   350 O  OP2   . DC  A 1 18 ? 4.360   21.387  -3.074  1.00 113.05 ? 18  DC  A OP2   1 
ATOM   351 O  "O5'" . DC  A 1 18 ? 2.521   20.773  -4.689  1.00 100.96 ? 18  DC  A "O5'" 1 
ATOM   352 C  "C5'" . DC  A 1 18 ? 2.452   20.983  -6.073  1.00 103.31 ? 18  DC  A "C5'" 1 
ATOM   353 C  "C4'" . DC  A 1 18 ? 1.215   20.337  -6.648  1.00 100.28 ? 18  DC  A "C4'" 1 
ATOM   354 O  "O4'" . DC  A 1 18 ? 0.341   19.923  -5.594  1.00 100.09 ? 18  DC  A "O4'" 1 
ATOM   355 C  "C3'" . DC  A 1 18 ? 0.358   21.256  -7.489  1.00 104.31 ? 18  DC  A "C3'" 1 
ATOM   356 O  "O3'" . DC  A 1 18 ? 0.757   21.178  -8.836  1.00 112.93 ? 18  DC  A "O3'" 1 
ATOM   357 C  "C2'" . DC  A 1 18 ? -1.075  20.721  -7.288  1.00 101.20 ? 18  DC  A "C2'" 1 
ATOM   358 C  "C1'" . DC  A 1 18 ? -0.920  19.693  -6.173  1.00 94.00  ? 18  DC  A "C1'" 1 
ATOM   359 N  N1    . DC  A 1 18 ? -1.960  19.734  -5.098  1.00 86.71  ? 18  DC  A N1    1 
ATOM   360 C  C2    . DC  A 1 18 ? -3.226  19.176  -5.325  1.00 91.61  ? 18  DC  A C2    1 
ATOM   361 O  O2    . DC  A 1 18 ? -3.486  18.700  -6.434  1.00 91.02  ? 18  DC  A O2    1 
ATOM   362 N  N3    . DC  A 1 18 ? -4.140  19.184  -4.316  1.00 93.21  ? 18  DC  A N3    1 
ATOM   363 C  C4    . DC  A 1 18 ? -3.819  19.712  -3.131  1.00 93.78  ? 18  DC  A C4    1 
ATOM   364 N  N4    . DC  A 1 18 ? -4.749  19.707  -2.164  1.00 97.20  ? 18  DC  A N4    1 
ATOM   365 C  C5    . DC  A 1 18 ? -2.531  20.274  -2.882  1.00 86.10  ? 18  DC  A C5    1 
ATOM   366 C  C6    . DC  A 1 18 ? -1.642  20.253  -3.879  1.00 86.71  ? 18  DC  A C6    1 
ATOM   367 P  P     . DT  A 1 19 ? 0.413   22.393  -9.827  1.00 131.38 ? 19  DT  A P     1 
ATOM   368 O  OP1   . DT  A 1 19 ? 1.354   22.318  -10.972 1.00 130.71 ? 19  DT  A OP1   1 
ATOM   369 O  OP2   . DT  A 1 19 ? 0.347   23.612  -8.990  1.00 122.30 ? 19  DT  A OP2   1 
ATOM   370 O  "O5'" . DT  A 1 19 ? -1.065  22.064  -10.342 1.00 104.41 ? 19  DT  A "O5'" 1 
ATOM   371 C  "C5'" . DT  A 1 19 ? -1.282  20.865  -11.036 1.00 111.13 ? 19  DT  A "C5'" 1 
ATOM   372 C  "C4'" . DT  A 1 19 ? -2.746  20.524  -11.051 1.00 111.92 ? 19  DT  A "C4'" 1 
ATOM   373 O  "O4'" . DT  A 1 19 ? -3.240  20.489  -9.702  1.00 105.30 ? 19  DT  A "O4'" 1 
ATOM   374 C  "C3'" . DT  A 1 19 ? -3.611  21.526  -11.794 1.00 112.30 ? 19  DT  A "C3'" 1 
ATOM   375 O  "O3'" . DT  A 1 19 ? -4.229  20.886  -12.881 1.00 112.93 ? 19  DT  A "O3'" 1 
ATOM   376 C  "C2'" . DT  A 1 19 ? -4.632  22.015  -10.748 1.00 114.74 ? 19  DT  A "C2'" 1 
ATOM   377 C  "C1'" . DT  A 1 19 ? -4.568  20.932  -9.694  1.00 101.90 ? 19  DT  A "C1'" 1 
ATOM   378 N  N1    . DT  A 1 19 ? -4.864  21.370  -8.300  1.00 97.48  ? 19  DT  A N1    1 
ATOM   379 C  C2    . DT  A 1 19 ? -6.029  20.960  -7.705  1.00 96.53  ? 19  DT  A C2    1 
ATOM   380 O  O2    . DT  A 1 19 ? -6.873  20.299  -8.285  1.00 97.30  ? 19  DT  A O2    1 
ATOM   381 N  N3    . DT  A 1 19 ? -6.184  21.374  -6.401  1.00 92.60  ? 19  DT  A N3    1 
ATOM   382 C  C4    . DT  A 1 19 ? -5.294  22.126  -5.652  1.00 93.72  ? 19  DT  A C4    1 
ATOM   383 O  O4    . DT  A 1 19 ? -5.519  22.448  -4.484  1.00 92.34  ? 19  DT  A O4    1 
ATOM   384 C  C5    . DT  A 1 19 ? -4.082  22.505  -6.336  1.00 92.50  ? 19  DT  A C5    1 
ATOM   385 C  C7    . DT  A 1 19 ? -3.045  23.319  -5.626  1.00 85.13  ? 19  DT  A C7    1 
ATOM   386 C  C6    . DT  A 1 19 ? -3.928  22.113  -7.610  1.00 94.83  ? 19  DT  A C6    1 
ATOM   387 P  P     . DC  A 1 20 ? -4.509  21.710  -14.231 1.00 138.06 ? 20  DC  A P     1 
ATOM   388 O  OP1   . DC  A 1 20 ? -4.274  20.822  -15.389 1.00 139.35 ? 20  DC  A OP1   1 
ATOM   389 O  OP2   . DC  A 1 20 ? -3.767  22.992  -14.126 1.00 129.13 ? 20  DC  A OP2   1 
ATOM   390 O  "O5'" . DC  A 1 20 ? -6.075  21.995  -14.151 1.00 128.80 ? 20  DC  A "O5'" 1 
ATOM   391 C  "C5'" . DC  A 1 20 ? -6.905  21.128  -13.385 1.00 125.22 ? 20  DC  A "C5'" 1 
ATOM   392 C  "C4'" . DC  A 1 20 ? -8.070  21.900  -12.810 1.00 123.60 ? 20  DC  A "C4'" 1 
ATOM   393 O  "O4'" . DC  A 1 20 ? -7.827  22.213  -11.406 1.00 119.22 ? 20  DC  A "O4'" 1 
ATOM   394 C  "C3'" . DC  A 1 20 ? -8.321  23.244  -13.497 1.00 124.85 ? 20  DC  A "C3'" 1 
ATOM   395 O  "O3'" . DC  A 1 20 ? -9.703  23.391  -13.741 1.00 126.07 ? 20  DC  A "O3'" 1 
ATOM   396 C  "C2'" . DC  A 1 20 ? -7.819  24.256  -12.463 1.00 122.01 ? 20  DC  A "C2'" 1 
ATOM   397 C  "C1'" . DC  A 1 20 ? -8.221  23.543  -11.190 1.00 115.64 ? 20  DC  A "C1'" 1 
ATOM   398 N  N1    . DC  A 1 20 ? -7.590  24.083  -9.925  1.00 108.35 ? 20  DC  A N1    1 
ATOM   399 C  C2    . DC  A 1 20 ? -8.288  23.957  -8.713  1.00 107.61 ? 20  DC  A C2    1 
ATOM   400 O  O2    . DC  A 1 20 ? -9.387  23.378  -8.715  1.00 106.95 ? 20  DC  A O2    1 
ATOM   401 N  N3    . DC  A 1 20 ? -7.733  24.458  -7.573  1.00 104.76 ? 20  DC  A N3    1 
ATOM   402 C  C4    . DC  A 1 20 ? -6.539  25.069  -7.620  1.00 104.10 ? 20  DC  A C4    1 
ATOM   403 N  N4    . DC  A 1 20 ? -6.028  25.543  -6.470  1.00 98.20  ? 20  DC  A N4    1 
ATOM   404 C  C5    . DC  A 1 20 ? -5.817  25.216  -8.851  1.00 101.52 ? 20  DC  A C5    1 
ATOM   405 C  C6    . DC  A 1 20 ? -6.382  24.724  -9.969  1.00 103.18 ? 20  DC  A C6    1 
ATOM   406 P  P     . DA  A 1 21 ? -10.249 23.529  -15.244 1.00 130.90 ? 21  DA  A P     1 
ATOM   407 O  OP1   . DA  A 1 21 ? -9.662  22.442  -16.061 1.00 131.67 ? 21  DA  A OP1   1 
ATOM   408 O  OP2   . DA  A 1 21 ? -10.014 24.936  -15.642 1.00 128.61 ? 21  DA  A OP2   1 
ATOM   409 O  "O5'" . DA  A 1 21 ? -11.830 23.286  -15.088 1.00 128.83 ? 21  DA  A "O5'" 1 
ATOM   410 C  "C5'" . DA  A 1 21 ? -12.318 22.257  -14.210 1.00 128.08 ? 21  DA  A "C5'" 1 
ATOM   411 C  "C4'" . DA  A 1 21 ? -13.399 22.786  -13.267 1.00 127.57 ? 21  DA  A "C4'" 1 
ATOM   412 O  "O4'" . DA  A 1 21 ? -12.791 23.390  -12.093 1.00 126.46 ? 21  DA  A "O4'" 1 
ATOM   413 C  "C3'" . DA  A 1 21 ? -14.319 23.853  -13.846 1.00 132.25 ? 21  DA  A "C3'" 1 
ATOM   414 O  "O3'" . DA  A 1 21 ? -15.623 23.712  -13.297 1.00 139.19 ? 21  DA  A "O3'" 1 
ATOM   415 C  "C2'" . DA  A 1 21 ? -13.660 25.151  -13.384 1.00 130.43 ? 21  DA  A "C2'" 1 
ATOM   416 C  "C1'" . DA  A 1 21 ? -13.147 24.758  -12.009 1.00 123.75 ? 21  DA  A "C1'" 1 
ATOM   417 N  N9    . DA  A 1 21 ? -11.964 25.501  -11.589 1.00 122.28 ? 21  DA  A N9    1 
ATOM   418 C  C8    . DA  A 1 21 ? -10.916 25.909  -12.373 1.00 120.00 ? 21  DA  A C8    1 
ATOM   419 N  N7    . DA  A 1 21 ? -9.976  26.548  -11.711 1.00 113.57 ? 21  DA  A N7    1 
ATOM   420 C  C5    . DA  A 1 21 ? -10.436 26.550  -10.404 1.00 115.17 ? 21  DA  A C5    1 
ATOM   421 C  C6    . DA  A 1 21 ? -9.901  27.069  -9.210  1.00 114.42 ? 21  DA  A C6    1 
ATOM   422 N  N6    . DA  A 1 21 ? -8.728  27.713  -9.148  1.00 109.52 ? 21  DA  A N6    1 
ATOM   423 N  N1    . DA  A 1 21 ? -10.622 26.900  -8.074  1.00 117.58 ? 21  DA  A N1    1 
ATOM   424 C  C2    . DA  A 1 21 ? -11.790 26.248  -8.142  1.00 117.71 ? 21  DA  A C2    1 
ATOM   425 N  N3    . DA  A 1 21 ? -12.395 25.719  -9.203  1.00 119.30 ? 21  DA  A N3    1 
ATOM   426 C  C4    . DA  A 1 21 ? -11.658 25.905  -10.312 1.00 120.23 ? 21  DA  A C4    1 
ATOM   427 P  P     . DT  B 2 1  ? 4.510   3.586   -6.543  1.00 78.18  ? 1   DT  B P     1 
ATOM   428 O  OP1   . DT  B 2 1  ? 5.165   3.892   -7.832  1.00 67.77  ? 1   DT  B OP1   1 
ATOM   429 O  OP2   . DT  B 2 1  ? 3.418   2.585   -6.489  1.00 70.22  ? 1   DT  B OP2   1 
ATOM   430 O  "O5'" . DT  B 2 1  ? 3.957   4.970   -5.930  1.00 74.04  ? 1   DT  B "O5'" 1 
ATOM   431 C  "C5'" . DT  B 2 1  ? 4.874   5.969   -5.446  1.00 74.89  ? 1   DT  B "C5'" 1 
ATOM   432 C  "C4'" . DT  B 2 1  ? 4.297   6.716   -4.249  1.00 64.98  ? 1   DT  B "C4'" 1 
ATOM   433 O  "O4'" . DT  B 2 1  ? 2.900   6.919   -4.457  1.00 64.11  ? 1   DT  B "O4'" 1 
ATOM   434 C  "C3'" . DT  B 2 1  ? 4.310   5.962   -2.939  1.00 70.61  ? 1   DT  B "C3'" 1 
ATOM   435 O  "O3'" . DT  B 2 1  ? 5.575   5.985   -2.355  1.00 74.81  ? 1   DT  B "O3'" 1 
ATOM   436 C  "C2'" . DT  B 2 1  ? 3.282   6.721   -2.124  1.00 55.05  ? 1   DT  B "C2'" 1 
ATOM   437 C  "C1'" . DT  B 2 1  ? 2.277   7.109   -3.204  1.00 61.01  ? 1   DT  B "C1'" 1 
ATOM   438 N  N1    . DT  B 2 1  ? 0.988   6.359   -3.219  1.00 64.48  ? 1   DT  B N1    1 
ATOM   439 C  C2    . DT  B 2 1  ? 0.229   6.263   -2.075  1.00 68.64  ? 1   DT  B C2    1 
ATOM   440 O  O2    . DT  B 2 1  ? 0.577   6.717   -1.002  1.00 75.01  ? 1   DT  B O2    1 
ATOM   441 N  N3    . DT  B 2 1  ? -0.950  5.594   -2.225  1.00 63.25  ? 1   DT  B N3    1 
ATOM   442 C  C4    . DT  B 2 1  ? -1.451  5.050   -3.388  1.00 68.72  ? 1   DT  B C4    1 
ATOM   443 O  O4    . DT  B 2 1  ? -2.531  4.462   -3.430  1.00 76.49  ? 1   DT  B O4    1 
ATOM   444 C  C5    . DT  B 2 1  ? -0.617  5.202   -4.553  1.00 63.94  ? 1   DT  B C5    1 
ATOM   445 C  C7    . DT  B 2 1  ? -1.058  4.633   -5.872  1.00 67.77  ? 1   DT  B C7    1 
ATOM   446 C  C6    . DT  B 2 1  ? 0.546   5.843   -4.414  1.00 60.55  ? 1   DT  B C6    1 
ATOM   447 P  P     . DG  B 2 2  ? 6.302   4.572   -2.123  1.00 85.08  ? 2   DG  B P     1 
ATOM   448 O  OP1   . DG  B 2 2  ? 7.773   4.760   -2.226  1.00 90.84  ? 2   DG  B OP1   1 
ATOM   449 O  OP2   . DG  B 2 2  ? 5.583   3.633   -3.031  1.00 70.92  ? 2   DG  B OP2   1 
ATOM   450 O  "O5'" . DG  B 2 2  ? 5.957   4.210   -0.601  1.00 72.89  ? 2   DG  B "O5'" 1 
ATOM   451 C  "C5'" . DG  B 2 2  ? 6.012   5.216   0.391   1.00 69.69  ? 2   DG  B "C5'" 1 
ATOM   452 C  "C4'" . DG  B 2 2  ? 4.698   5.275   1.109   1.00 70.38  ? 2   DG  B "C4'" 1 
ATOM   453 O  "O4'" . DG  B 2 2  ? 3.676   4.885   0.196   1.00 72.69  ? 2   DG  B "O4'" 1 
ATOM   454 C  "C3'" . DG  B 2 2  ? 4.565   4.281   2.247   1.00 80.14  ? 2   DG  B "C3'" 1 
ATOM   455 O  "O3'" . DG  B 2 2  ? 4.626   4.934   3.482   1.00 84.42  ? 2   DG  B "O3'" 1 
ATOM   456 C  "C2'" . DG  B 2 2  ? 3.191   3.610   2.031   1.00 77.67  ? 2   DG  B "C2'" 1 
ATOM   457 C  "C1'" . DG  B 2 2  ? 2.589   4.465   0.954   1.00 72.39  ? 2   DG  B "C1'" 1 
ATOM   458 N  N9    . DG  B 2 2  ? 1.670   3.778   0.080   1.00 70.08  ? 2   DG  B N9    1 
ATOM   459 C  C8    . DG  B 2 2  ? 1.906   3.400   -1.221  1.00 76.46  ? 2   DG  B C8    1 
ATOM   460 N  N7    . DG  B 2 2  ? 0.881   2.824   -1.797  1.00 73.86  ? 2   DG  B N7    1 
ATOM   461 C  C5    . DG  B 2 2  ? -0.094  2.826   -0.817  1.00 74.80  ? 2   DG  B C5    1 
ATOM   462 C  C6    . DG  B 2 2  ? -1.400  2.325   -0.862  1.00 77.32  ? 2   DG  B C6    1 
ATOM   463 O  O6    . DG  B 2 2  ? -1.963  1.769   -1.809  1.00 77.61  ? 2   DG  B O6    1 
ATOM   464 N  N1    . DG  B 2 2  ? -2.074  2.521   0.339   1.00 81.89  ? 2   DG  B N1    1 
ATOM   465 C  C2    . DG  B 2 2  ? -1.536  3.132   1.456   1.00 85.82  ? 2   DG  B C2    1 
ATOM   466 N  N2    . DG  B 2 2  ? -2.349  3.228   2.519   1.00 88.67  ? 2   DG  B N2    1 
ATOM   467 N  N3    . DG  B 2 2  ? -0.286  3.614   1.521   1.00 74.58  ? 2   DG  B N3    1 
ATOM   468 C  C4    . DG  B 2 2  ? 0.370   3.425   0.348   1.00 73.98  ? 2   DG  B C4    1 
ATOM   469 P  P     . DT  B 2 3  ? 4.653   4.034   4.812   1.00 111.29 ? 3   DT  B P     1 
ATOM   470 O  OP1   . DT  B 2 3  ? 5.136   4.856   5.948   1.00 96.88  ? 3   DT  B OP1   1 
ATOM   471 O  OP2   . DT  B 2 3  ? 5.350   2.755   4.485   1.00 88.96  ? 3   DT  B OP2   1 
ATOM   472 O  "O5'" . DT  B 2 3  ? 3.115   3.675   5.032   1.00 87.24  ? 3   DT  B "O5'" 1 
ATOM   473 C  "C5'" . DT  B 2 3  ? 2.798   2.577   5.803   1.00 87.26  ? 3   DT  B "C5'" 1 
ATOM   474 C  "C4'" . DT  B 2 3  ? 1.565   2.852   6.604   1.00 83.23  ? 3   DT  B "C4'" 1 
ATOM   475 O  "O4'" . DT  B 2 3  ? 0.432   2.822   5.716   1.00 85.49  ? 3   DT  B "O4'" 1 
ATOM   476 C  "C3'" . DT  B 2 3  ? 1.274   1.794   7.633   1.00 83.75  ? 3   DT  B "C3'" 1 
ATOM   477 O  "O3'" . DT  B 2 3  ? 0.407   2.295   8.614   1.00 83.08  ? 3   DT  B "O3'" 1 
ATOM   478 C  "C2'" . DT  B 2 3  ? 0.605   0.728   6.787   1.00 84.42  ? 3   DT  B "C2'" 1 
ATOM   479 C  "C1'" . DT  B 2 3  ? -0.201  1.560   5.796   1.00 82.39  ? 3   DT  B "C1'" 1 
ATOM   480 N  N1    . DT  B 2 3  ? -0.262  0.971   4.418   1.00 84.06  ? 3   DT  B N1    1 
ATOM   481 C  C2    . DT  B 2 3  ? -1.467  0.535   3.937   1.00 84.98  ? 3   DT  B C2    1 
ATOM   482 O  O2    . DT  B 2 3  ? -2.501  0.593   4.574   1.00 88.05  ? 3   DT  B O2    1 
ATOM   483 N  N3    . DT  B 2 3  ? -1.423  0.020   2.670   1.00 86.31  ? 3   DT  B N3    1 
ATOM   484 C  C4    . DT  B 2 3  ? -0.317  -0.103  1.851   1.00 84.19  ? 3   DT  B C4    1 
ATOM   485 O  O4    . DT  B 2 3  ? -0.375  -0.583  0.724   1.00 85.50  ? 3   DT  B O4    1 
ATOM   486 C  C5    . DT  B 2 3  ? 0.911   0.367   2.409   1.00 81.40  ? 3   DT  B C5    1 
ATOM   487 C  C7    . DT  B 2 3  ? 2.167   0.273   1.602   1.00 81.46  ? 3   DT  B C7    1 
ATOM   488 C  C6    . DT  B 2 3  ? 0.887   0.881   3.654   1.00 84.53  ? 3   DT  B C6    1 
ATOM   489 P  P     . DC  B 2 4  ? 0.190   1.451   9.960   1.00 90.22  ? 4   DC  B P     1 
ATOM   490 O  OP1   . DC  B 2 4  ? -0.460  2.289   10.991  1.00 82.77  ? 4   DC  B OP1   1 
ATOM   491 O  OP2   . DC  B 2 4  ? 1.513   0.859   10.269  1.00 89.54  ? 4   DC  B OP2   1 
ATOM   492 O  "O5'" . DC  B 2 4  ? -0.873  0.332   9.517   1.00 88.78  ? 4   DC  B "O5'" 1 
ATOM   493 C  "C5'" . DC  B 2 4  ? -2.250  0.616   9.625   1.00 79.45  ? 4   DC  B "C5'" 1 
ATOM   494 C  "C4'" . DC  B 2 4  ? -3.093  -0.515  9.073   1.00 83.79  ? 4   DC  B "C4'" 1 
ATOM   495 O  "O4'" . DC  B 2 4  ? -2.666  -0.837  7.749   1.00 81.97  ? 4   DC  B "O4'" 1 
ATOM   496 C  "C3'" . DC  B 2 4  ? -3.055  -1.828  9.853   1.00 77.43  ? 4   DC  B "C3'" 1 
ATOM   497 O  "O3'" . DC  B 2 4  ? -4.358  -2.125  10.292  1.00 71.77  ? 4   DC  B "O3'" 1 
ATOM   498 C  "C2'" . DC  B 2 4  ? -2.549  -2.869  8.832   1.00 78.07  ? 4   DC  B "C2'" 1 
ATOM   499 C  "C1'" . DC  B 2 4  ? -2.902  -2.201  7.526   1.00 78.09  ? 4   DC  B "C1'" 1 
ATOM   500 N  N1    . DC  B 2 4  ? -2.073  -2.535  6.375   1.00 81.27  ? 4   DC  B N1    1 
ATOM   501 C  C2    . DC  B 2 4  ? -2.651  -3.131  5.252   1.00 85.23  ? 4   DC  B C2    1 
ATOM   502 O  O2    . DC  B 2 4  ? -3.840  -3.472  5.298   1.00 86.04  ? 4   DC  B O2    1 
ATOM   503 N  N3    . DC  B 2 4  ? -1.882  -3.353  4.161   1.00 84.06  ? 4   DC  B N3    1 
ATOM   504 C  C4    . DC  B 2 4  ? -0.607  -2.967  4.160   1.00 87.50  ? 4   DC  B C4    1 
ATOM   505 N  N4    . DC  B 2 4  ? 0.119   -3.206  3.065   1.00 94.22  ? 4   DC  B N4    1 
ATOM   506 C  C5    . DC  B 2 4  ? -0.015  -2.327  5.284   1.00 83.06  ? 4   DC  B C5    1 
ATOM   507 C  C6    . DC  B 2 4  ? -0.785  -2.120  6.351   1.00 79.54  ? 4   DC  B C6    1 
ATOM   508 P  P     . DT  B 2 5  ? -4.566  -2.894  11.680  1.00 79.44  ? 5   DT  B P     1 
ATOM   509 O  OP1   . DT  B 2 5  ? -5.540  -2.181  12.539  1.00 81.46  ? 5   DT  B OP1   1 
ATOM   510 O  OP2   . DT  B 2 5  ? -3.216  -3.117  12.236  1.00 82.82  ? 5   DT  B OP2   1 
ATOM   511 O  "O5'" . DT  B 2 5  ? -5.173  -4.276  11.195  1.00 73.30  ? 5   DT  B "O5'" 1 
ATOM   512 C  "C5'" . DT  B 2 5  ? -5.607  -4.406  9.836   1.00 85.89  ? 5   DT  B "C5'" 1 
ATOM   513 C  "C4'" . DT  B 2 5  ? -5.493  -5.853  9.381   1.00 84.18  ? 5   DT  B "C4'" 1 
ATOM   514 O  "O4'" . DT  B 2 5  ? -4.930  -5.909  8.059   1.00 89.32  ? 5   DT  B "O4'" 1 
ATOM   515 C  "C3'" . DT  B 2 5  ? -4.552  -6.651  10.219  1.00 79.10  ? 5   DT  B "C3'" 1 
ATOM   516 O  "O3'" . DT  B 2 5  ? -5.262  -7.207  11.282  1.00 76.84  ? 5   DT  B "O3'" 1 
ATOM   517 C  "C2'" . DT  B 2 5  ? -4.048  -7.718  9.268   1.00 72.54  ? 5   DT  B "C2'" 1 
ATOM   518 C  "C1'" . DT  B 2 5  ? -4.174  -7.082  7.907   1.00 71.56  ? 5   DT  B "C1'" 1 
ATOM   519 N  N1    . DT  B 2 5  ? -2.875  -6.736  7.291   1.00 70.44  ? 5   DT  B N1    1 
ATOM   520 C  C2    . DT  B 2 5  ? -2.723  -6.909  5.941   1.00 81.80  ? 5   DT  B C2    1 
ATOM   521 O  O2    . DT  B 2 5  ? -3.610  -7.329  5.223   1.00 89.33  ? 5   DT  B O2    1 
ATOM   522 N  N3    . DT  B 2 5  ? -1.500  -6.555  5.445   1.00 78.73  ? 5   DT  B N3    1 
ATOM   523 C  C4    . DT  B 2 5  ? -0.439  -6.056  6.151   1.00 80.88  ? 5   DT  B C4    1 
ATOM   524 O  O4    . DT  B 2 5  ? 0.623   -5.767  5.616   1.00 86.35  ? 5   DT  B O4    1 
ATOM   525 C  C5    . DT  B 2 5  ? -0.658  -5.897  7.566   1.00 76.71  ? 5   DT  B C5    1 
ATOM   526 C  C7    . DT  B 2 5  ? 0.440   -5.368  8.432   1.00 67.24  ? 5   DT  B C7    1 
ATOM   527 C  C6    . DT  B 2 5  ? -1.861  -6.236  8.064   1.00 71.90  ? 5   DT  B C6    1 
ATOM   528 O  "O5'" . DT  C 3 1  ? -4.214  37.321  -7.136  1.00 135.65 ? 1   DT  C "O5'" 1 
ATOM   529 C  "C5'" . DT  C 3 1  ? -4.254  38.239  -6.059  1.00 135.52 ? 1   DT  C "C5'" 1 
ATOM   530 C  "C4'" . DT  C 3 1  ? -5.346  37.864  -5.078  1.00 136.28 ? 1   DT  C "C4'" 1 
ATOM   531 O  "O4'" . DT  C 3 1  ? -6.582  37.618  -5.798  1.00 133.77 ? 1   DT  C "O4'" 1 
ATOM   532 C  "C3'" . DT  C 3 1  ? -5.081  36.595  -4.283  1.00 134.46 ? 1   DT  C "C3'" 1 
ATOM   533 O  "O3'" . DT  C 3 1  ? -5.616  36.720  -2.990  1.00 136.82 ? 1   DT  C "O3'" 1 
ATOM   534 C  "C2'" . DT  C 3 1  ? -5.829  35.542  -5.079  1.00 133.03 ? 1   DT  C "C2'" 1 
ATOM   535 C  "C1'" . DT  C 3 1  ? -7.051  36.324  -5.496  1.00 129.28 ? 1   DT  C "C1'" 1 
ATOM   536 N  N1    . DT  C 3 1  ? -7.714  35.781  -6.699  1.00 132.34 ? 1   DT  C N1    1 
ATOM   537 C  C2    . DT  C 3 1  ? -8.963  35.218  -6.581  1.00 135.29 ? 1   DT  C C2    1 
ATOM   538 O  O2    . DT  C 3 1  ? -9.553  35.125  -5.519  1.00 136.79 ? 1   DT  C O2    1 
ATOM   539 N  N3    . DT  C 3 1  ? -9.496  34.746  -7.756  1.00 133.22 ? 1   DT  C N3    1 
ATOM   540 C  C4    . DT  C 3 1  ? -8.917  34.792  -9.011  1.00 133.38 ? 1   DT  C C4    1 
ATOM   541 O  O4    . DT  C 3 1  ? -9.479  34.341  -10.010 1.00 130.31 ? 1   DT  C O4    1 
ATOM   542 C  C5    . DT  C 3 1  ? -7.604  35.405  -9.062  1.00 133.64 ? 1   DT  C C5    1 
ATOM   543 C  C7    . DT  C 3 1  ? -6.867  35.510  -10.360 1.00 132.19 ? 1   DT  C C7    1 
ATOM   544 C  C6    . DT  C 3 1  ? -7.075  35.866  -7.917  1.00 132.37 ? 1   DT  C C6    1 
ATOM   545 P  P     . DC  C 3 2  ? -5.009  35.830  -1.802  1.00 161.37 ? 2   DC  C P     1 
ATOM   546 O  OP1   . DC  C 3 2  ? -3.790  36.522  -1.309  1.00 145.85 ? 2   DC  C OP1   1 
ATOM   547 O  OP2   . DC  C 3 2  ? -4.945  34.430  -2.285  1.00 155.98 ? 2   DC  C OP2   1 
ATOM   548 O  "O5'" . DC  C 3 2  ? -6.144  35.834  -0.679  1.00 153.43 ? 2   DC  C "O5'" 1 
ATOM   549 C  "C5'" . DC  C 3 2  ? -6.365  34.659  0.099   1.00 145.91 ? 2   DC  C "C5'" 1 
ATOM   550 C  "C4'" . DC  C 3 2  ? -7.794  34.190  -0.045  1.00 140.33 ? 2   DC  C "C4'" 1 
ATOM   551 O  "O4'" . DC  C 3 2  ? -8.177  34.192  -1.450  1.00 136.63 ? 2   DC  C "O4'" 1 
ATOM   552 C  "C3'" . DC  C 3 2  ? -8.067  32.772  0.463   1.00 140.30 ? 2   DC  C "C3'" 1 
ATOM   553 O  "O3'" . DC  C 3 2  ? -9.275  32.769  1.221   1.00 150.78 ? 2   DC  C "O3'" 1 
ATOM   554 C  "C2'" . DC  C 3 2  ? -8.223  31.983  -0.834  1.00 142.38 ? 2   DC  C "C2'" 1 
ATOM   555 C  "C1'" . DC  C 3 2  ? -8.903  33.022  -1.696  1.00 136.70 ? 2   DC  C "C1'" 1 
ATOM   556 N  N1    . DC  C 3 2  ? -8.869  32.720  -3.146  1.00 132.47 ? 2   DC  C N1    1 
ATOM   557 C  C2    . DC  C 3 2  ? -10.017 32.207  -3.769  1.00 134.14 ? 2   DC  C C2    1 
ATOM   558 O  O2    . DC  C 3 2  ? -11.039 32.022  -3.092  1.00 134.39 ? 2   DC  C O2    1 
ATOM   559 N  N3    . DC  C 3 2  ? -9.977  31.930  -5.099  1.00 130.56 ? 2   DC  C N3    1 
ATOM   560 C  C4    . DC  C 3 2  ? -8.853  32.141  -5.789  1.00 128.56 ? 2   DC  C C4    1 
ATOM   561 N  N4    . DC  C 3 2  ? -8.859  31.855  -7.096  1.00 124.63 ? 2   DC  C N4    1 
ATOM   562 C  C5    . DC  C 3 2  ? -7.672  32.657  -5.168  1.00 126.74 ? 2   DC  C C5    1 
ATOM   563 C  C6    . DC  C 3 2  ? -7.728  32.934  -3.858  1.00 130.18 ? 2   DC  C C6    1 
ATOM   564 P  P     . DT  C 3 3  ? -9.791  31.432  1.958   1.00 170.37 ? 3   DT  C P     1 
ATOM   565 O  OP1   . DT  C 3 3  ? -10.979 31.794  2.765   1.00 168.68 ? 3   DT  C OP1   1 
ATOM   566 O  OP2   . DT  C 3 3  ? -8.630  30.782  2.607   1.00 161.04 ? 3   DT  C OP2   1 
ATOM   567 O  "O5'" . DT  C 3 3  ? -10.293 30.499  0.764   1.00 150.68 ? 3   DT  C "O5'" 1 
ATOM   568 C  "C5'" . DT  C 3 3  ? -11.472 30.829  0.049   1.00 142.68 ? 3   DT  C "C5'" 1 
ATOM   569 C  "C4'" . DT  C 3 3  ? -12.132 29.563  -0.439  1.00 147.62 ? 3   DT  C "C4'" 1 
ATOM   570 O  "O4'" . DT  C 3 3  ? -11.853 29.379  -1.854  1.00 145.86 ? 3   DT  C "O4'" 1 
ATOM   571 C  "C3'" . DT  C 3 3  ? -11.629 28.298  0.254   1.00 144.24 ? 3   DT  C "C3'" 1 
ATOM   572 O  "O3'" . DT  C 3 3  ? -12.704 27.398  0.453   1.00 144.52 ? 3   DT  C "O3'" 1 
ATOM   573 C  "C2'" . DT  C 3 3  ? -10.621 27.748  -0.748  1.00 136.89 ? 3   DT  C "C2'" 1 
ATOM   574 C  "C1'" . DT  C 3 3  ? -11.310 28.091  -2.055  1.00 133.25 ? 3   DT  C "C1'" 1 
ATOM   575 N  N1    . DT  C 3 3  ? -10.387 28.137  -3.228  1.00 127.70 ? 3   DT  C N1    1 
ATOM   576 C  C2    . DT  C 3 3  ? -10.851 27.756  -4.473  1.00 125.38 ? 3   DT  C C2    1 
ATOM   577 O  O2    . DT  C 3 3  ? -11.996 27.380  -4.677  1.00 125.29 ? 3   DT  C O2    1 
ATOM   578 N  N3    . DT  C 3 3  ? -9.917  27.839  -5.479  1.00 121.88 ? 3   DT  C N3    1 
ATOM   579 C  C4    . DT  C 3 3  ? -8.601  28.248  -5.367  1.00 119.91 ? 3   DT  C C4    1 
ATOM   580 O  O4    . DT  C 3 3  ? -7.840  28.286  -6.333  1.00 115.56 ? 3   DT  C O4    1 
ATOM   581 C  C5    . DT  C 3 3  ? -8.182  28.629  -4.037  1.00 120.10 ? 3   DT  C C5    1 
ATOM   582 C  C7    . DT  C 3 3  ? -6.777  29.093  -3.793  1.00 118.55 ? 3   DT  C C7    1 
ATOM   583 C  C6    . DT  C 3 3  ? -9.083  28.556  -3.043  1.00 122.98 ? 3   DT  C C6    1 
ATOM   584 P  P     . DG  C 3 4  ? -12.975 26.773  1.909   1.00 153.49 ? 4   DG  C P     1 
ATOM   585 O  OP1   . DG  C 3 4  ? -13.725 27.768  2.706   1.00 160.50 ? 4   DG  C OP1   1 
ATOM   586 O  OP2   . DG  C 3 4  ? -11.681 26.275  2.431   1.00 153.65 ? 4   DG  C OP2   1 
ATOM   587 O  "O5'" . DG  C 3 4  ? -13.920 25.518  1.599   1.00 146.03 ? 4   DG  C "O5'" 1 
ATOM   588 C  "C5'" . DG  C 3 4  ? -14.867 25.588  0.532   1.00 142.58 ? 4   DG  C "C5'" 1 
ATOM   589 C  "C4'" . DG  C 3 4  ? -14.753 24.372  -0.377  1.00 143.87 ? 4   DG  C "C4'" 1 
ATOM   590 O  "O4'" . DG  C 3 4  ? -13.743 24.605  -1.381  1.00 141.96 ? 4   DG  C "O4'" 1 
ATOM   591 C  "C3'" . DG  C 3 4  ? -14.394 23.070  0.331   1.00 138.61 ? 4   DG  C "C3'" 1 
ATOM   592 O  "O3'" . DG  C 3 4  ? -15.501 22.171  0.229   1.00 134.82 ? 4   DG  C "O3'" 1 
ATOM   593 C  "C2'" . DG  C 3 4  ? -13.120 22.556  -0.374  1.00 132.88 ? 4   DG  C "C2'" 1 
ATOM   594 C  "C1'" . DG  C 3 4  ? -12.975 23.443  -1.607  1.00 129.71 ? 4   DG  C "C1'" 1 
ATOM   595 N  N9    . DG  C 3 4  ? -11.599 23.887  -1.875  1.00 122.81 ? 4   DG  C N9    1 
ATOM   596 C  C8    . DG  C 3 4  ? -10.693 24.386  -0.967  1.00 120.62 ? 4   DG  C C8    1 
ATOM   597 N  N7    . DG  C 3 4  ? -9.551  24.738  -1.503  1.00 113.61 ? 4   DG  C N7    1 
ATOM   598 C  C5    . DG  C 3 4  ? -9.715  24.473  -2.857  1.00 112.47 ? 4   DG  C C5    1 
ATOM   599 C  C6    . DG  C 3 4  ? -8.817  24.653  -3.941  1.00 106.91 ? 4   DG  C C6    1 
ATOM   600 O  O6    . DG  C 3 4  ? -7.658  25.100  -3.918  1.00 102.66 ? 4   DG  C O6    1 
ATOM   601 N  N1    . DG  C 3 4  ? -9.387  24.255  -5.152  1.00 105.23 ? 4   DG  C N1    1 
ATOM   602 C  C2    . DG  C 3 4  ? -10.662 23.740  -5.292  1.00 110.68 ? 4   DG  C C2    1 
ATOM   603 N  N2    . DG  C 3 4  ? -11.046 23.402  -6.532  1.00 112.04 ? 4   DG  C N2    1 
ATOM   604 N  N3    . DG  C 3 4  ? -11.510 23.567  -4.285  1.00 113.03 ? 4   DG  C N3    1 
ATOM   605 C  C4    . DG  C 3 4  ? -10.974 23.955  -3.102  1.00 116.94 ? 4   DG  C C4    1 
ATOM   606 P  P     . DA  C 3 5  ? -15.329 20.583  0.399   1.00 147.38 ? 5   DA  C P     1 
ATOM   607 O  OP1   . DA  C 3 5  ? -16.661 20.059  0.781   1.00 143.73 ? 5   DA  C OP1   1 
ATOM   608 O  OP2   . DA  C 3 5  ? -14.164 20.265  1.258   1.00 147.17 ? 5   DA  C OP2   1 
ATOM   609 O  "O5'" . DA  C 3 5  ? -15.044 20.097  -1.090  1.00 140.92 ? 5   DA  C "O5'" 1 
ATOM   610 C  "C5'" . DA  C 3 5  ? -15.949 20.463  -2.124  1.00 140.60 ? 5   DA  C "C5'" 1 
ATOM   611 C  "C4'" . DA  C 3 5  ? -15.646 19.718  -3.411  1.00 136.89 ? 5   DA  C "C4'" 1 
ATOM   612 O  "O4'" . DA  C 3 5  ? -14.364 20.153  -3.939  1.00 135.07 ? 5   DA  C "O4'" 1 
ATOM   613 C  "C3'" . DA  C 3 5  ? -15.546 18.207  -3.286  1.00 130.90 ? 5   DA  C "C3'" 1 
ATOM   614 O  "O3'" . DA  C 3 5  ? -15.958 17.618  -4.521  1.00 130.59 ? 5   DA  C "O3'" 1 
ATOM   615 C  "C2'" . DA  C 3 5  ? -14.051 18.001  -3.017  1.00 123.43 ? 5   DA  C "C2'" 1 
ATOM   616 C  "C1'" . DA  C 3 5  ? -13.432 19.085  -3.896  1.00 124.06 ? 5   DA  C "C1'" 1 
ATOM   617 N  N9    . DA  C 3 5  ? -12.168 19.620  -3.399  1.00 118.66 ? 5   DA  C N9    1 
ATOM   618 C  C8    . DA  C 3 5  ? -11.862 19.947  -2.106  1.00 122.97 ? 5   DA  C C8    1 
ATOM   619 N  N7    . DA  C 3 5  ? -10.647 20.430  -1.950  1.00 117.12 ? 5   DA  C N7    1 
ATOM   620 C  C5    . DA  C 3 5  ? -10.123 20.429  -3.233  1.00 112.36 ? 5   DA  C C5    1 
ATOM   621 C  C6    . DA  C 3 5  ? -8.871  20.826  -3.748  1.00 106.26 ? 5   DA  C C6    1 
ATOM   622 N  N6    . DA  C 3 5  ? -7.882  21.318  -2.987  1.00 101.70 ? 5   DA  C N6    1 
ATOM   623 N  N1    . DA  C 3 5  ? -8.674  20.693  -5.082  1.00 104.14 ? 5   DA  C N1    1 
ATOM   624 C  C2    . DA  C 3 5  ? -9.668  20.201  -5.841  1.00 102.50 ? 5   DA  C C2    1 
ATOM   625 N  N3    . DA  C 3 5  ? -10.886 19.799  -5.471  1.00 107.77 ? 5   DA  C N3    1 
ATOM   626 C  C4    . DA  C 3 5  ? -11.052 19.940  -4.142  1.00 112.69 ? 5   DA  C C4    1 
ATOM   627 P  P     . DG  C 3 6  ? -16.196 16.032  -4.653  1.00 136.82 ? 6   DG  C P     1 
ATOM   628 O  OP1   . DG  C 3 6  ? -17.560 15.829  -5.194  1.00 140.33 ? 6   DG  C OP1   1 
ATOM   629 O  OP2   . DG  C 3 6  ? -15.798 15.387  -3.380  1.00 125.97 ? 6   DG  C OP2   1 
ATOM   630 O  "O5'" . DG  C 3 6  ? -15.162 15.604  -5.793  1.00 127.10 ? 6   DG  C "O5'" 1 
ATOM   631 C  "C5'" . DG  C 3 6  ? -14.013 16.412  -6.005  1.00 124.72 ? 6   DG  C "C5'" 1 
ATOM   632 C  "C4'" . DG  C 3 6  ? -13.163 15.903  -7.143  1.00 118.20 ? 6   DG  C "C4'" 1 
ATOM   633 O  "O4'" . DG  C 3 6  ? -11.860 16.531  -7.067  1.00 108.85 ? 6   DG  C "O4'" 1 
ATOM   634 C  "C3'" . DG  C 3 6  ? -12.904 14.409  -7.126  1.00 112.63 ? 6   DG  C "C3'" 1 
ATOM   635 O  "O3'" . DG  C 3 6  ? -12.745 13.940  -8.462  1.00 109.00 ? 6   DG  C "O3'" 1 
ATOM   636 C  "C2'" . DG  C 3 6  ? -11.620 14.293  -6.301  1.00 96.60  ? 6   DG  C "C2'" 1 
ATOM   637 C  "C1'" . DG  C 3 6  ? -10.905 15.614  -6.592  1.00 94.74  ? 6   DG  C "C1'" 1 
ATOM   638 N  N9    . DG  C 3 6  ? -10.254 16.175  -5.420  1.00 93.06  ? 6   DG  C N9    1 
ATOM   639 C  C8    . DG  C 3 6  ? -10.749 16.227  -4.136  1.00 96.79  ? 6   DG  C C8    1 
ATOM   640 N  N7    . DG  C 3 6  ? -9.914  16.765  -3.279  1.00 96.01  ? 6   DG  C N7    1 
ATOM   641 C  C5    . DG  C 3 6  ? -8.798  17.085  -4.049  1.00 93.88  ? 6   DG  C C5    1 
ATOM   642 C  C6    . DG  C 3 6  ? -7.566  17.692  -3.677  1.00 92.43  ? 6   DG  C C6    1 
ATOM   643 O  O6    . DG  C 3 6  ? -7.206  18.085  -2.558  1.00 90.74  ? 6   DG  C O6    1 
ATOM   644 N  N1    . DG  C 3 6  ? -6.706  17.829  -4.770  1.00 89.98  ? 6   DG  C N1    1 
ATOM   645 C  C2    . DG  C 3 6  ? -7.006  17.432  -6.062  1.00 94.11  ? 6   DG  C C2    1 
ATOM   646 N  N2    . DG  C 3 6  ? -6.057  17.642  -6.988  1.00 98.78  ? 6   DG  C N2    1 
ATOM   647 N  N3    . DG  C 3 6  ? -8.158  16.867  -6.423  1.00 87.79  ? 6   DG  C N3    1 
ATOM   648 C  C4    . DG  C 3 6  ? -8.999  16.724  -5.369  1.00 92.27  ? 6   DG  C C4    1 
ATOM   649 P  P     . DT  C 3 7  ? -12.253 12.441  -8.733  1.00 104.78 ? 7   DT  C P     1 
ATOM   650 O  OP1   . DT  C 3 7  ? -12.595 12.037  -10.125 1.00 84.11  ? 7   DT  C OP1   1 
ATOM   651 O  OP2   . DT  C 3 7  ? -12.751 11.652  -7.581  1.00 104.56 ? 7   DT  C OP2   1 
ATOM   652 O  "O5'" . DT  C 3 7  ? -10.668 12.590  -8.638  1.00 99.15  ? 7   DT  C "O5'" 1 
ATOM   653 C  "C5'" . DT  C 3 7  ? -10.038 13.598  -9.393  1.00 90.93  ? 7   DT  C "C5'" 1 
ATOM   654 C  "C4'" . DT  C 3 7  ? -8.541  13.428  -9.373  1.00 89.95  ? 7   DT  C "C4'" 1 
ATOM   655 O  "O4'" . DT  C 3 7  ? -7.985  14.010  -8.164  1.00 97.92  ? 7   DT  C "O4'" 1 
ATOM   656 C  "C3'" . DT  C 3 7  ? -8.040  11.993  -9.401  1.00 77.30  ? 7   DT  C "C3'" 1 
ATOM   657 O  "O3'" . DT  C 3 7  ? -6.882  11.971  -10.205 1.00 80.41  ? 7   DT  C "O3'" 1 
ATOM   658 C  "C2'" . DT  C 3 7  ? -7.706  11.742  -7.928  1.00 77.57  ? 7   DT  C "C2'" 1 
ATOM   659 C  "C1'" . DT  C 3 7  ? -7.103  13.085  -7.579  1.00 79.16  ? 7   DT  C "C1'" 1 
ATOM   660 N  N1    . DT  C 3 7  ? -6.993  13.402  -6.114  1.00 74.98  ? 7   DT  C N1    1 
ATOM   661 C  C2    . DT  C 3 7  ? -5.860  14.047  -5.648  1.00 79.21  ? 7   DT  C C2    1 
ATOM   662 O  O2    . DT  C 3 7  ? -4.912  14.347  -6.362  1.00 77.95  ? 7   DT  C O2    1 
ATOM   663 N  N3    . DT  C 3 7  ? -5.869  14.322  -4.301  1.00 83.72  ? 7   DT  C N3    1 
ATOM   664 C  C4    . DT  C 3 7  ? -6.874  14.038  -3.398  1.00 82.81  ? 7   DT  C C4    1 
ATOM   665 O  O4    . DT  C 3 7  ? -6.789  14.325  -2.201  1.00 85.49  ? 7   DT  C O4    1 
ATOM   666 C  C5    . DT  C 3 7  ? -8.027  13.376  -3.952  1.00 78.15  ? 7   DT  C C5    1 
ATOM   667 C  C7    . DT  C 3 7  ? -9.172  13.019  -3.061  1.00 84.33  ? 7   DT  C C7    1 
ATOM   668 C  C6    . DT  C 3 7  ? -8.038  13.101  -5.271  1.00 76.00  ? 7   DT  C C6    1 
ATOM   669 P  P     . DG  C 3 8  ? -6.408  10.635  -10.964 1.00 98.19  ? 8   DG  C P     1 
ATOM   670 O  OP1   . DG  C 3 8  ? -6.755  10.811  -12.399 1.00 82.30  ? 8   DG  C OP1   1 
ATOM   671 O  OP2   . DG  C 3 8  ? -6.905  9.459   -10.196 1.00 95.94  ? 8   DG  C OP2   1 
ATOM   672 O  "O5'" . DG  C 3 8  ? -4.804  10.707  -10.856 1.00 77.19  ? 8   DG  C "O5'" 1 
ATOM   673 C  "C5'" . DG  C 3 8  ? -4.120  11.686  -11.615 1.00 73.03  ? 8   DG  C "C5'" 1 
ATOM   674 C  "C4'" . DG  C 3 8  ? -2.695  11.883  -11.136 1.00 75.99  ? 8   DG  C "C4'" 1 
ATOM   675 O  "O4'" . DG  C 3 8  ? -2.658  12.177  -9.717  1.00 81.76  ? 8   DG  C "O4'" 1 
ATOM   676 C  "C3'" . DG  C 3 8  ? -1.788  10.704  -11.321 1.00 72.49  ? 8   DG  C "C3'" 1 
ATOM   677 O  "O3'" . DG  C 3 8  ? -0.511  11.172  -11.559 1.00 66.56  ? 8   DG  C "O3'" 1 
ATOM   678 C  "C2'" . DG  C 3 8  ? -1.880  9.976   -9.975  1.00 70.35  ? 8   DG  C "C2'" 1 
ATOM   679 C  "C1'" . DG  C 3 8  ? -2.051  11.119  -8.994  1.00 67.64  ? 8   DG  C "C1'" 1 
ATOM   680 N  N9    . DG  C 3 8  ? -2.945  10.823  -7.887  1.00 65.45  ? 8   DG  C N9    1 
ATOM   681 C  C8    . DG  C 3 8  ? -4.167  10.198  -7.952  1.00 63.92  ? 8   DG  C C8    1 
ATOM   682 N  N7    . DG  C 3 8  ? -4.768  10.115  -6.797  1.00 65.78  ? 8   DG  C N7    1 
ATOM   683 C  C5    . DG  C 3 8  ? -3.901  10.754  -5.918  1.00 65.41  ? 8   DG  C C5    1 
ATOM   684 C  C6    . DG  C 3 8  ? -4.013  10.985  -4.526  1.00 69.74  ? 8   DG  C C6    1 
ATOM   685 O  O6    . DG  C 3 8  ? -4.933  10.660  -3.763  1.00 74.92  ? 8   DG  C O6    1 
ATOM   686 N  N1    . DG  C 3 8  ? -2.914  11.676  -4.028  1.00 65.54  ? 8   DG  C N1    1 
ATOM   687 C  C2    . DG  C 3 8  ? -1.845  12.091  -4.783  1.00 66.45  ? 8   DG  C C2    1 
ATOM   688 N  N2    . DG  C 3 8  ? -0.874  12.747  -4.134  1.00 67.87  ? 8   DG  C N2    1 
ATOM   689 N  N3    . DG  C 3 8  ? -1.725  11.875  -6.083  1.00 63.95  ? 8   DG  C N3    1 
ATOM   690 C  C4    . DG  C 3 8  ? -2.783  11.205  -6.580  1.00 64.90  ? 8   DG  C C4    1 
ATOM   691 P  P     . DG  C 3 9  ? 0.646   10.113  -11.826 1.00 72.10  ? 9   DG  C P     1 
ATOM   692 O  OP1   . DG  C 3 9  ? 1.659   10.737  -12.716 1.00 63.79  ? 9   DG  C OP1   1 
ATOM   693 O  OP2   . DG  C 3 9  ? -0.047  8.889   -12.274 1.00 79.90  ? 9   DG  C OP2   1 
ATOM   694 O  "O5'" . DG  C 3 9  ? 1.194   9.777   -10.364 1.00 67.89  ? 9   DG  C "O5'" 1 
ATOM   695 C  "C5'" . DG  C 3 9  ? 2.450   10.252  -9.960  1.00 69.62  ? 9   DG  C "C5'" 1 
ATOM   696 C  "C4'" . DG  C 3 9  ? 2.611   10.090  -8.469  1.00 72.04  ? 9   DG  C "C4'" 1 
ATOM   697 O  "O4'" . DG  C 3 9  ? 1.306   10.004  -7.830  1.00 79.38  ? 9   DG  C "O4'" 1 
ATOM   698 C  "C3'" . DG  C 3 9  ? 3.333   8.823   -8.028  1.00 70.08  ? 9   DG  C "C3'" 1 
ATOM   699 O  "O3'" . DG  C 3 9  ? 4.225   9.163   -7.000  1.00 66.43  ? 9   DG  C "O3'" 1 
ATOM   700 C  "C2'" . DG  C 3 9  ? 2.200   7.964   -7.495  1.00 69.74  ? 9   DG  C "C2'" 1 
ATOM   701 C  "C1'" . DG  C 3 9  ? 1.429   9.045   -6.822  1.00 64.00  ? 9   DG  C "C1'" 1 
ATOM   702 N  N9    . DG  C 3 9  ? 0.136   8.652   -6.311  1.00 60.77  ? 9   DG  C N9    1 
ATOM   703 C  C8    . DG  C 3 9  ? -0.884  8.036   -6.982  1.00 62.72  ? 9   DG  C C8    1 
ATOM   704 N  N7    . DG  C 3 9  ? -1.935  7.816   -6.232  1.00 66.29  ? 9   DG  C N7    1 
ATOM   705 C  C5    . DG  C 3 9  ? -1.575  8.321   -4.987  1.00 65.36  ? 9   DG  C C5    1 
ATOM   706 C  C6    . DG  C 3 9  ? -2.301  8.365   -3.773  1.00 66.84  ? 9   DG  C C6    1 
ATOM   707 O  O6    . DG  C 3 9  ? -3.445  7.950   -3.556  1.00 74.21  ? 9   DG  C O6    1 
ATOM   708 N  N1    . DG  C 3 9  ? -1.569  8.956   -2.752  1.00 64.77  ? 9   DG  C N1    1 
ATOM   709 C  C2    . DG  C 3 9  ? -0.281  9.451   -2.887  1.00 71.38  ? 9   DG  C C2    1 
ATOM   710 N  N2    . DG  C 3 9  ? 0.281   9.995   -1.784  1.00 72.67  ? 9   DG  C N2    1 
ATOM   711 N  N3    . DG  C 3 9  ? 0.409   9.421   -4.025  1.00 64.49  ? 9   DG  C N3    1 
ATOM   712 C  C4    . DG  C 3 9  ? -0.305  8.839   -5.026  1.00 64.28  ? 9   DG  C C4    1 
ATOM   713 P  P     . DA  D 4 1  ? -2.234  -12.439 10.652  1.00 89.29  ? 10  DA  D P     1 
ATOM   714 O  OP1   . DA  D 4 1  ? -2.639  -13.235 11.835  1.00 83.79  ? 10  DA  D OP1   1 
ATOM   715 O  OP2   . DA  D 4 1  ? -1.159  -11.415 10.648  1.00 72.81  ? 10  DA  D OP2   1 
ATOM   716 O  "O5'" . DA  D 4 1  ? -3.500  -11.639 10.164  1.00 80.77  ? 10  DA  D "O5'" 1 
ATOM   717 C  "C5'" . DA  D 4 1  ? -3.369  -10.852 9.048   1.00 78.75  ? 10  DA  D "C5'" 1 
ATOM   718 C  "C4'" . DA  D 4 1  ? -4.174  -11.374 7.879   1.00 76.37  ? 10  DA  D "C4'" 1 
ATOM   719 O  "O4'" . DA  D 4 1  ? -4.183  -10.352 6.877   1.00 84.56  ? 10  DA  D "O4'" 1 
ATOM   720 C  "C3'" . DA  D 4 1  ? -3.603  -12.616 7.207   1.00 87.06  ? 10  DA  D "C3'" 1 
ATOM   721 O  "O3'" . DA  D 4 1  ? -4.461  -13.709 7.424   1.00 95.68  ? 10  DA  D "O3'" 1 
ATOM   722 C  "C2'" . DA  D 4 1  ? -3.566  -12.267 5.724   1.00 86.11  ? 10  DA  D "C2'" 1 
ATOM   723 C  "C1'" . DA  D 4 1  ? -3.495  -10.777 5.730   1.00 79.91  ? 10  DA  D "C1'" 1 
ATOM   724 N  N9    . DA  D 4 1  ? -2.133  -10.251 5.738   1.00 77.18  ? 10  DA  D N9    1 
ATOM   725 C  C8    . DA  D 4 1  ? -1.407  -9.823  6.805   1.00 77.81  ? 10  DA  D C8    1 
ATOM   726 N  N7    . DA  D 4 1  ? -0.209  -9.387  6.493   1.00 84.40  ? 10  DA  D N7    1 
ATOM   727 C  C5    . DA  D 4 1  ? -0.147  -9.535  5.123   1.00 87.67  ? 10  DA  D C5    1 
ATOM   728 C  C6    . DA  D 4 1  ? 0.867   -9.256  4.175   1.00 89.94  ? 10  DA  D C6    1 
ATOM   729 N  N6    . DA  D 4 1  ? 2.058   -8.746  4.500   1.00 83.74  ? 10  DA  D N6    1 
ATOM   730 N  N1    . DA  D 4 1  ? 0.599   -9.523  2.875   1.00 95.99  ? 10  DA  D N1    1 
ATOM   731 C  C2    . DA  D 4 1  ? -0.603  -10.032 2.566   1.00 100.28 ? 10  DA  D C2    1 
ATOM   732 N  N3    . DA  D 4 1  ? -1.627  -10.338 3.368   1.00 94.49  ? 10  DA  D N3    1 
ATOM   733 C  C4    . DA  D 4 1  ? -1.328  -10.065 4.643   1.00 87.15  ? 10  DA  D C4    1 
ATOM   734 P  P     . DG  D 4 2  ? -3.896  -15.206 7.297   1.00 95.98  ? 11  DG  D P     1 
ATOM   735 O  OP1   . DG  D 4 2  ? -5.109  -16.062 7.334   1.00 88.90  ? 11  DG  D OP1   1 
ATOM   736 O  OP2   . DG  D 4 2  ? -2.762  -15.337 8.253   1.00 81.87  ? 11  DG  D OP2   1 
ATOM   737 O  "O5'" . DG  D 4 2  ? -3.297  -15.301 5.822   1.00 80.12  ? 11  DG  D "O5'" 1 
ATOM   738 C  "C5'" . DG  D 4 2  ? -4.160  -15.562 4.735   1.00 81.89  ? 11  DG  D "C5'" 1 
ATOM   739 C  "C4'" . DG  D 4 2  ? -3.412  -15.333 3.455   1.00 92.85  ? 11  DG  D "C4'" 1 
ATOM   740 O  "O4'" . DG  D 4 2  ? -2.573  -14.190 3.637   1.00 93.17  ? 11  DG  D "O4'" 1 
ATOM   741 C  "C3'" . DG  D 4 2  ? -2.428  -16.422 3.113   1.00 107.42 ? 11  DG  D "C3'" 1 
ATOM   742 O  "O3'" . DG  D 4 2  ? -3.065  -17.454 2.399   1.00 110.00 ? 11  DG  D "O3'" 1 
ATOM   743 C  "C2'" . DG  D 4 2  ? -1.402  -15.692 2.244   1.00 107.11 ? 11  DG  D "C2'" 1 
ATOM   744 C  "C1'" . DG  D 4 2  ? -1.494  -14.256 2.744   1.00 93.16  ? 11  DG  D "C1'" 1 
ATOM   745 N  N9    . DG  D 4 2  ? -0.312  -13.801 3.439   1.00 92.43  ? 11  DG  D N9    1 
ATOM   746 C  C8    . DG  D 4 2  ? -0.144  -13.671 4.797   1.00 95.13  ? 11  DG  D C8    1 
ATOM   747 N  N7    . DG  D 4 2  ? 1.038   -13.220 5.131   1.00 94.91  ? 11  DG  D N7    1 
ATOM   748 C  C5    . DG  D 4 2  ? 1.682   -13.036 3.915   1.00 96.30  ? 11  DG  D C5    1 
ATOM   749 C  C6    . DG  D 4 2  ? 2.984   -12.567 3.635   1.00 101.29 ? 11  DG  D C6    1 
ATOM   750 O  O6    . DG  D 4 2  ? 3.859   -12.207 4.433   1.00 104.28 ? 11  DG  D O6    1 
ATOM   751 N  N1    . DG  D 4 2  ? 3.237   -12.536 2.266   1.00 102.98 ? 11  DG  D N1    1 
ATOM   752 C  C2    . DG  D 4 2  ? 2.345   -12.912 1.293   1.00 106.31 ? 11  DG  D C2    1 
ATOM   753 N  N2    . DG  D 4 2  ? 2.767   -12.815 0.023   1.00 112.50 ? 11  DG  D N2    1 
ATOM   754 N  N3    . DG  D 4 2  ? 1.119   -13.353 1.542   1.00 100.63 ? 11  DG  D N3    1 
ATOM   755 C  C4    . DG  D 4 2  ? 0.861   -13.387 2.868   1.00 98.08  ? 11  DG  D C4    1 
ATOM   756 P  P     . DT  D 4 3  ? -2.322  -18.864 2.244   1.00 113.41 ? 12  DT  D P     1 
ATOM   757 O  OP1   . DT  D 4 3  ? -3.377  -19.794 1.777   1.00 113.59 ? 12  DT  D OP1   1 
ATOM   758 O  OP2   . DT  D 4 3  ? -1.503  -19.133 3.455   1.00 99.78  ? 12  DT  D OP2   1 
ATOM   759 O  "O5'" . DT  D 4 3  ? -1.254  -18.608 1.091   1.00 104.28 ? 12  DT  D "O5'" 1 
ATOM   760 C  "C5'" . DT  D 4 3  ? -1.694  -18.242 -0.197  1.00 111.08 ? 12  DT  D "C5'" 1 
ATOM   761 C  "C4'" . DT  D 4 3  ? -0.503  -17.999 -1.092  1.00 116.27 ? 12  DT  D "C4'" 1 
ATOM   762 O  "O4'" . DT  D 4 3  ? 0.385   -17.050 -0.449  1.00 109.51 ? 12  DT  D "O4'" 1 
ATOM   763 C  "C3'" . DT  D 4 3  ? 0.345   -19.237 -1.365  1.00 124.89 ? 12  DT  D "C3'" 1 
ATOM   764 O  "O3'" . DT  D 4 3  ? 0.820   -19.209 -2.705  1.00 134.98 ? 12  DT  D "O3'" 1 
ATOM   765 C  "C2'" . DT  D 4 3  ? 1.485   -19.089 -0.368  1.00 117.49 ? 12  DT  D "C2'" 1 
ATOM   766 C  "C1'" . DT  D 4 3  ? 1.679   -17.589 -0.381  1.00 107.45 ? 12  DT  D "C1'" 1 
ATOM   767 N  N1    . DT  D 4 3  ? 2.302   -17.102 0.828   1.00 103.24 ? 12  DT  D N1    1 
ATOM   768 C  C2    . DT  D 4 3  ? 3.516   -16.467 0.747   1.00 110.27 ? 12  DT  D C2    1 
ATOM   769 O  O2    . DT  D 4 3  ? 4.096   -16.275 -0.304  1.00 114.82 ? 12  DT  D O2    1 
ATOM   770 N  N3    . DT  D 4 3  ? 4.027   -16.055 1.949   1.00 109.23 ? 12  DT  D N3    1 
ATOM   771 C  C4    . DT  D 4 3  ? 3.451   -16.223 3.197   1.00 107.57 ? 12  DT  D C4    1 
ATOM   772 O  O4    . DT  D 4 3  ? 3.988   -15.826 4.227   1.00 108.00 ? 12  DT  D O4    1 
ATOM   773 C  C5    . DT  D 4 3  ? 2.174   -16.906 3.201   1.00 103.95 ? 12  DT  D C5    1 
ATOM   774 C  C7    . DT  D 4 3  ? 1.450   -17.149 4.490   1.00 104.01 ? 12  DT  D C7    1 
ATOM   775 C  C6    . DT  D 4 3  ? 1.673   -17.309 2.029   1.00 102.59 ? 12  DT  D C6    1 
ATOM   776 P  P     . DC  D 4 4  ? 1.307   -20.564 -3.414  1.00 135.77 ? 13  DC  D P     1 
ATOM   777 O  OP1   . DC  D 4 4  ? 0.518   -20.741 -4.656  1.00 136.30 ? 13  DC  D OP1   1 
ATOM   778 O  OP2   . DC  D 4 4  ? 1.270   -21.620 -2.377  1.00 126.66 ? 13  DC  D OP2   1 
ATOM   779 O  "O5'" . DC  D 4 4  ? 2.831   -20.261 -3.789  1.00 119.02 ? 13  DC  D "O5'" 1 
ATOM   780 C  "C5'" . DC  D 4 4  ? 3.708   -19.830 -2.792  1.00 107.61 ? 13  DC  D "C5'" 1 
ATOM   781 C  "C4'" . DC  D 4 4  ? 4.970   -19.290 -3.395  1.00 118.67 ? 13  DC  D "C4'" 1 
ATOM   782 O  "O4'" . DC  D 4 4  ? 5.591   -18.412 -2.437  1.00 120.44 ? 13  DC  D "O4'" 1 
ATOM   783 C  "C3'" . DC  D 4 4  ? 6.015   -20.342 -3.694  1.00 137.04 ? 13  DC  D "C3'" 1 
ATOM   784 O  "O3'" . DC  D 4 4  ? 6.938   -19.863 -4.681  1.00 149.14 ? 13  DC  D "O3'" 1 
ATOM   785 C  "C2'" . DC  D 4 4  ? 6.679   -20.510 -2.330  1.00 138.09 ? 13  DC  D "C2'" 1 
ATOM   786 C  "C1'" . DC  D 4 4  ? 6.653   -19.081 -1.787  1.00 125.90 ? 13  DC  D "C1'" 1 
ATOM   787 N  N1    . DC  D 4 4  ? 6.425   -19.000 -0.316  1.00 120.51 ? 13  DC  D N1    1 
ATOM   788 C  C2    . DC  D 4 4  ? 7.390   -18.387 0.503   1.00 122.58 ? 13  DC  D C2    1 
ATOM   789 O  O2    . DC  D 4 4  ? 8.414   -17.925 -0.016  1.00 120.57 ? 13  DC  D O2    1 
ATOM   790 N  N3    . DC  D 4 4  ? 7.170   -18.324 1.840   1.00 119.59 ? 13  DC  D N3    1 
ATOM   791 C  C4    . DC  D 4 4  ? 6.049   -18.837 2.359   1.00 118.88 ? 13  DC  D C4    1 
ATOM   792 N  N4    . DC  D 4 4  ? 5.877   -18.747 3.686   1.00 116.51 ? 13  DC  D N4    1 
ATOM   793 C  C5    . DC  D 4 4  ? 5.054   -19.464 1.540   1.00 111.16 ? 13  DC  D C5    1 
ATOM   794 C  C6    . DC  D 4 4  ? 5.282   -19.521 0.223   1.00 112.09 ? 13  DC  D C6    1 
ATOM   795 P  P     . DT  D 4 5  ? 8.033   -20.857 -5.326  1.00 166.00 ? 14  DT  D P     1 
ATOM   796 O  OP1   . DT  D 4 5  ? 8.484   -20.257 -6.604  1.00 160.93 ? 14  DT  D OP1   1 
ATOM   797 O  OP2   . DT  D 4 5  ? 7.454   -22.222 -5.327  1.00 154.18 ? 14  DT  D OP2   1 
ATOM   798 O  "O5'" . DT  D 4 5  ? 9.259   -20.816 -4.287  1.00 145.88 ? 14  DT  D "O5'" 1 
ATOM   799 C  "C5'" . DT  D 4 5  ? 9.942   -19.584 -4.038  1.00 146.13 ? 14  DT  D "C5'" 1 
ATOM   800 C  "C4'" . DT  D 4 5  ? 11.176  -19.801 -3.169  1.00 152.73 ? 14  DT  D "C4'" 1 
ATOM   801 O  "O4'" . DT  D 4 5  ? 10.818  -19.688 -1.762  1.00 145.65 ? 14  DT  D "O4'" 1 
ATOM   802 C  "C3'" . DT  D 4 5  ? 11.846  -21.168 -3.322  1.00 160.87 ? 14  DT  D "C3'" 1 
ATOM   803 O  "O3'" . DT  D 4 5  ? 13.274  -21.034 -3.260  1.00 162.42 ? 14  DT  D "O3'" 1 
ATOM   804 C  "C2'" . DT  D 4 5  ? 11.305  -21.943 -2.124  1.00 155.14 ? 14  DT  D "C2'" 1 
ATOM   805 C  "C1'" . DT  D 4 5  ? 11.261  -20.843 -1.078  1.00 146.09 ? 14  DT  D "C1'" 1 
ATOM   806 N  N1    . DT  D 4 5  ? 10.327  -21.122 0.051   1.00 139.21 ? 14  DT  D N1    1 
ATOM   807 C  C2    . DT  D 4 5  ? 10.642  -20.657 1.305   1.00 138.34 ? 14  DT  D C2    1 
ATOM   808 O  O2    . DT  D 4 5  ? 11.657  -20.019 1.544   1.00 139.41 ? 14  DT  D O2    1 
ATOM   809 N  N3    . DT  D 4 5  ? 9.724   -20.965 2.281   1.00 133.68 ? 14  DT  D N3    1 
ATOM   810 C  C4    . DT  D 4 5  ? 8.547   -21.681 2.127   1.00 129.22 ? 14  DT  D C4    1 
ATOM   811 O  O4    . DT  D 4 5  ? 7.787   -21.905 3.068   1.00 125.22 ? 14  DT  D O4    1 
ATOM   812 C  C5    . DT  D 4 5  ? 8.276   -22.142 0.783   1.00 129.08 ? 14  DT  D C5    1 
ATOM   813 C  C7    . DT  D 4 5  ? 7.028   -22.923 0.491   1.00 118.91 ? 14  DT  D C7    1 
ATOM   814 C  C6    . DT  D 4 5  ? 9.171   -21.846 -0.179  1.00 133.71 ? 14  DT  D C6    1 
ATOM   815 P  P     . DG  D 4 6  ? 14.196  -21.789 -4.340  1.00 169.46 ? 15  DG  D P     1 
ATOM   816 O  OP1   . DG  D 4 6  ? 14.542  -20.812 -5.399  1.00 168.36 ? 15  DG  D OP1   1 
ATOM   817 O  OP2   . DG  D 4 6  ? 13.519  -23.064 -4.680  1.00 163.48 ? 15  DG  D OP2   1 
ATOM   818 O  "O5'" . DG  D 4 6  ? 15.536  -22.142 -3.547  1.00 157.43 ? 15  DG  D "O5'" 1 
ATOM   819 C  "C5'" . DG  D 4 6  ? 16.394  -21.104 -3.099  1.00 161.30 ? 15  DG  D "C5'" 1 
ATOM   820 C  "C4'" . DG  D 4 6  ? 16.798  -21.373 -1.671  1.00 160.86 ? 15  DG  D "C4'" 1 
ATOM   821 O  "O4'" . DG  D 4 6  ? 15.614  -21.312 -0.848  1.00 160.36 ? 15  DG  D "O4'" 1 
ATOM   822 C  "C3'" . DG  D 4 6  ? 17.378  -22.768 -1.452  1.00 160.34 ? 15  DG  D "C3'" 1 
ATOM   823 O  "O3'" . DG  D 4 6  ? 18.838  -22.754 -1.356  1.00 159.83 ? 15  DG  D "O3'" 1 
ATOM   824 C  "C2'" . DG  D 4 6  ? 16.704  -23.292 -0.186  1.00 152.79 ? 15  DG  D "C2'" 1 
ATOM   825 C  "C1'" . DG  D 4 6  ? 15.767  -22.165 0.254   1.00 153.71 ? 15  DG  D "C1'" 1 
ATOM   826 N  N9    . DG  D 4 6  ? 14.449  -22.664 0.660   1.00 150.65 ? 15  DG  D N9    1 
ATOM   827 C  C8    . DG  D 4 6  ? 13.559  -23.369 -0.121  1.00 147.10 ? 15  DG  D C8    1 
ATOM   828 N  N7    . DG  D 4 6  ? 12.468  -23.712 0.508   1.00 142.17 ? 15  DG  D N7    1 
ATOM   829 C  C5    . DG  D 4 6  ? 12.643  -23.214 1.797   1.00 144.33 ? 15  DG  D C5    1 
ATOM   830 C  C6    . DG  D 4 6  ? 11.786  -23.281 2.927   1.00 138.64 ? 15  DG  D C6    1 
ATOM   831 O  O6    . DG  D 4 6  ? 10.667  -23.813 3.006   1.00 137.46 ? 15  DG  D O6    1 
ATOM   832 N  N1    . DG  D 4 6  ? 12.341  -22.645 4.043   1.00 138.23 ? 15  DG  D N1    1 
ATOM   833 C  C2    . DG  D 4 6  ? 13.578  -22.021 4.068   1.00 140.78 ? 15  DG  D C2    1 
ATOM   834 N  N2    . DG  D 4 6  ? 13.948  -21.465 5.239   1.00 133.08 ? 15  DG  D N2    1 
ATOM   835 N  N3    . DG  D 4 6  ? 14.396  -21.953 3.012   1.00 146.42 ? 15  DG  D N3    1 
ATOM   836 C  C4    . DG  D 4 6  ? 13.861  -22.566 1.912   1.00 149.37 ? 15  DG  D C4    1 
ATOM   837 P  P     . DC  D 4 7  ? 19.643  -21.967 -0.197  1.00 166.42 ? 16  DC  D P     1 
ATOM   838 O  OP1   . DC  D 4 7  ? 19.313  -20.525 -0.244  1.00 163.33 ? 16  DC  D OP1   1 
ATOM   839 O  OP2   . DC  D 4 7  ? 21.055  -22.378 -0.354  1.00 161.97 ? 16  DC  D OP2   1 
ATOM   840 O  "O5'" . DC  D 4 7  ? 19.156  -22.606 1.191   1.00 155.06 ? 16  DC  D "O5'" 1 
ATOM   841 C  "C5'" . DC  D 4 7  ? 20.119  -23.053 2.143   1.00 150.68 ? 16  DC  D "C5'" 1 
ATOM   842 C  "C4'" . DC  D 4 7  ? 19.958  -22.334 3.471   1.00 144.86 ? 16  DC  D "C4'" 1 
ATOM   843 O  "O4'" . DC  D 4 7  ? 18.550  -22.195 3.790   1.00 148.40 ? 16  DC  D "O4'" 1 
ATOM   844 C  "C3'" . DC  D 4 7  ? 20.551  -23.066 4.656   1.00 146.73 ? 16  DC  D "C3'" 1 
ATOM   845 O  "O3'" . DC  D 4 7  ? 20.866  -22.139 5.687   1.00 150.08 ? 16  DC  D "O3'" 1 
ATOM   846 C  "C2'" . DC  D 4 7  ? 19.406  -23.994 5.059   1.00 140.23 ? 16  DC  D "C2'" 1 
ATOM   847 C  "C1'" . DC  D 4 7  ? 18.178  -23.124 4.797   1.00 141.44 ? 16  DC  D "C1'" 1 
ATOM   848 N  N1    . DC  D 4 7  ? 17.007  -23.892 4.290   1.00 141.34 ? 16  DC  D N1    1 
ATOM   849 C  C2    . DC  D 4 7  ? 15.936  -24.228 5.145   1.00 138.14 ? 16  DC  D C2    1 
ATOM   850 O  O2    . DC  D 4 7  ? 15.967  -23.886 6.334   1.00 135.67 ? 16  DC  D O2    1 
ATOM   851 N  N3    . DC  D 4 7  ? 14.886  -24.934 4.628   1.00 137.45 ? 16  DC  D N3    1 
ATOM   852 C  C4    . DC  D 4 7  ? 14.884  -25.285 3.341   1.00 141.91 ? 16  DC  D C4    1 
ATOM   853 N  N4    . DC  D 4 7  ? 13.836  -25.980 2.865   1.00 139.57 ? 16  DC  D N4    1 
ATOM   854 C  C5    . DC  D 4 7  ? 15.963  -24.952 2.476   1.00 145.26 ? 16  DC  D C5    1 
ATOM   855 C  C6    . DC  D 4 7  ? 16.985  -24.260 2.984   1.00 142.16 ? 16  DC  D C6    1 
HETATM 856 MG MG    . MG  E 5 .  ? 1.362   -0.623  -3.595  1.00 103.38 ? 101 MG  B MG    1 
HETATM 857 AS AS    . CAC F 6 .  ? -5.272  5.325   -6.764  1.00 172.76 ? 101 CAC C AS    1 
HETATM 858 AS AS    . CAC G 6 .  ? 3.008   -12.755 8.748   1.00 124.92 ? 101 CAC D AS    1 
# 
loop_
_pdbx_poly_seq_scheme.asym_id 
_pdbx_poly_seq_scheme.entity_id 
_pdbx_poly_seq_scheme.seq_id 
_pdbx_poly_seq_scheme.mon_id 
_pdbx_poly_seq_scheme.ndb_seq_num 
_pdbx_poly_seq_scheme.pdb_seq_num 
_pdbx_poly_seq_scheme.auth_seq_num 
_pdbx_poly_seq_scheme.pdb_mon_id 
_pdbx_poly_seq_scheme.auth_mon_id 
_pdbx_poly_seq_scheme.pdb_strand_id 
_pdbx_poly_seq_scheme.pdb_ins_code 
_pdbx_poly_seq_scheme.hetero 
A 1 1  DG 1  1  1  DG DG A . n 
A 1 2  DA 2  2  2  DA DA A . n 
A 1 3  DG 3  3  3  DG DG A . n 
A 1 4  DC 4  4  4  DC DC A . n 
A 1 5  DA 5  5  5  DA DA A . n 
A 1 6  DG 6  6  6  DG DG A . n 
A 1 7  DA 7  7  7  DA DA A . n 
A 1 8  DC 8  8  8  DC DC A . n 
A 1 9  DT 9  9  9  DT DT A . n 
A 1 10 DA 10 10 10 DA DA A . n 
A 1 11 DG 11 11 11 DG DG A . n 
A 1 12 DA 12 12 12 DA DA A . n 
A 1 13 DC 13 13 13 DC DC A . n 
A 1 14 DA 14 14 14 DA DA A . n 
A 1 15 DC 15 15 15 DC DC A . n 
A 1 16 DC 16 16 16 DC DC A . n 
A 1 17 DA 17 17 17 DA DA A . n 
A 1 18 DC 18 18 18 DC DC A . n 
A 1 19 DT 19 19 19 DT DT A . n 
A 1 20 DC 20 20 20 DC DC A . n 
A 1 21 DA 21 21 21 DA DA A . n 
B 2 1  DT 1  1  1  DT DT B . n 
B 2 2  DG 2  2  2  DG DG B . n 
B 2 3  DT 3  3  3  DT DT B . n 
B 2 4  DC 4  4  4  DC DC B . n 
B 2 5  DT 5  5  5  DT DT B . n 
C 3 1  DT 1  1  1  DT DT C . n 
C 3 2  DC 2  2  2  DC DC C . n 
C 3 3  DT 3  3  3  DT DT C . n 
C 3 4  DG 4  4  4  DG DG C . n 
C 3 5  DA 5  5  5  DA DA C . n 
C 3 6  DG 6  6  6  DG DG C . n 
C 3 7  DT 7  7  7  DT DT C . n 
C 3 8  DG 8  8  8  DG DG C . n 
C 3 9  DG 9  9  9  DG DG C . n 
D 4 1  DA 1  10 10 DA DA D . n 
D 4 2  DG 2  11 11 DG DG D . n 
D 4 3  DT 3  12 12 DT DT D . n 
D 4 4  DC 4  13 13 DC DC D . n 
D 4 5  DT 5  14 14 DT DT D . n 
D 4 6  DG 6  15 15 DG DG D . n 
D 4 7  DC 7  16 16 DC DC D . n 
# 
loop_
_pdbx_nonpoly_scheme.asym_id 
_pdbx_nonpoly_scheme.entity_id 
_pdbx_nonpoly_scheme.mon_id 
_pdbx_nonpoly_scheme.ndb_seq_num 
_pdbx_nonpoly_scheme.pdb_seq_num 
_pdbx_nonpoly_scheme.auth_seq_num 
_pdbx_nonpoly_scheme.pdb_mon_id 
_pdbx_nonpoly_scheme.auth_mon_id 
_pdbx_nonpoly_scheme.pdb_strand_id 
_pdbx_nonpoly_scheme.pdb_ins_code 
E 5 MG  1 101 1 MG  MG B . 
F 6 CAC 1 101 3 CAC AS C . 
G 6 CAC 1 101 2 CAC AS D . 
# 
_pdbx_struct_assembly.id                   1 
_pdbx_struct_assembly.details              author_and_software_defined_assembly 
_pdbx_struct_assembly.method_details       PISA 
_pdbx_struct_assembly.oligomeric_details   tetrameric 
_pdbx_struct_assembly.oligomeric_count     4 
# 
_pdbx_struct_assembly_gen.assembly_id       1 
_pdbx_struct_assembly_gen.oper_expression   1 
_pdbx_struct_assembly_gen.asym_id_list      A,B,C,D,E,F,G 
# 
loop_
_pdbx_struct_assembly_prop.biol_id 
_pdbx_struct_assembly_prop.type 
_pdbx_struct_assembly_prop.value 
_pdbx_struct_assembly_prop.details 
1 'ABSA (A^2)' 2550 ? 
1 MORE         -18  ? 
1 'SSA (A^2)'  7860 ? 
# 
_pdbx_struct_oper_list.id                   1 
_pdbx_struct_oper_list.type                 'identity operation' 
_pdbx_struct_oper_list.name                 1_555 
_pdbx_struct_oper_list.symmetry_operation   x,y,z 
_pdbx_struct_oper_list.matrix[1][1]         1.0000000000 
_pdbx_struct_oper_list.matrix[1][2]         0.0000000000 
_pdbx_struct_oper_list.matrix[1][3]         0.0000000000 
_pdbx_struct_oper_list.vector[1]            0.0000000000 
_pdbx_struct_oper_list.matrix[2][1]         0.0000000000 
_pdbx_struct_oper_list.matrix[2][2]         1.0000000000 
_pdbx_struct_oper_list.matrix[2][3]         0.0000000000 
_pdbx_struct_oper_list.vector[2]            0.0000000000 
_pdbx_struct_oper_list.matrix[3][1]         0.0000000000 
_pdbx_struct_oper_list.matrix[3][2]         0.0000000000 
_pdbx_struct_oper_list.matrix[3][3]         1.0000000000 
_pdbx_struct_oper_list.vector[3]            0.0000000000 
# 
loop_
_pdbx_audit_revision_history.ordinal 
_pdbx_audit_revision_history.data_content_type 
_pdbx_audit_revision_history.major_revision 
_pdbx_audit_revision_history.minor_revision 
_pdbx_audit_revision_history.revision_date 
1 'Structure model' 1 0 2021-07-14 
2 'Structure model' 1 1 2022-07-06 
3 'Structure model' 1 2 2023-10-18 
# 
_pdbx_audit_revision_details.ordinal             1 
_pdbx_audit_revision_details.revision_ordinal    1 
_pdbx_audit_revision_details.data_content_type   'Structure model' 
_pdbx_audit_revision_details.provider            repository 
_pdbx_audit_revision_details.type                'Initial release' 
_pdbx_audit_revision_details.description         ? 
_pdbx_audit_revision_details.details             ? 
# 
loop_
_pdbx_audit_revision_group.ordinal 
_pdbx_audit_revision_group.revision_ordinal 
_pdbx_audit_revision_group.data_content_type 
_pdbx_audit_revision_group.group 
1 2 'Structure model' 'Database references'    
2 3 'Structure model' 'Data collection'        
3 3 'Structure model' 'Refinement description' 
# 
loop_
_pdbx_audit_revision_category.ordinal 
_pdbx_audit_revision_category.revision_ordinal 
_pdbx_audit_revision_category.data_content_type 
_pdbx_audit_revision_category.category 
1 2 'Structure model' citation                      
2 2 'Structure model' citation_author               
3 2 'Structure model' database_2                    
4 3 'Structure model' chem_comp_atom                
5 3 'Structure model' chem_comp_bond                
6 3 'Structure model' pdbx_initial_refinement_model 
# 
loop_
_pdbx_audit_revision_item.ordinal 
_pdbx_audit_revision_item.revision_ordinal 
_pdbx_audit_revision_item.data_content_type 
_pdbx_audit_revision_item.item 
1  2 'Structure model' '_citation.country'                   
2  2 'Structure model' '_citation.journal_abbrev'            
3  2 'Structure model' '_citation.journal_id_CSD'            
4  2 'Structure model' '_citation.journal_id_ISSN'           
5  2 'Structure model' '_citation.journal_volume'            
6  2 'Structure model' '_citation.page_first'                
7  2 'Structure model' '_citation.page_last'                 
8  2 'Structure model' '_citation.pdbx_database_id_DOI'      
9  2 'Structure model' '_citation.pdbx_database_id_PubMed'   
10 2 'Structure model' '_citation.title'                     
11 2 'Structure model' '_citation.year'                      
12 2 'Structure model' '_database_2.pdbx_DOI'                
13 2 'Structure model' '_database_2.pdbx_database_accession' 
# 
loop_
_software.citation_id 
_software.classification 
_software.compiler_name 
_software.compiler_version 
_software.contact_author 
_software.contact_author_email 
_software.date 
_software.description 
_software.dependencies 
_software.hardware 
_software.language 
_software.location 
_software.mods 
_software.name 
_software.os 
_software.os_version 
_software.type 
_software.version 
_software.pdbx_ordinal 
? 'data reduction'  ? ? ? ? ? ? ? ? ? ? ? HKL-2000    ? ? ? .           1 
? 'data scaling'    ? ? ? ? ? ? ? ? ? ? ? HKL-2000    ? ? ? .           2 
? refinement        ? ? ? ? ? ? ? ? ? ? ? PHENIX      ? ? ? 1.11.1_2575 3 
? 'data extraction' ? ? ? ? ? ? ? ? ? ? ? PDB_EXTRACT ? ? ? 3.25        4 
? phasing           ? ? ? ? ? ? ? ? ? ? ? PHASER      ? ? ? .           5 
# 
_pdbx_entry_details.entry_id                 6WR9 
_pdbx_entry_details.has_ligand_of_interest   N 
_pdbx_entry_details.compound_details         ? 
_pdbx_entry_details.source_details           ? 
_pdbx_entry_details.nonpolymer_details       ? 
_pdbx_entry_details.sequence_details         ? 
# 
loop_
_pdbx_validate_rmsd_bond.id 
_pdbx_validate_rmsd_bond.PDB_model_num 
_pdbx_validate_rmsd_bond.auth_atom_id_1 
_pdbx_validate_rmsd_bond.auth_asym_id_1 
_pdbx_validate_rmsd_bond.auth_comp_id_1 
_pdbx_validate_rmsd_bond.auth_seq_id_1 
_pdbx_validate_rmsd_bond.PDB_ins_code_1 
_pdbx_validate_rmsd_bond.label_alt_id_1 
_pdbx_validate_rmsd_bond.auth_atom_id_2 
_pdbx_validate_rmsd_bond.auth_asym_id_2 
_pdbx_validate_rmsd_bond.auth_comp_id_2 
_pdbx_validate_rmsd_bond.auth_seq_id_2 
_pdbx_validate_rmsd_bond.PDB_ins_code_2 
_pdbx_validate_rmsd_bond.label_alt_id_2 
_pdbx_validate_rmsd_bond.bond_value 
_pdbx_validate_rmsd_bond.bond_target_value 
_pdbx_validate_rmsd_bond.bond_deviation 
_pdbx_validate_rmsd_bond.bond_standard_deviation 
_pdbx_validate_rmsd_bond.linker_flag 
1 1 "O3'" A DC 16 ? ? "C3'" A DC 16 ? ? 1.379 1.419 -0.040 0.006 N 
2 1 "O3'" C DG 8  ? ? "C3'" C DG 8  ? ? 1.380 1.419 -0.039 0.006 N 
# 
loop_
_pdbx_validate_rmsd_angle.id 
_pdbx_validate_rmsd_angle.PDB_model_num 
_pdbx_validate_rmsd_angle.auth_atom_id_1 
_pdbx_validate_rmsd_angle.auth_asym_id_1 
_pdbx_validate_rmsd_angle.auth_comp_id_1 
_pdbx_validate_rmsd_angle.auth_seq_id_1 
_pdbx_validate_rmsd_angle.PDB_ins_code_1 
_pdbx_validate_rmsd_angle.label_alt_id_1 
_pdbx_validate_rmsd_angle.auth_atom_id_2 
_pdbx_validate_rmsd_angle.auth_asym_id_2 
_pdbx_validate_rmsd_angle.auth_comp_id_2 
_pdbx_validate_rmsd_angle.auth_seq_id_2 
_pdbx_validate_rmsd_angle.PDB_ins_code_2 
_pdbx_validate_rmsd_angle.label_alt_id_2 
_pdbx_validate_rmsd_angle.auth_atom_id_3 
_pdbx_validate_rmsd_angle.auth_asym_id_3 
_pdbx_validate_rmsd_angle.auth_comp_id_3 
_pdbx_validate_rmsd_angle.auth_seq_id_3 
_pdbx_validate_rmsd_angle.PDB_ins_code_3 
_pdbx_validate_rmsd_angle.label_alt_id_3 
_pdbx_validate_rmsd_angle.angle_value 
_pdbx_validate_rmsd_angle.angle_target_value 
_pdbx_validate_rmsd_angle.angle_deviation 
_pdbx_validate_rmsd_angle.angle_standard_deviation 
_pdbx_validate_rmsd_angle.linker_flag 
1 1 "O4'" A DC 20 ? ? "C1'" A DC 20 ? ? N1    A DC 20 ? ? 110.50 108.30 2.20  0.30 N 
2 1 "O4'" B DT 1  ? ? "C4'" B DT 1  ? ? "C3'" B DT 1  ? ? 101.90 104.50 -2.60 0.40 N 
3 1 "O4'" C DG 9  ? ? "C1'" C DG 9  ? ? N9    C DG 9  ? ? 111.29 108.30 2.99  0.30 N 
4 1 "O4'" D DA 10 ? ? "C1'" D DA 10 ? ? N9    D DA 10 ? ? 110.10 108.30 1.80  0.30 N 
# 
loop_
_pdbx_unobs_or_zero_occ_atoms.id 
_pdbx_unobs_or_zero_occ_atoms.PDB_model_num 
_pdbx_unobs_or_zero_occ_atoms.polymer_flag 
_pdbx_unobs_or_zero_occ_atoms.occupancy_flag 
_pdbx_unobs_or_zero_occ_atoms.auth_asym_id 
_pdbx_unobs_or_zero_occ_atoms.auth_comp_id 
_pdbx_unobs_or_zero_occ_atoms.auth_seq_id 
_pdbx_unobs_or_zero_occ_atoms.PDB_ins_code 
_pdbx_unobs_or_zero_occ_atoms.auth_atom_id 
_pdbx_unobs_or_zero_occ_atoms.label_alt_id 
_pdbx_unobs_or_zero_occ_atoms.label_asym_id 
_pdbx_unobs_or_zero_occ_atoms.label_comp_id 
_pdbx_unobs_or_zero_occ_atoms.label_seq_id 
_pdbx_unobs_or_zero_occ_atoms.label_atom_id 
1 1 N 1 C CAC 101 ? O1 ? F CAC 1 O1 
2 1 N 1 C CAC 101 ? O2 ? F CAC 1 O2 
3 1 N 1 C CAC 101 ? C1 ? F CAC 1 C1 
4 1 N 1 C CAC 101 ? C2 ? F CAC 1 C2 
5 1 N 1 D CAC 101 ? O1 ? G CAC 1 O1 
6 1 N 1 D CAC 101 ? O2 ? G CAC 1 O2 
7 1 N 1 D CAC 101 ? C1 ? G CAC 1 C1 
8 1 N 1 D CAC 101 ? C2 ? G CAC 1 C2 
# 
loop_
_chem_comp_atom.comp_id 
_chem_comp_atom.atom_id 
_chem_comp_atom.type_symbol 
_chem_comp_atom.pdbx_aromatic_flag 
_chem_comp_atom.pdbx_stereo_config 
_chem_comp_atom.pdbx_ordinal 
CAC AS     AS N N 1   
CAC O1     O  N N 2   
CAC O2     O  N N 3   
CAC C1     C  N N 4   
CAC C2     C  N N 5   
CAC H11    H  N N 6   
CAC H12    H  N N 7   
CAC H13    H  N N 8   
CAC H21    H  N N 9   
CAC H22    H  N N 10  
CAC H23    H  N N 11  
DA  OP3    O  N N 12  
DA  P      P  N N 13  
DA  OP1    O  N N 14  
DA  OP2    O  N N 15  
DA  "O5'"  O  N N 16  
DA  "C5'"  C  N N 17  
DA  "C4'"  C  N R 18  
DA  "O4'"  O  N N 19  
DA  "C3'"  C  N S 20  
DA  "O3'"  O  N N 21  
DA  "C2'"  C  N N 22  
DA  "C1'"  C  N R 23  
DA  N9     N  Y N 24  
DA  C8     C  Y N 25  
DA  N7     N  Y N 26  
DA  C5     C  Y N 27  
DA  C6     C  Y N 28  
DA  N6     N  N N 29  
DA  N1     N  Y N 30  
DA  C2     C  Y N 31  
DA  N3     N  Y N 32  
DA  C4     C  Y N 33  
DA  HOP3   H  N N 34  
DA  HOP2   H  N N 35  
DA  "H5'"  H  N N 36  
DA  "H5''" H  N N 37  
DA  "H4'"  H  N N 38  
DA  "H3'"  H  N N 39  
DA  "HO3'" H  N N 40  
DA  "H2'"  H  N N 41  
DA  "H2''" H  N N 42  
DA  "H1'"  H  N N 43  
DA  H8     H  N N 44  
DA  H61    H  N N 45  
DA  H62    H  N N 46  
DA  H2     H  N N 47  
DC  OP3    O  N N 48  
DC  P      P  N N 49  
DC  OP1    O  N N 50  
DC  OP2    O  N N 51  
DC  "O5'"  O  N N 52  
DC  "C5'"  C  N N 53  
DC  "C4'"  C  N R 54  
DC  "O4'"  O  N N 55  
DC  "C3'"  C  N S 56  
DC  "O3'"  O  N N 57  
DC  "C2'"  C  N N 58  
DC  "C1'"  C  N R 59  
DC  N1     N  N N 60  
DC  C2     C  N N 61  
DC  O2     O  N N 62  
DC  N3     N  N N 63  
DC  C4     C  N N 64  
DC  N4     N  N N 65  
DC  C5     C  N N 66  
DC  C6     C  N N 67  
DC  HOP3   H  N N 68  
DC  HOP2   H  N N 69  
DC  "H5'"  H  N N 70  
DC  "H5''" H  N N 71  
DC  "H4'"  H  N N 72  
DC  "H3'"  H  N N 73  
DC  "HO3'" H  N N 74  
DC  "H2'"  H  N N 75  
DC  "H2''" H  N N 76  
DC  "H1'"  H  N N 77  
DC  H41    H  N N 78  
DC  H42    H  N N 79  
DC  H5     H  N N 80  
DC  H6     H  N N 81  
DG  OP3    O  N N 82  
DG  P      P  N N 83  
DG  OP1    O  N N 84  
DG  OP2    O  N N 85  
DG  "O5'"  O  N N 86  
DG  "C5'"  C  N N 87  
DG  "C4'"  C  N R 88  
DG  "O4'"  O  N N 89  
DG  "C3'"  C  N S 90  
DG  "O3'"  O  N N 91  
DG  "C2'"  C  N N 92  
DG  "C1'"  C  N R 93  
DG  N9     N  Y N 94  
DG  C8     C  Y N 95  
DG  N7     N  Y N 96  
DG  C5     C  Y N 97  
DG  C6     C  N N 98  
DG  O6     O  N N 99  
DG  N1     N  N N 100 
DG  C2     C  N N 101 
DG  N2     N  N N 102 
DG  N3     N  N N 103 
DG  C4     C  Y N 104 
DG  HOP3   H  N N 105 
DG  HOP2   H  N N 106 
DG  "H5'"  H  N N 107 
DG  "H5''" H  N N 108 
DG  "H4'"  H  N N 109 
DG  "H3'"  H  N N 110 
DG  "HO3'" H  N N 111 
DG  "H2'"  H  N N 112 
DG  "H2''" H  N N 113 
DG  "H1'"  H  N N 114 
DG  H8     H  N N 115 
DG  H1     H  N N 116 
DG  H21    H  N N 117 
DG  H22    H  N N 118 
DT  OP3    O  N N 119 
DT  P      P  N N 120 
DT  OP1    O  N N 121 
DT  OP2    O  N N 122 
DT  "O5'"  O  N N 123 
DT  "C5'"  C  N N 124 
DT  "C4'"  C  N R 125 
DT  "O4'"  O  N N 126 
DT  "C3'"  C  N S 127 
DT  "O3'"  O  N N 128 
DT  "C2'"  C  N N 129 
DT  "C1'"  C  N R 130 
DT  N1     N  N N 131 
DT  C2     C  N N 132 
DT  O2     O  N N 133 
DT  N3     N  N N 134 
DT  C4     C  N N 135 
DT  O4     O  N N 136 
DT  C5     C  N N 137 
DT  C7     C  N N 138 
DT  C6     C  N N 139 
DT  HOP3   H  N N 140 
DT  HOP2   H  N N 141 
DT  "H5'"  H  N N 142 
DT  "H5''" H  N N 143 
DT  "H4'"  H  N N 144 
DT  "H3'"  H  N N 145 
DT  "HO3'" H  N N 146 
DT  "H2'"  H  N N 147 
DT  "H2''" H  N N 148 
DT  "H1'"  H  N N 149 
DT  H3     H  N N 150 
DT  H71    H  N N 151 
DT  H72    H  N N 152 
DT  H73    H  N N 153 
DT  H6     H  N N 154 
MG  MG     MG N N 155 
# 
loop_
_chem_comp_bond.comp_id 
_chem_comp_bond.atom_id_1 
_chem_comp_bond.atom_id_2 
_chem_comp_bond.value_order 
_chem_comp_bond.pdbx_aromatic_flag 
_chem_comp_bond.pdbx_stereo_config 
_chem_comp_bond.pdbx_ordinal 
CAC AS    O1     doub N N 1   
CAC AS    O2     sing N N 2   
CAC AS    C1     sing N N 3   
CAC AS    C2     sing N N 4   
CAC C1    H11    sing N N 5   
CAC C1    H12    sing N N 6   
CAC C1    H13    sing N N 7   
CAC C2    H21    sing N N 8   
CAC C2    H22    sing N N 9   
CAC C2    H23    sing N N 10  
DA  OP3   P      sing N N 11  
DA  OP3   HOP3   sing N N 12  
DA  P     OP1    doub N N 13  
DA  P     OP2    sing N N 14  
DA  P     "O5'"  sing N N 15  
DA  OP2   HOP2   sing N N 16  
DA  "O5'" "C5'"  sing N N 17  
DA  "C5'" "C4'"  sing N N 18  
DA  "C5'" "H5'"  sing N N 19  
DA  "C5'" "H5''" sing N N 20  
DA  "C4'" "O4'"  sing N N 21  
DA  "C4'" "C3'"  sing N N 22  
DA  "C4'" "H4'"  sing N N 23  
DA  "O4'" "C1'"  sing N N 24  
DA  "C3'" "O3'"  sing N N 25  
DA  "C3'" "C2'"  sing N N 26  
DA  "C3'" "H3'"  sing N N 27  
DA  "O3'" "HO3'" sing N N 28  
DA  "C2'" "C1'"  sing N N 29  
DA  "C2'" "H2'"  sing N N 30  
DA  "C2'" "H2''" sing N N 31  
DA  "C1'" N9     sing N N 32  
DA  "C1'" "H1'"  sing N N 33  
DA  N9    C8     sing Y N 34  
DA  N9    C4     sing Y N 35  
DA  C8    N7     doub Y N 36  
DA  C8    H8     sing N N 37  
DA  N7    C5     sing Y N 38  
DA  C5    C6     sing Y N 39  
DA  C5    C4     doub Y N 40  
DA  C6    N6     sing N N 41  
DA  C6    N1     doub Y N 42  
DA  N6    H61    sing N N 43  
DA  N6    H62    sing N N 44  
DA  N1    C2     sing Y N 45  
DA  C2    N3     doub Y N 46  
DA  C2    H2     sing N N 47  
DA  N3    C4     sing Y N 48  
DC  OP3   P      sing N N 49  
DC  OP3   HOP3   sing N N 50  
DC  P     OP1    doub N N 51  
DC  P     OP2    sing N N 52  
DC  P     "O5'"  sing N N 53  
DC  OP2   HOP2   sing N N 54  
DC  "O5'" "C5'"  sing N N 55  
DC  "C5'" "C4'"  sing N N 56  
DC  "C5'" "H5'"  sing N N 57  
DC  "C5'" "H5''" sing N N 58  
DC  "C4'" "O4'"  sing N N 59  
DC  "C4'" "C3'"  sing N N 60  
DC  "C4'" "H4'"  sing N N 61  
DC  "O4'" "C1'"  sing N N 62  
DC  "C3'" "O3'"  sing N N 63  
DC  "C3'" "C2'"  sing N N 64  
DC  "C3'" "H3'"  sing N N 65  
DC  "O3'" "HO3'" sing N N 66  
DC  "C2'" "C1'"  sing N N 67  
DC  "C2'" "H2'"  sing N N 68  
DC  "C2'" "H2''" sing N N 69  
DC  "C1'" N1     sing N N 70  
DC  "C1'" "H1'"  sing N N 71  
DC  N1    C2     sing N N 72  
DC  N1    C6     sing N N 73  
DC  C2    O2     doub N N 74  
DC  C2    N3     sing N N 75  
DC  N3    C4     doub N N 76  
DC  C4    N4     sing N N 77  
DC  C4    C5     sing N N 78  
DC  N4    H41    sing N N 79  
DC  N4    H42    sing N N 80  
DC  C5    C6     doub N N 81  
DC  C5    H5     sing N N 82  
DC  C6    H6     sing N N 83  
DG  OP3   P      sing N N 84  
DG  OP3   HOP3   sing N N 85  
DG  P     OP1    doub N N 86  
DG  P     OP2    sing N N 87  
DG  P     "O5'"  sing N N 88  
DG  OP2   HOP2   sing N N 89  
DG  "O5'" "C5'"  sing N N 90  
DG  "C5'" "C4'"  sing N N 91  
DG  "C5'" "H5'"  sing N N 92  
DG  "C5'" "H5''" sing N N 93  
DG  "C4'" "O4'"  sing N N 94  
DG  "C4'" "C3'"  sing N N 95  
DG  "C4'" "H4'"  sing N N 96  
DG  "O4'" "C1'"  sing N N 97  
DG  "C3'" "O3'"  sing N N 98  
DG  "C3'" "C2'"  sing N N 99  
DG  "C3'" "H3'"  sing N N 100 
DG  "O3'" "HO3'" sing N N 101 
DG  "C2'" "C1'"  sing N N 102 
DG  "C2'" "H2'"  sing N N 103 
DG  "C2'" "H2''" sing N N 104 
DG  "C1'" N9     sing N N 105 
DG  "C1'" "H1'"  sing N N 106 
DG  N9    C8     sing Y N 107 
DG  N9    C4     sing Y N 108 
DG  C8    N7     doub Y N 109 
DG  C8    H8     sing N N 110 
DG  N7    C5     sing Y N 111 
DG  C5    C6     sing N N 112 
DG  C5    C4     doub Y N 113 
DG  C6    O6     doub N N 114 
DG  C6    N1     sing N N 115 
DG  N1    C2     sing N N 116 
DG  N1    H1     sing N N 117 
DG  C2    N2     sing N N 118 
DG  C2    N3     doub N N 119 
DG  N2    H21    sing N N 120 
DG  N2    H22    sing N N 121 
DG  N3    C4     sing N N 122 
DT  OP3   P      sing N N 123 
DT  OP3   HOP3   sing N N 124 
DT  P     OP1    doub N N 125 
DT  P     OP2    sing N N 126 
DT  P     "O5'"  sing N N 127 
DT  OP2   HOP2   sing N N 128 
DT  "O5'" "C5'"  sing N N 129 
DT  "C5'" "C4'"  sing N N 130 
DT  "C5'" "H5'"  sing N N 131 
DT  "C5'" "H5''" sing N N 132 
DT  "C4'" "O4'"  sing N N 133 
DT  "C4'" "C3'"  sing N N 134 
DT  "C4'" "H4'"  sing N N 135 
DT  "O4'" "C1'"  sing N N 136 
DT  "C3'" "O3'"  sing N N 137 
DT  "C3'" "C2'"  sing N N 138 
DT  "C3'" "H3'"  sing N N 139 
DT  "O3'" "HO3'" sing N N 140 
DT  "C2'" "C1'"  sing N N 141 
DT  "C2'" "H2'"  sing N N 142 
DT  "C2'" "H2''" sing N N 143 
DT  "C1'" N1     sing N N 144 
DT  "C1'" "H1'"  sing N N 145 
DT  N1    C2     sing N N 146 
DT  N1    C6     sing N N 147 
DT  C2    O2     doub N N 148 
DT  C2    N3     sing N N 149 
DT  N3    C4     sing N N 150 
DT  N3    H3     sing N N 151 
DT  C4    O4     doub N N 152 
DT  C4    C5     sing N N 153 
DT  C5    C7     sing N N 154 
DT  C5    C6     doub N N 155 
DT  C7    H71    sing N N 156 
DT  C7    H72    sing N N 157 
DT  C7    H73    sing N N 158 
DT  C6    H6     sing N N 159 
# 
loop_
_ndb_struct_conf_na.entry_id 
_ndb_struct_conf_na.feature 
6WR9 'double helix'        
6WR9 'a-form double helix' 
6WR9 'b-form double helix' 
# 
loop_
_ndb_struct_na_base_pair.model_number 
_ndb_struct_na_base_pair.i_label_asym_id 
_ndb_struct_na_base_pair.i_label_comp_id 
_ndb_struct_na_base_pair.i_label_seq_id 
_ndb_struct_na_base_pair.i_symmetry 
_ndb_struct_na_base_pair.j_label_asym_id 
_ndb_struct_na_base_pair.j_label_comp_id 
_ndb_struct_na_base_pair.j_label_seq_id 
_ndb_struct_na_base_pair.j_symmetry 
_ndb_struct_na_base_pair.shear 
_ndb_struct_na_base_pair.stretch 
_ndb_struct_na_base_pair.stagger 
_ndb_struct_na_base_pair.buckle 
_ndb_struct_na_base_pair.propeller 
_ndb_struct_na_base_pair.opening 
_ndb_struct_na_base_pair.pair_number 
_ndb_struct_na_base_pair.pair_name 
_ndb_struct_na_base_pair.i_auth_asym_id 
_ndb_struct_na_base_pair.i_auth_seq_id 
_ndb_struct_na_base_pair.i_PDB_ins_code 
_ndb_struct_na_base_pair.j_auth_asym_id 
_ndb_struct_na_base_pair.j_auth_seq_id 
_ndb_struct_na_base_pair.j_PDB_ins_code 
_ndb_struct_na_base_pair.hbond_type_28 
_ndb_struct_na_base_pair.hbond_type_12 
1 A DG 3  1_555 D DC 7 1_555 -0.058 -0.114 0.157  0.559  -5.947  -2.286 1  A_DG3:DC16_D A 3  ? D 16 ? 19 1 
1 A DC 4  1_555 D DG 6 1_555 0.196  -0.060 0.031  -3.640 -6.208  -1.425 2  A_DC4:DG15_D A 4  ? D 15 ? 19 1 
1 A DA 5  1_555 D DT 5 1_555 0.180  -0.106 0.715  3.798  -6.288  0.624  3  A_DA5:DT14_D A 5  ? D 14 ? 20 1 
1 A DG 6  1_555 D DC 4 1_555 -0.142 -0.168 0.527  4.100  -8.144  0.490  4  A_DG6:DC13_D A 6  ? D 13 ? 19 1 
1 A DA 7  1_555 D DT 3 1_555 0.070  -0.065 0.228  -0.884 -7.041  -4.068 5  A_DA7:DT12_D A 7  ? D 12 ? 20 1 
1 A DC 8  1_555 D DG 2 1_555 0.123  -0.183 0.354  -0.679 -9.874  -0.434 6  A_DC8:DG11_D A 8  ? D 11 ? 19 1 
1 A DT 9  1_555 D DA 1 1_555 -0.371 -0.033 0.247  -8.196 -7.908  -0.052 7  A_DT9:DA10_D A 9  ? D 10 ? 20 1 
1 A DA 10 1_555 B DT 5 1_555 -0.524 0.364  0.234  -7.304 -2.613  10.309 8  A_DA10:DT5_B A 10 ? B 5  ? ?  1 
1 A DG 11 1_555 B DC 4 1_555 -0.140 -0.249 0.573  8.034  -2.561  0.378  9  A_DG11:DC4_B A 11 ? B 4  ? 19 1 
1 A DA 12 1_555 B DT 3 1_555 0.111  -0.225 0.343  0.076  -8.619  -2.386 10 A_DA12:DT3_B A 12 ? B 3  ? 20 1 
1 A DC 13 1_555 B DG 2 1_555 0.242  -0.228 0.557  2.515  -6.701  -3.145 11 A_DC13:DG2_B A 13 ? B 2  ? 19 1 
1 A DA 14 1_555 B DT 1 1_555 0.171  -0.123 0.764  7.882  -7.249  -5.502 12 A_DA14:DT1_B A 14 ? B 1  ? 20 1 
1 A DC 15 1_555 C DG 9 1_555 0.259  -0.095 0.234  1.301  -3.897  -0.317 13 A_DC15:DG9_C A 15 ? C 9  ? 19 1 
1 A DC 16 1_555 C DG 8 1_555 0.186  -0.216 0.811  3.472  -6.457  -0.453 14 A_DC16:DG8_C A 16 ? C 8  ? 19 1 
1 A DA 17 1_555 C DT 7 1_555 0.262  -0.078 0.622  0.087  -9.639  -2.806 15 A_DA17:DT7_C A 17 ? C 7  ? 20 1 
1 A DC 18 1_555 C DG 6 1_555 0.132  -0.074 0.289  -2.628 -7.032  -0.278 16 A_DC18:DG6_C A 18 ? C 6  ? 19 1 
1 A DT 19 1_555 C DA 5 1_555 -0.099 -0.060 0.005  0.082  -12.186 -1.048 17 A_DT19:DA5_C A 19 ? C 5  ? 20 1 
1 A DC 20 1_555 C DG 4 1_555 0.244  -0.047 -0.078 1.227  -6.466  3.004  18 A_DC20:DG4_C A 20 ? C 4  ? 19 1 
1 A DA 21 1_555 C DT 3 1_555 0.193  -0.092 -0.080 -2.621 -11.568 0.270  19 A_DA21:DT3_C A 21 ? C 3  ? 20 1 
# 
loop_
_ndb_struct_na_base_pair_step.model_number 
_ndb_struct_na_base_pair_step.i_label_asym_id_1 
_ndb_struct_na_base_pair_step.i_label_comp_id_1 
_ndb_struct_na_base_pair_step.i_label_seq_id_1 
_ndb_struct_na_base_pair_step.i_symmetry_1 
_ndb_struct_na_base_pair_step.j_label_asym_id_1 
_ndb_struct_na_base_pair_step.j_label_comp_id_1 
_ndb_struct_na_base_pair_step.j_label_seq_id_1 
_ndb_struct_na_base_pair_step.j_symmetry_1 
_ndb_struct_na_base_pair_step.i_label_asym_id_2 
_ndb_struct_na_base_pair_step.i_label_comp_id_2 
_ndb_struct_na_base_pair_step.i_label_seq_id_2 
_ndb_struct_na_base_pair_step.i_symmetry_2 
_ndb_struct_na_base_pair_step.j_label_asym_id_2 
_ndb_struct_na_base_pair_step.j_label_comp_id_2 
_ndb_struct_na_base_pair_step.j_label_seq_id_2 
_ndb_struct_na_base_pair_step.j_symmetry_2 
_ndb_struct_na_base_pair_step.shift 
_ndb_struct_na_base_pair_step.slide 
_ndb_struct_na_base_pair_step.rise 
_ndb_struct_na_base_pair_step.tilt 
_ndb_struct_na_base_pair_step.roll 
_ndb_struct_na_base_pair_step.twist 
_ndb_struct_na_base_pair_step.x_displacement 
_ndb_struct_na_base_pair_step.y_displacement 
_ndb_struct_na_base_pair_step.helical_rise 
_ndb_struct_na_base_pair_step.inclination 
_ndb_struct_na_base_pair_step.tip 
_ndb_struct_na_base_pair_step.helical_twist 
_ndb_struct_na_base_pair_step.step_number 
_ndb_struct_na_base_pair_step.step_name 
_ndb_struct_na_base_pair_step.i_auth_asym_id_1 
_ndb_struct_na_base_pair_step.i_auth_seq_id_1 
_ndb_struct_na_base_pair_step.i_PDB_ins_code_1 
_ndb_struct_na_base_pair_step.j_auth_asym_id_1 
_ndb_struct_na_base_pair_step.j_auth_seq_id_1 
_ndb_struct_na_base_pair_step.j_PDB_ins_code_1 
_ndb_struct_na_base_pair_step.i_auth_asym_id_2 
_ndb_struct_na_base_pair_step.i_auth_seq_id_2 
_ndb_struct_na_base_pair_step.i_PDB_ins_code_2 
_ndb_struct_na_base_pair_step.j_auth_asym_id_2 
_ndb_struct_na_base_pair_step.j_auth_seq_id_2 
_ndb_struct_na_base_pair_step.j_PDB_ins_code_2 
1 A DG 3  1_555 D DC 7 1_555 A DC 4  1_555 D DG 6 1_555 0.376  -0.264 3.231 2.829  -0.311 40.718 -0.345 -0.230 3.250 -0.447 -4.060 
40.813 1  AA_DG3DC4:DG15DC16_DD A 3  ? D 16 ? A 4  ? D 15 ? 
1 A DC 4  1_555 D DG 6 1_555 A DA 5  1_555 D DT 5 1_555 0.461  1.013  3.248 0.454  3.086  34.061 1.231  -0.712 3.330 5.254  -0.773 
34.200 2  AA_DC4DA5:DT14DG15_DD A 4  ? D 15 ? A 5  ? D 14 ? 
1 A DA 5  1_555 D DT 5 1_555 A DG 6  1_555 D DC 4 1_555 -0.247 -0.145 3.300 -2.890 0.232  32.446 -0.299 -0.069 3.308 0.415  5.160  
32.572 3  AA_DA5DG6:DC13DT14_DD A 5  ? D 14 ? A 6  ? D 13 ? 
1 A DG 6  1_555 D DC 4 1_555 A DA 7  1_555 D DT 3 1_555 -0.142 -1.010 3.331 0.212  2.317  37.273 -1.885 0.251  3.264 3.621  -0.331 
37.343 4  AA_DG6DA7:DT12DC13_DD A 6  ? D 13 ? A 7  ? D 12 ? 
1 A DA 7  1_555 D DT 3 1_555 A DC 8  1_555 D DG 2 1_555 0.585  -0.846 3.291 -4.661 2.907  32.958 -1.946 -1.777 3.098 5.080  8.145  
33.400 5  AA_DA7DC8:DG11DT12_DD A 7  ? D 12 ? A 8  ? D 11 ? 
1 A DC 8  1_555 D DG 2 1_555 A DT 9  1_555 D DA 1 1_555 -0.434 -1.519 3.647 -3.145 -4.136 28.820 -1.972 0.074  3.847 -8.226 6.255  
29.275 6  AA_DC8DT9:DA10DG11_DD A 8  ? D 11 ? A 9  ? D 10 ? 
1 A DT 9  1_555 D DA 1 1_555 A DA 10 1_555 B DT 5 1_555 -0.691 -1.204 2.995 -1.189 1.437  30.314 -2.561 1.102  2.961 2.745  2.272  
30.370 7  AA_DT9DA10:DT5DA10_BD A 9  ? D 10 ? A 10 ? B 5  ? 
1 A DA 10 1_555 B DT 5 1_555 A DG 11 1_555 B DC 4 1_555 -0.413 0.153  3.079 -3.370 4.563  29.738 -0.585 0.142  3.094 8.790  6.492  
30.262 8  AA_DA10DG11:DC4DT5_BB A 10 ? B 5  ? A 11 ? B 4  ? 
1 A DG 11 1_555 B DC 4 1_555 A DA 12 1_555 B DT 3 1_555 -0.183 -0.234 3.497 0.903  3.234  37.721 -0.802 0.405  3.461 4.989  -1.393 
37.865 9  AA_DG11DA12:DT3DC4_BB A 11 ? B 4  ? A 12 ? B 3  ? 
1 A DA 12 1_555 B DT 3 1_555 A DC 13 1_555 B DG 2 1_555 0.939  -1.084 3.181 -3.961 -3.126 39.165 -1.248 -1.844 3.149 -4.640 5.879  
39.476 10 AA_DA12DC13:DG2DT3_BB A 12 ? B 3  ? A 13 ? B 2  ? 
1 A DC 13 1_555 B DG 2 1_555 A DA 14 1_555 B DT 1 1_555 -0.785 -0.693 2.929 -5.001 -0.788 35.668 -1.018 0.620  3.022 -1.278 8.114  
36.014 11 AA_DC13DA14:DT1DG2_BB A 13 ? B 2  ? A 14 ? B 1  ? 
1 A DA 14 1_555 B DT 1 1_555 A DC 15 1_555 C DG 9 1_555 -0.917 -1.480 3.338 2.591  -0.461 29.393 -2.807 2.359  3.269 -0.907 -5.094 
29.508 12 AA_DA14DC15:DG9DT1_CB A 14 ? B 1  ? A 15 ? C 9  ? 
1 A DC 15 1_555 C DG 9 1_555 A DC 16 1_555 C DG 8 1_555 -0.087 -0.184 3.429 -1.793 4.518  26.570 -1.597 -0.292 3.350 9.727  3.860  
27.003 13 AA_DC15DC16:DG8DG9_CC A 15 ? C 9  ? A 16 ? C 8  ? 
1 A DC 16 1_555 C DG 8 1_555 A DA 17 1_555 C DT 7 1_555 0.098  1.650  3.531 0.240  -2.884 47.174 2.308  -0.102 3.431 -3.600 -0.300 
47.257 14 AA_DC16DA17:DT7DG8_CC A 16 ? C 8  ? A 17 ? C 7  ? 
1 A DA 17 1_555 C DT 7 1_555 A DC 18 1_555 C DG 6 1_555 -0.056 -0.787 3.356 -1.224 0.435  28.244 -1.715 -0.177 3.343 0.891  2.508  
28.273 15 AA_DA17DC18:DG6DT7_CC A 17 ? C 7  ? A 18 ? C 6  ? 
1 A DC 18 1_555 C DG 6 1_555 A DT 19 1_555 C DA 5 1_555 -0.179 -0.483 3.216 2.610  0.334  34.804 -0.855 0.685  3.190 0.558  -4.355 
34.900 16 AA_DC18DT19:DA5DG6_CC A 18 ? C 6  ? A 19 ? C 5  ? 
1 A DT 19 1_555 C DA 5 1_555 A DC 20 1_555 C DG 4 1_555 0.913  0.550  3.469 3.543  2.849  33.046 0.446  -0.955 3.578 4.979  -6.192 
33.349 17 AA_DT19DC20:DG4DA5_CC A 19 ? C 5  ? A 20 ? C 4  ? 
1 A DC 20 1_555 C DG 4 1_555 A DA 21 1_555 C DT 3 1_555 -0.483 1.879  3.534 -1.501 1.791  40.587 2.487  0.513  3.625 2.580  2.162  
40.652 18 AA_DC20DA21:DT3DG4_CC A 20 ? C 4  ? A 21 ? C 3  ? 
# 
loop_
_pdbx_audit_support.funding_organization 
_pdbx_audit_support.country 
_pdbx_audit_support.grant_number 
_pdbx_audit_support.ordinal 
'National Science Foundation (NSF, United States)'                                         'United States' 1360635     1 
'National Institutes of Health/National Institute of General Medical Sciences (NIH/NIGMS)' 'United States' R01GM104960 2 
'National Science Foundation (NSF, United States)'                                         'United States' NSF2004250  3 
# 
loop_
_pdbx_entity_nonpoly.entity_id 
_pdbx_entity_nonpoly.name 
_pdbx_entity_nonpoly.comp_id 
5 'MAGNESIUM ION'  MG  
6 'CACODYLATE ION' CAC 
# 
_pdbx_initial_refinement_model.id               1 
_pdbx_initial_refinement_model.entity_id_list   ? 
_pdbx_initial_refinement_model.type             'experimental model' 
_pdbx_initial_refinement_model.source_name      PDB 
_pdbx_initial_refinement_model.accession_code   5KEK 
_pdbx_initial_refinement_model.details          ? 
# 
_pdbx_struct_assembly_auth_evidence.id                     1 
_pdbx_struct_assembly_auth_evidence.assembly_id            1 
_pdbx_struct_assembly_auth_evidence.experimental_support   none 
_pdbx_struct_assembly_auth_evidence.details                ? 
# 
